data_4H6B
#
_entry.id   4H6B
#
_cell.length_a   67.420
_cell.length_b   67.513
_cell.length_c   161.879
_cell.angle_alpha   84.36
_cell.angle_beta   79.15
_cell.angle_gamma   62.13
#
_symmetry.space_group_name_H-M   'P 1'
#
loop_
_entity.id
_entity.type
_entity.pdbx_description
1 polymer 'Allene oxide cyclase'
2 non-polymer '(9Z)-11-{(2S,3S)-3-[(2Z)-pent-2-en-1-yl]oxiran-2-yl}undec-9-enoic acid'
3 non-polymer '(9Z)-11-{(2R,3S)-3-[(2Z)-pent-2-en-1-yl]oxiran-2-yl}undec-9-enoic acid'
4 non-polymer 'PHOSPHATE ION'
5 non-polymer HEXANE-1,6-DIOL
6 water water
#
_entity_poly.entity_id   1
_entity_poly.type   'polypeptide(L)'
_entity_poly.pdbx_seq_one_letter_code
;GGPLGSMAARGASPGHVQELFVYEINERDRGSPVFLPFGGKKQPGTDAHVNSLGDLVPFSNKIYDGSLKTRLGITAGLCT
LISHSDQKNGDRYEALYSFYFGDYGHISVQGPYITYEDSYLAITGGSGIFAGCYGQAKLHQIIFPFKLFYTFYLQGIKKL
PEALCAPCVPPSPSVAPADEAKQCLPNHVAPNFTK
;
_entity_poly.pdbx_strand_id   A,D,C,B,E,F,G,H,I,J,K,L
#
loop_
_chem_comp.id
_chem_comp.type
_chem_comp.name
_chem_comp.formula
10X non-polymer '(9Z)-11-{(2S,3S)-3-[(2Z)-pent-2-en-1-yl]oxiran-2-yl}undec-9-enoic acid' 'C18 H30 O3'
10Y non-polymer '(9Z)-11-{(2R,3S)-3-[(2Z)-pent-2-en-1-yl]oxiran-2-yl}undec-9-enoic acid' 'C18 H30 O3'
HEZ non-polymer HEXANE-1,6-DIOL 'C6 H14 O2'
PO4 non-polymer 'PHOSPHATE ION' 'O4 P -3'
#
# COMPACT_ATOMS: atom_id res chain seq x y z
N HIS A 16 -14.66 12.52 45.29
CA HIS A 16 -13.28 12.91 45.65
C HIS A 16 -12.38 12.95 44.45
N VAL A 17 -12.00 14.16 44.04
CA VAL A 17 -11.12 14.33 42.89
C VAL A 17 -9.67 14.47 43.36
N GLN A 18 -8.78 13.70 42.73
CA GLN A 18 -7.35 13.88 42.91
C GLN A 18 -6.75 14.46 41.63
N GLU A 19 -5.96 15.51 41.80
CA GLU A 19 -5.30 16.11 40.65
C GLU A 19 -3.93 15.48 40.40
N LEU A 20 -3.67 15.14 39.15
CA LEU A 20 -2.38 14.61 38.73
C LEU A 20 -1.89 15.45 37.56
N PHE A 21 -0.70 16.03 37.72
CA PHE A 21 -0.09 16.89 36.70
C PHE A 21 0.94 16.11 35.91
N VAL A 22 0.89 16.24 34.58
CA VAL A 22 1.82 15.51 33.72
C VAL A 22 2.32 16.42 32.59
N TYR A 23 3.62 16.40 32.34
CA TYR A 23 4.19 17.07 31.16
C TYR A 23 4.41 16.07 30.03
N GLU A 24 3.93 16.42 28.84
CA GLU A 24 4.17 15.64 27.63
C GLU A 24 5.11 16.40 26.72
N ILE A 25 6.22 15.77 26.36
CA ILE A 25 7.23 16.44 25.53
C ILE A 25 7.64 15.57 24.35
N ASN A 26 7.58 16.17 23.16
CA ASN A 26 8.10 15.54 21.96
C ASN A 26 9.57 15.89 21.85
N GLU A 27 10.44 14.95 22.21
CA GLU A 27 11.88 15.21 22.17
C GLU A 27 12.52 14.89 20.80
N ARG A 28 11.68 14.62 19.80
CA ARG A 28 12.12 14.50 18.41
C ARG A 28 13.02 13.29 18.20
N ASP A 29 12.83 12.27 19.03
N ASP A 29 12.85 12.25 19.01
CA ASP A 29 13.71 11.10 19.09
CA ASP A 29 13.77 11.12 18.98
C ASP A 29 12.97 9.83 18.69
C ASP A 29 13.08 9.78 18.71
N ARG A 30 11.66 9.95 18.45
N ARG A 30 11.82 9.81 18.28
CA ARG A 30 10.77 8.81 18.29
CA ARG A 30 11.06 8.59 18.06
C ARG A 30 10.16 8.71 16.86
C ARG A 30 10.21 8.66 16.81
N GLY A 31 10.57 9.59 15.93
CA GLY A 31 9.93 9.70 14.61
C GLY A 31 8.44 10.06 14.69
N SER A 32 8.07 10.80 15.73
CA SER A 32 6.68 11.16 15.99
C SER A 32 6.50 12.67 15.83
N PRO A 33 5.32 13.13 15.36
CA PRO A 33 4.17 12.33 14.92
C PRO A 33 4.35 11.85 13.48
N VAL A 34 3.52 10.90 13.06
CA VAL A 34 3.47 10.47 11.68
C VAL A 34 2.20 11.07 11.05
N PHE A 35 2.38 12.04 10.17
CA PHE A 35 1.22 12.71 9.58
C PHE A 35 0.80 12.00 8.30
N LEU A 36 -0.39 11.41 8.31
CA LEU A 36 -0.90 10.68 7.16
C LEU A 36 -1.99 11.52 6.46
N PRO A 37 -1.69 12.04 5.25
CA PRO A 37 -2.54 13.09 4.67
C PRO A 37 -3.77 12.54 3.94
N PHE A 38 -4.50 11.66 4.61
CA PHE A 38 -5.57 10.91 3.97
C PHE A 38 -6.83 11.74 3.67
N GLY A 39 -6.92 12.94 4.24
CA GLY A 39 -7.99 13.85 3.89
C GLY A 39 -7.89 14.31 2.44
N GLY A 40 -6.67 14.26 1.89
CA GLY A 40 -6.42 14.48 0.46
C GLY A 40 -6.55 15.90 -0.06
N LYS A 41 -6.63 16.88 0.83
CA LYS A 41 -6.88 18.26 0.40
C LYS A 41 -5.60 19.04 0.17
N LYS A 42 -5.65 19.91 -0.85
CA LYS A 42 -4.54 20.80 -1.18
C LYS A 42 -5.03 22.24 -1.28
N GLN A 43 -4.11 23.19 -1.17
CA GLN A 43 -4.43 24.60 -1.20
C GLN A 43 -4.54 25.07 -2.66
N PRO A 44 -5.73 25.54 -3.08
CA PRO A 44 -5.82 26.04 -4.47
C PRO A 44 -4.86 27.19 -4.70
N GLY A 45 -4.01 27.01 -5.70
CA GLY A 45 -3.09 28.05 -6.11
C GLY A 45 -1.68 27.78 -5.65
N THR A 46 -1.48 26.81 -4.74
CA THR A 46 -0.13 26.45 -4.27
C THR A 46 0.10 24.94 -4.19
N ASP A 47 -1.00 24.19 -4.02
CA ASP A 47 -0.95 22.73 -3.82
C ASP A 47 -0.27 22.28 -2.51
N ALA A 48 -0.03 23.20 -1.57
CA ALA A 48 0.39 22.82 -0.21
C ALA A 48 -0.70 21.95 0.42
N HIS A 49 -0.33 21.06 1.34
CA HIS A 49 -1.34 20.30 2.02
C HIS A 49 -2.28 21.20 2.77
N VAL A 50 -3.57 20.91 2.71
CA VAL A 50 -4.54 21.57 3.58
C VAL A 50 -5.04 20.52 4.57
N ASN A 51 -4.87 20.80 5.87
CA ASN A 51 -5.41 19.91 6.90
C ASN A 51 -6.91 19.79 6.76
N SER A 52 -7.42 18.57 6.77
CA SER A 52 -8.84 18.35 6.55
C SER A 52 -9.30 17.06 7.19
N LEU A 53 -10.62 16.95 7.36
CA LEU A 53 -11.22 15.73 7.88
C LEU A 53 -10.60 14.49 7.27
N GLY A 54 -10.13 13.59 8.14
CA GLY A 54 -9.58 12.33 7.66
C GLY A 54 -8.07 12.21 7.55
N ASP A 55 -7.33 13.31 7.64
CA ASP A 55 -5.91 13.17 7.91
C ASP A 55 -5.79 12.43 9.25
N LEU A 56 -4.83 11.50 9.36
CA LEU A 56 -4.66 10.67 10.55
C LEU A 56 -3.25 10.88 11.10
N VAL A 57 -3.13 10.88 12.41
CA VAL A 57 -1.85 11.18 13.04
C VAL A 57 -1.55 10.24 14.22
N PRO A 58 -0.94 9.08 13.93
CA PRO A 58 -0.34 8.27 15.00
C PRO A 58 0.78 9.03 15.70
N PHE A 59 0.91 8.87 17.02
CA PHE A 59 1.95 9.61 17.73
C PHE A 59 2.33 8.92 19.02
N SER A 60 3.49 9.28 19.55
CA SER A 60 3.95 8.82 20.85
C SER A 60 5.05 9.76 21.34
N ASN A 61 4.81 10.39 22.49
CA ASN A 61 5.78 11.33 23.12
C ASN A 61 6.21 10.83 24.48
N LYS A 62 7.16 11.51 25.10
CA LYS A 62 7.58 11.17 26.46
C LYS A 62 6.73 11.92 27.46
N ILE A 63 6.54 11.32 28.63
CA ILE A 63 5.91 12.05 29.72
C ILE A 63 6.77 12.07 30.98
N TYR A 64 6.67 13.19 31.69
CA TYR A 64 7.40 13.46 32.91
C TYR A 64 6.41 13.89 33.98
N ASP A 65 6.79 13.77 35.24
CA ASP A 65 5.93 14.20 36.33
C ASP A 65 5.83 15.74 36.39
N GLY A 66 4.93 16.23 37.24
CA GLY A 66 4.71 17.66 37.37
C GLY A 66 5.92 18.47 37.80
N SER A 67 6.82 17.87 38.58
CA SER A 67 8.03 18.59 39.03
C SER A 67 9.13 18.58 37.97
N LEU A 68 8.88 17.84 36.89
CA LEU A 68 9.85 17.64 35.80
C LEU A 68 11.15 16.96 36.22
N LYS A 69 11.13 16.28 37.37
CA LYS A 69 12.32 15.59 37.86
C LYS A 69 12.33 14.09 37.56
N THR A 70 11.21 13.58 37.07
CA THR A 70 11.08 12.15 36.87
C THR A 70 10.48 11.82 35.50
N ARG A 71 11.19 10.99 34.74
CA ARG A 71 10.63 10.41 33.52
C ARG A 71 9.65 9.32 33.93
N LEU A 72 8.39 9.43 33.48
CA LEU A 72 7.34 8.48 33.87
C LEU A 72 7.11 7.42 32.79
N GLY A 73 7.18 7.80 31.52
CA GLY A 73 6.87 6.86 30.45
C GLY A 73 6.57 7.60 29.16
N ILE A 74 5.48 7.21 28.51
CA ILE A 74 5.12 7.72 27.19
C ILE A 74 3.63 7.97 27.05
N THR A 75 3.26 8.78 26.05
CA THR A 75 1.91 8.73 25.48
C THR A 75 1.96 7.87 24.22
N ALA A 76 0.81 7.34 23.82
CA ALA A 76 0.75 6.55 22.59
C ALA A 76 -0.68 6.58 22.11
N GLY A 77 -0.89 6.87 20.82
CA GLY A 77 -2.23 6.82 20.29
C GLY A 77 -2.36 7.39 18.90
N LEU A 78 -3.57 7.87 18.60
CA LEU A 78 -3.99 8.20 17.26
C LEU A 78 -4.93 9.39 17.30
N CYS A 79 -4.64 10.40 16.51
CA CYS A 79 -5.53 11.54 16.31
C CYS A 79 -6.15 11.48 14.92
N THR A 80 -7.44 11.80 14.86
CA THR A 80 -8.14 11.96 13.59
C THR A 80 -8.40 13.44 13.38
N LEU A 81 -7.89 14.02 12.28
CA LEU A 81 -8.14 15.43 12.04
C LEU A 81 -9.60 15.60 11.62
N ILE A 82 -10.28 16.58 12.23
CA ILE A 82 -11.71 16.81 12.01
C ILE A 82 -11.95 18.05 11.16
N SER A 83 -11.33 19.17 11.53
CA SER A 83 -11.50 20.39 10.75
C SER A 83 -10.35 21.33 10.95
N HIS A 84 -10.16 22.20 9.97
CA HIS A 84 -9.18 23.26 10.06
C HIS A 84 -9.87 24.58 10.06
N SER A 85 -9.43 25.45 10.96
CA SER A 85 -9.93 26.82 10.98
C SER A 85 -8.87 27.81 10.52
N ASP A 86 -9.13 28.47 9.40
CA ASP A 86 -8.25 29.54 8.93
C ASP A 86 -8.29 30.73 9.90
N GLN A 87 -9.48 31.00 10.44
CA GLN A 87 -9.69 32.10 11.38
C GLN A 87 -8.89 31.93 12.67
N LYS A 88 -8.88 30.71 13.21
CA LYS A 88 -8.22 30.48 14.49
C LYS A 88 -6.80 29.95 14.31
N ASN A 89 -6.43 29.74 13.02
CA ASN A 89 -5.11 29.26 12.62
C ASN A 89 -4.73 27.94 13.31
N GLY A 90 -5.62 26.96 13.20
CA GLY A 90 -5.39 25.70 13.85
C GLY A 90 -6.44 24.68 13.49
N ASP A 91 -6.38 23.54 14.18
CA ASP A 91 -7.18 22.38 13.82
C ASP A 91 -7.87 21.77 15.02
N ARG A 92 -9.04 21.17 14.77
CA ARG A 92 -9.68 20.25 15.72
C ARG A 92 -9.30 18.82 15.34
N TYR A 93 -8.82 18.06 16.33
CA TYR A 93 -8.63 16.63 16.20
C TYR A 93 -9.53 15.91 17.20
N GLU A 94 -9.86 14.66 16.86
CA GLU A 94 -10.47 13.72 17.81
C GLU A 94 -9.39 12.72 18.18
N ALA A 95 -9.09 12.63 19.47
CA ALA A 95 -7.90 11.92 19.95
C ALA A 95 -8.26 10.71 20.78
N LEU A 96 -7.50 9.64 20.59
CA LEU A 96 -7.61 8.41 21.36
C LEU A 96 -6.19 8.04 21.74
N TYR A 97 -5.87 8.10 23.02
CA TYR A 97 -4.52 7.78 23.42
C TYR A 97 -4.43 7.40 24.89
N SER A 98 -3.29 6.85 25.25
CA SER A 98 -3.02 6.48 26.63
C SER A 98 -1.72 7.07 27.13
N PHE A 99 -1.64 7.17 28.45
CA PHE A 99 -0.46 7.64 29.18
C PHE A 99 0.07 6.45 29.95
N TYR A 100 1.34 6.13 29.78
CA TYR A 100 1.98 4.97 30.41
C TYR A 100 2.97 5.42 31.47
N PHE A 101 2.83 4.88 32.67
CA PHE A 101 3.59 5.31 33.85
C PHE A 101 4.43 4.17 34.41
N GLY A 102 5.02 3.37 33.53
CA GLY A 102 5.76 2.18 33.98
C GLY A 102 4.89 1.29 34.88
N ASP A 103 5.44 0.89 36.03
CA ASP A 103 4.75 -0.03 36.93
C ASP A 103 3.48 0.50 37.59
N TYR A 104 3.31 1.83 37.61
CA TYR A 104 2.09 2.41 38.18
C TYR A 104 0.86 2.04 37.38
N GLY A 105 1.05 1.82 36.07
CA GLY A 105 -0.06 1.46 35.19
C GLY A 105 -0.25 2.49 34.10
N HIS A 106 -1.48 2.60 33.60
CA HIS A 106 -1.79 3.53 32.52
C HIS A 106 -3.10 4.22 32.71
N ILE A 107 -3.27 5.37 32.04
CA ILE A 107 -4.56 6.06 31.95
C ILE A 107 -4.91 6.20 30.49
N SER A 108 -6.16 5.91 30.14
CA SER A 108 -6.63 6.12 28.77
C SER A 108 -7.57 7.31 28.67
N VAL A 109 -7.52 8.00 27.53
CA VAL A 109 -8.32 9.20 27.32
C VAL A 109 -8.95 9.20 25.91
N GLN A 110 -10.01 9.99 25.77
N GLN A 110 -10.07 9.90 25.77
CA GLN A 110 -10.73 10.13 24.50
CA GLN A 110 -10.77 10.02 24.49
C GLN A 110 -11.39 11.48 24.47
C GLN A 110 -11.37 11.44 24.48
N GLY A 111 -11.25 12.16 23.34
CA GLY A 111 -11.87 13.47 23.22
C GLY A 111 -11.07 14.45 22.38
N PRO A 112 -11.31 15.75 22.57
CA PRO A 112 -10.79 16.73 21.62
C PRO A 112 -9.38 17.21 21.92
N TYR A 113 -8.61 17.36 20.86
CA TYR A 113 -7.34 18.09 20.89
C TYR A 113 -7.48 19.20 19.88
N ILE A 114 -7.46 20.45 20.37
CA ILE A 114 -7.63 21.63 19.55
C ILE A 114 -6.31 22.38 19.58
N THR A 115 -5.70 22.62 18.41
CA THR A 115 -4.31 23.06 18.39
C THR A 115 -4.15 24.49 18.93
N TYR A 116 -5.26 25.23 19.04
CA TYR A 116 -5.21 26.65 19.39
C TYR A 116 -5.80 27.01 20.77
N GLU A 117 -6.32 26.02 21.51
CA GLU A 117 -6.89 26.28 22.82
C GLU A 117 -6.96 25.04 23.70
N ASP A 118 -7.09 25.24 25.01
CA ASP A 118 -7.23 24.14 25.95
C ASP A 118 -8.51 23.35 25.69
N SER A 119 -8.51 22.09 26.09
CA SER A 119 -9.72 21.27 25.98
C SER A 119 -9.77 20.30 27.13
N TYR A 120 -10.91 19.63 27.27
CA TYR A 120 -11.08 18.60 28.28
C TYR A 120 -11.36 17.24 27.67
N LEU A 121 -10.50 16.28 28.00
N LEU A 121 -10.53 16.27 28.03
CA LEU A 121 -10.64 14.89 27.55
CA LEU A 121 -10.67 14.90 27.54
C LEU A 121 -11.47 14.10 28.55
C LEU A 121 -11.37 14.02 28.57
N ALA A 122 -12.12 13.04 28.09
CA ALA A 122 -12.70 12.03 28.97
C ALA A 122 -11.59 11.10 29.43
N ILE A 123 -11.54 10.80 30.71
CA ILE A 123 -10.71 9.73 31.23
C ILE A 123 -11.54 8.44 31.12
N THR A 124 -11.13 7.54 30.24
CA THR A 124 -11.97 6.38 29.94
C THR A 124 -11.66 5.17 30.80
N GLY A 125 -10.58 5.25 31.58
CA GLY A 125 -10.22 4.19 32.48
C GLY A 125 -8.72 4.06 32.57
N GLY A 126 -8.27 3.00 33.25
CA GLY A 126 -6.85 2.81 33.47
C GLY A 126 -6.51 1.41 33.96
N SER A 127 -5.26 1.26 34.40
CA SER A 127 -4.77 -0.01 34.93
C SER A 127 -3.83 0.27 36.07
N GLY A 128 -3.52 -0.77 36.84
CA GLY A 128 -2.61 -0.61 37.97
C GLY A 128 -3.22 0.27 39.03
N ILE A 129 -2.49 1.28 39.49
CA ILE A 129 -3.02 2.22 40.47
C ILE A 129 -4.18 3.06 39.91
N PHE A 130 -4.33 3.06 38.59
CA PHE A 130 -5.39 3.81 37.94
C PHE A 130 -6.58 2.92 37.55
N ALA A 131 -6.54 1.64 37.92
CA ALA A 131 -7.65 0.76 37.58
C ALA A 131 -8.97 1.30 38.13
N GLY A 132 -9.98 1.43 37.29
CA GLY A 132 -11.29 1.95 37.70
C GLY A 132 -11.39 3.48 37.72
N CYS A 133 -10.36 4.18 37.24
CA CYS A 133 -10.42 5.63 37.27
C CYS A 133 -11.45 6.18 36.28
N TYR A 134 -11.92 7.40 36.58
CA TYR A 134 -12.82 8.11 35.69
C TYR A 134 -12.68 9.60 35.96
N GLY A 135 -13.33 10.41 35.11
CA GLY A 135 -13.26 11.85 35.23
C GLY A 135 -12.89 12.51 33.91
N GLN A 136 -12.27 13.68 34.02
CA GLN A 136 -11.88 14.43 32.85
C GLN A 136 -10.47 14.97 33.06
N ALA A 137 -9.78 15.28 31.96
CA ALA A 137 -8.42 15.76 32.01
C ALA A 137 -8.30 17.02 31.17
N LYS A 138 -7.71 18.07 31.73
CA LYS A 138 -7.45 19.29 30.99
C LYS A 138 -6.16 19.17 30.19
N LEU A 139 -6.25 19.46 28.90
CA LEU A 139 -5.11 19.49 27.98
C LEU A 139 -4.77 20.95 27.76
N HIS A 140 -3.54 21.32 28.15
CA HIS A 140 -3.03 22.67 27.91
C HIS A 140 -1.80 22.62 27.08
N GLN A 141 -1.85 23.22 25.90
CA GLN A 141 -0.68 23.24 25.05
C GLN A 141 0.25 24.38 25.46
N ILE A 142 1.52 24.06 25.65
CA ILE A 142 2.52 25.08 25.99
C ILE A 142 3.23 25.57 24.73
N ILE A 143 3.70 24.62 23.91
CA ILE A 143 4.30 24.90 22.60
C ILE A 143 3.68 23.96 21.58
N PHE A 144 3.13 24.50 20.50
CA PHE A 144 2.56 23.68 19.43
C PHE A 144 3.60 22.95 18.56
N PRO A 145 3.52 21.61 18.45
CA PRO A 145 2.77 20.64 19.24
C PRO A 145 3.73 19.87 20.13
N PHE A 146 4.87 20.47 20.45
CA PHE A 146 5.96 19.74 21.10
C PHE A 146 5.94 19.67 22.62
N LYS A 147 5.17 20.54 23.28
CA LYS A 147 5.11 20.53 24.75
C LYS A 147 3.70 20.77 25.23
N LEU A 148 3.17 19.86 26.05
CA LEU A 148 1.82 19.98 26.60
C LEU A 148 1.83 19.68 28.10
N PHE A 149 0.81 20.16 28.78
CA PHE A 149 0.69 20.02 30.23
C PHE A 149 -0.72 19.57 30.54
N TYR A 150 -0.83 18.45 31.27
CA TYR A 150 -2.13 17.89 31.59
C TYR A 150 -2.46 17.98 33.06
N THR A 151 -3.74 18.22 33.35
CA THR A 151 -4.25 18.08 34.70
C THR A 151 -5.33 17.00 34.65
N PHE A 152 -5.03 15.85 35.22
CA PHE A 152 -6.02 14.77 35.32
C PHE A 152 -6.82 14.98 36.59
N TYR A 153 -8.15 15.07 36.47
CA TYR A 153 -9.04 15.20 37.63
C TYR A 153 -9.56 13.81 37.90
N LEU A 154 -8.75 13.02 38.59
CA LEU A 154 -9.00 11.59 38.76
C LEU A 154 -9.98 11.26 39.89
N GLN A 155 -10.97 10.43 39.55
CA GLN A 155 -11.95 9.93 40.51
C GLN A 155 -11.90 8.41 40.52
N GLY A 156 -12.33 7.82 41.63
CA GLY A 156 -12.51 6.37 41.70
C GLY A 156 -11.32 5.54 42.13
N ILE A 157 -10.21 6.18 42.50
CA ILE A 157 -8.98 5.42 42.82
C ILE A 157 -8.40 5.78 44.19
N LYS A 158 -7.50 4.91 44.67
CA LYS A 158 -6.87 5.11 45.97
C LYS A 158 -5.92 6.30 45.94
N LYS A 159 -5.57 6.83 47.11
CA LYS A 159 -4.66 7.97 47.18
C LYS A 159 -3.42 7.74 46.33
N LEU A 160 -3.12 8.71 45.46
CA LEU A 160 -1.97 8.61 44.58
C LEU A 160 -0.67 8.56 45.37
N PRO A 161 0.34 7.83 44.86
CA PRO A 161 1.64 7.85 45.52
C PRO A 161 2.23 9.26 45.51
N GLU A 162 2.85 9.65 46.64
CA GLU A 162 3.49 10.97 46.77
C GLU A 162 4.47 11.28 45.63
N ALA A 163 5.13 10.25 45.12
CA ALA A 163 6.07 10.38 44.01
C ALA A 163 5.45 10.98 42.75
N LEU A 164 4.15 10.77 42.58
CA LEU A 164 3.41 11.38 41.47
C LEU A 164 2.79 12.73 41.82
N CYS A 165 3.01 13.19 43.04
CA CYS A 165 2.40 14.42 43.55
C CYS A 165 3.41 15.43 44.09
N ALA A 166 4.62 15.43 43.53
CA ALA A 166 5.65 16.41 43.90
C ALA A 166 5.17 17.82 43.51
N PRO A 167 5.72 18.87 44.17
CA PRO A 167 5.29 20.22 43.80
C PRO A 167 5.51 20.46 42.31
N CYS A 168 4.51 21.04 41.65
CA CYS A 168 4.49 21.17 40.20
C CYS A 168 5.27 22.39 39.71
N VAL A 169 6.08 22.21 38.67
CA VAL A 169 6.71 23.33 37.99
C VAL A 169 5.60 24.07 37.23
N PRO A 170 5.51 25.41 37.39
CA PRO A 170 4.48 26.13 36.66
C PRO A 170 4.72 26.06 35.15
N PRO A 171 3.67 25.75 34.36
CA PRO A 171 3.90 25.61 32.92
C PRO A 171 4.23 26.93 32.23
N SER A 172 5.26 26.90 31.39
CA SER A 172 5.64 28.04 30.56
C SER A 172 6.48 27.51 29.39
N PRO A 173 6.66 28.33 28.32
CA PRO A 173 7.37 27.82 27.14
C PRO A 173 8.78 27.28 27.38
N SER A 174 9.46 27.77 28.42
CA SER A 174 10.87 27.39 28.59
C SER A 174 11.08 26.18 29.51
N VAL A 175 10.01 25.65 30.10
CA VAL A 175 10.20 24.53 31.04
C VAL A 175 10.82 23.32 30.36
N ALA A 176 11.62 22.58 31.10
CA ALA A 176 12.32 21.43 30.54
C ALA A 176 12.51 20.39 31.63
N PRO A 177 12.53 19.09 31.24
CA PRO A 177 12.85 18.07 32.22
C PRO A 177 14.26 18.25 32.77
N ALA A 178 14.44 17.86 34.03
CA ALA A 178 15.77 17.82 34.63
C ALA A 178 16.70 16.94 33.79
N ASP A 179 17.99 17.28 33.73
CA ASP A 179 18.95 16.53 32.92
C ASP A 179 18.87 15.02 33.26
N GLU A 180 18.81 14.72 34.56
CA GLU A 180 18.88 13.33 34.99
C GLU A 180 17.63 12.57 34.61
N ALA A 181 16.50 13.27 34.53
CA ALA A 181 15.25 12.68 34.02
C ALA A 181 15.31 12.50 32.50
N LYS A 182 15.80 13.52 31.80
CA LYS A 182 15.97 13.39 30.37
C LYS A 182 16.91 12.23 30.02
N GLN A 183 17.94 12.02 30.83
CA GLN A 183 18.90 10.93 30.62
C GLN A 183 18.45 9.58 31.19
N CYS A 184 17.26 9.52 31.77
CA CYS A 184 16.71 8.27 32.30
C CYS A 184 17.63 7.59 33.32
N LEU A 185 18.27 8.39 34.18
CA LEU A 185 19.15 7.85 35.21
C LEU A 185 18.34 7.15 36.29
N PRO A 186 18.89 6.05 36.88
CA PRO A 186 18.11 5.13 37.71
C PRO A 186 17.27 5.72 38.85
N ASN A 187 17.66 6.85 39.43
CA ASN A 187 16.85 7.45 40.49
C ASN A 187 15.97 8.62 40.01
N HIS A 188 15.79 8.71 38.70
CA HIS A 188 15.01 9.79 38.10
C HIS A 188 13.99 9.28 37.12
N VAL A 189 13.56 8.04 37.33
CA VAL A 189 12.59 7.38 36.46
C VAL A 189 11.55 6.66 37.31
N ALA A 190 10.32 6.62 36.83
CA ALA A 190 9.30 5.78 37.44
C ALA A 190 9.79 4.34 37.45
N PRO A 191 9.26 3.52 38.39
CA PRO A 191 9.67 2.12 38.43
C PRO A 191 9.30 1.44 37.11
N ASN A 192 10.32 0.86 36.45
CA ASN A 192 10.20 0.26 35.12
C ASN A 192 9.49 1.19 34.13
N PHE A 193 9.93 2.45 34.11
CA PHE A 193 9.30 3.47 33.27
C PHE A 193 9.10 2.99 31.85
N THR A 194 8.01 3.41 31.23
CA THR A 194 7.68 2.95 29.90
C THR A 194 8.59 3.60 28.84
N LYS A 195 9.31 2.77 28.09
CA LYS A 195 10.21 3.24 27.04
C LYS A 195 9.54 3.35 25.68
N HIS B 16 -17.57 -4.68 43.99
CA HIS B 16 -16.48 -5.69 43.96
C HIS B 16 -16.17 -6.13 42.54
N VAL B 17 -15.18 -7.01 42.39
CA VAL B 17 -14.72 -7.45 41.08
C VAL B 17 -15.30 -8.84 40.74
N GLN B 18 -15.79 -8.97 39.51
CA GLN B 18 -16.15 -10.27 38.93
C GLN B 18 -15.21 -10.58 37.78
N GLU B 19 -14.55 -11.73 37.84
CA GLU B 19 -13.67 -12.15 36.75
C GLU B 19 -14.43 -12.87 35.65
N LEU B 20 -14.21 -12.43 34.42
CA LEU B 20 -14.75 -13.07 33.24
C LEU B 20 -13.59 -13.49 32.35
N PHE B 21 -13.51 -14.78 32.00
CA PHE B 21 -12.44 -15.29 31.16
C PHE B 21 -12.92 -15.46 29.73
N VAL B 22 -12.11 -15.02 28.77
CA VAL B 22 -12.48 -15.09 27.35
C VAL B 22 -11.29 -15.54 26.50
N TYR B 23 -11.51 -16.51 25.62
CA TYR B 23 -10.53 -16.89 24.61
C TYR B 23 -10.82 -16.17 23.32
N GLU B 24 -9.77 -15.61 22.71
CA GLU B 24 -9.88 -14.98 21.40
C GLU B 24 -9.01 -15.76 20.43
N ILE B 25 -9.57 -16.15 19.29
N ILE B 25 -9.60 -16.16 19.30
CA ILE B 25 -8.82 -16.96 18.36
CA ILE B 25 -8.94 -17.04 18.33
C ILE B 25 -9.03 -16.42 16.95
C ILE B 25 -9.06 -16.48 16.91
N ASN B 26 -7.94 -16.33 16.21
CA ASN B 26 -8.01 -16.06 14.78
C ASN B 26 -8.07 -17.40 14.05
N GLU B 27 -9.27 -17.75 13.58
CA GLU B 27 -9.49 -19.04 12.91
C GLU B 27 -9.26 -18.93 11.40
N ARG B 28 -8.66 -17.82 10.97
CA ARG B 28 -8.17 -17.66 9.60
C ARG B 28 -9.30 -17.63 8.57
N ASP B 29 -10.48 -17.22 9.02
CA ASP B 29 -11.68 -17.26 8.19
C ASP B 29 -12.46 -15.95 8.13
N ARG B 30 -11.85 -14.88 8.62
CA ARG B 30 -12.48 -13.55 8.64
C ARG B 30 -11.67 -12.51 7.87
N GLY B 31 -10.67 -12.95 7.09
CA GLY B 31 -9.82 -12.02 6.32
C GLY B 31 -9.04 -11.08 7.23
N SER B 32 -8.78 -11.52 8.46
N SER B 32 -8.75 -11.54 8.44
CA SER B 32 -8.16 -10.71 9.51
CA SER B 32 -8.15 -10.70 9.48
C SER B 32 -6.76 -11.21 9.84
C SER B 32 -6.76 -11.20 9.85
N PRO B 33 -5.84 -10.30 10.23
CA PRO B 33 -5.99 -8.84 10.29
C PRO B 33 -5.59 -8.20 8.96
N VAL B 34 -5.73 -6.88 8.87
CA VAL B 34 -5.30 -6.16 7.69
C VAL B 34 -4.16 -5.26 8.13
N PHE B 35 -2.95 -5.57 7.68
CA PHE B 35 -1.78 -4.80 8.10
C PHE B 35 -1.52 -3.69 7.09
N LEU B 36 -1.67 -2.44 7.53
CA LEU B 36 -1.47 -1.26 6.68
C LEU B 36 -0.13 -0.59 7.02
N PRO B 37 0.86 -0.71 6.11
CA PRO B 37 2.23 -0.32 6.44
C PRO B 37 2.51 1.19 6.33
N PHE B 38 1.65 2.00 6.95
CA PHE B 38 1.72 3.45 6.82
C PHE B 38 2.88 4.13 7.56
N GLY B 39 3.55 3.41 8.45
CA GLY B 39 4.72 3.98 9.14
C GLY B 39 5.87 4.25 8.18
N GLY B 40 5.88 3.50 7.08
CA GLY B 40 6.78 3.75 5.97
C GLY B 40 8.25 3.49 6.21
N LYS B 41 8.59 2.88 7.35
CA LYS B 41 10.00 2.65 7.68
C LYS B 41 10.58 1.50 6.85
N LYS B 42 11.84 1.63 6.44
CA LYS B 42 12.51 0.66 5.59
C LYS B 42 13.85 0.18 6.16
N GLN B 43 14.17 -1.09 5.94
CA GLN B 43 15.41 -1.67 6.43
C GLN B 43 16.59 -1.32 5.51
N PRO B 44 17.71 -0.83 6.08
CA PRO B 44 18.87 -0.54 5.24
C PRO B 44 19.30 -1.78 4.46
N GLY B 45 19.73 -1.59 3.23
CA GLY B 45 20.28 -2.69 2.44
C GLY B 45 19.24 -3.53 1.70
N THR B 46 18.13 -3.81 2.36
CA THR B 46 17.08 -4.65 1.76
C THR B 46 15.87 -3.85 1.31
N ASP B 47 15.68 -2.68 1.93
CA ASP B 47 14.48 -1.86 1.73
C ASP B 47 13.18 -2.57 2.16
N ALA B 48 13.30 -3.62 2.99
CA ALA B 48 12.13 -4.30 3.51
C ALA B 48 11.35 -3.39 4.45
N HIS B 49 10.05 -3.60 4.53
CA HIS B 49 9.27 -2.90 5.51
C HIS B 49 9.76 -3.21 6.89
N VAL B 50 9.85 -2.19 7.73
CA VAL B 50 10.11 -2.37 9.15
C VAL B 50 8.90 -1.84 9.92
N ASN B 51 8.34 -2.65 10.82
CA ASN B 51 7.26 -2.19 11.68
C ASN B 51 7.66 -0.96 12.46
N SER B 52 6.80 0.05 12.42
CA SER B 52 7.14 1.31 13.07
C SER B 52 5.90 2.11 13.35
N LEU B 53 6.07 3.14 14.17
CA LEU B 53 5.00 4.02 14.57
C LEU B 53 4.18 4.40 13.35
N GLY B 54 2.87 4.16 13.44
CA GLY B 54 1.98 4.60 12.37
C GLY B 54 1.50 3.52 11.40
N ASP B 55 2.12 2.35 11.43
CA ASP B 55 1.46 1.19 10.81
C ASP B 55 0.12 1.00 11.53
N LEU B 56 -0.94 0.66 10.79
CA LEU B 56 -2.28 0.50 11.38
C LEU B 56 -2.81 -0.90 11.09
N VAL B 57 -3.55 -1.48 12.04
CA VAL B 57 -4.00 -2.86 11.92
C VAL B 57 -5.46 -3.03 12.39
N PRO B 58 -6.41 -2.84 11.46
CA PRO B 58 -7.79 -3.28 11.71
C PRO B 58 -7.83 -4.81 11.89
N PHE B 59 -8.72 -5.30 12.76
CA PHE B 59 -8.80 -6.73 12.96
C PHE B 59 -10.16 -7.14 13.52
N SER B 60 -10.46 -8.43 13.40
CA SER B 60 -11.65 -9.00 14.05
C SER B 60 -11.51 -10.51 14.15
N ASN B 61 -11.49 -11.02 15.39
CA ASN B 61 -11.35 -12.45 15.65
C ASN B 61 -12.62 -13.00 16.28
N LYS B 62 -12.62 -14.32 16.57
CA LYS B 62 -13.75 -14.97 17.24
C LYS B 62 -13.45 -15.09 18.73
N ILE B 63 -14.50 -15.03 19.54
CA ILE B 63 -14.33 -15.24 20.97
C ILE B 63 -15.21 -16.37 21.50
N TYR B 64 -14.66 -17.05 22.49
CA TYR B 64 -15.27 -18.20 23.15
C TYR B 64 -15.19 -18.01 24.66
N ASP B 65 -16.05 -18.72 25.39
CA ASP B 65 -16.02 -18.63 26.84
C ASP B 65 -14.81 -19.36 27.44
N GLY B 66 -14.62 -19.21 28.75
CA GLY B 66 -13.47 -19.82 29.41
C GLY B 66 -13.39 -21.34 29.31
N SER B 67 -14.55 -22.01 29.21
N SER B 67 -14.56 -22.01 29.22
CA SER B 67 -14.59 -23.47 29.09
CA SER B 67 -14.60 -23.46 29.11
C SER B 67 -14.30 -23.95 27.67
C SER B 67 -14.28 -23.95 27.70
N LEU B 68 -14.24 -23.01 26.74
CA LEU B 68 -14.04 -23.31 25.31
C LEU B 68 -15.19 -24.11 24.69
N LYS B 69 -16.32 -24.18 25.40
N LYS B 69 -16.32 -24.22 25.40
CA LYS B 69 -17.51 -24.92 24.97
CA LYS B 69 -17.46 -24.95 24.89
C LYS B 69 -18.59 -24.05 24.35
C LYS B 69 -18.48 -24.07 24.18
N THR B 70 -18.38 -22.74 24.31
CA THR B 70 -19.39 -21.83 23.79
C THR B 70 -18.78 -20.73 22.93
N ARG B 71 -19.23 -20.65 21.67
CA ARG B 71 -18.94 -19.47 20.83
C ARG B 71 -19.75 -18.30 21.35
N LEU B 72 -19.05 -17.21 21.71
CA LEU B 72 -19.73 -16.04 22.24
C LEU B 72 -19.99 -14.98 21.19
N GLY B 73 -19.02 -14.78 20.29
CA GLY B 73 -19.13 -13.66 19.38
C GLY B 73 -17.79 -13.38 18.73
N ILE B 74 -17.44 -12.09 18.67
CA ILE B 74 -16.22 -11.64 17.95
C ILE B 74 -15.55 -10.52 18.75
N THR B 75 -14.29 -10.26 18.43
CA THR B 75 -13.67 -8.97 18.73
C THR B 75 -13.69 -8.14 17.45
N ALA B 76 -13.57 -6.82 17.61
CA ALA B 76 -13.53 -5.92 16.45
C ALA B 76 -12.83 -4.65 16.84
N GLY B 77 -11.85 -4.22 16.07
CA GLY B 77 -11.23 -2.92 16.37
C GLY B 77 -10.00 -2.61 15.56
N LEU B 78 -9.12 -1.80 16.17
CA LEU B 78 -8.03 -1.15 15.45
C LEU B 78 -6.82 -1.03 16.36
N CYS B 79 -5.68 -1.54 15.90
CA CYS B 79 -4.41 -1.34 16.59
C CYS B 79 -3.53 -0.35 15.84
N THR B 80 -2.95 0.58 16.59
N THR B 80 -2.94 0.59 16.57
CA THR B 80 -1.98 1.54 16.07
CA THR B 80 -1.97 1.50 16.00
C THR B 80 -0.58 1.12 16.52
C THR B 80 -0.60 1.09 16.50
N LEU B 81 0.31 0.80 15.56
CA LEU B 81 1.65 0.37 15.95
C LEU B 81 2.41 1.58 16.51
N ILE B 82 3.05 1.37 17.65
CA ILE B 82 3.78 2.44 18.35
C ILE B 82 5.29 2.28 18.22
N SER B 83 5.80 1.08 18.51
CA SER B 83 7.24 0.85 18.42
C SER B 83 7.56 -0.62 18.22
N HIS B 84 8.69 -0.88 17.58
CA HIS B 84 9.21 -2.22 17.39
C HIS B 84 10.43 -2.44 18.25
N SER B 85 10.51 -3.59 18.89
CA SER B 85 11.68 -3.94 19.68
C SER B 85 12.41 -5.13 19.05
N ASP B 86 13.64 -4.89 18.59
CA ASP B 86 14.48 -5.97 18.07
C ASP B 86 14.86 -6.95 19.18
N GLN B 87 15.15 -6.40 20.36
CA GLN B 87 15.59 -7.23 21.50
C GLN B 87 14.50 -8.18 21.97
N LYS B 88 13.24 -7.74 21.91
CA LYS B 88 12.11 -8.56 22.37
C LYS B 88 11.41 -9.29 21.23
N ASN B 89 11.81 -8.96 20.00
CA ASN B 89 11.24 -9.54 18.78
C ASN B 89 9.71 -9.37 18.71
N GLY B 90 9.26 -8.11 18.72
CA GLY B 90 7.84 -7.84 18.67
C GLY B 90 7.56 -6.36 18.73
N ASP B 91 6.29 -6.03 18.93
CA ASP B 91 5.81 -4.67 18.77
C ASP B 91 4.91 -4.25 19.91
N ARG B 92 4.95 -2.95 20.23
CA ARG B 92 3.95 -2.32 21.07
C ARG B 92 2.92 -1.67 20.16
N TYR B 93 1.64 -1.94 20.44
CA TYR B 93 0.53 -1.26 19.80
C TYR B 93 -0.30 -0.53 20.85
N GLU B 94 -1.03 0.48 20.37
CA GLU B 94 -2.08 1.10 21.18
C GLU B 94 -3.40 0.66 20.55
N ALA B 95 -4.26 0.00 21.33
CA ALA B 95 -5.40 -0.70 20.76
C ALA B 95 -6.72 -0.16 21.27
N LEU B 96 -7.70 -0.13 20.39
CA LEU B 96 -9.10 0.10 20.74
C LEU B 96 -9.93 -0.97 20.09
N TYR B 97 -10.67 -1.71 20.90
CA TYR B 97 -11.51 -2.75 20.34
C TYR B 97 -12.62 -3.13 21.29
N SER B 98 -13.62 -3.83 20.76
CA SER B 98 -14.73 -4.32 21.55
C SER B 98 -14.84 -5.84 21.42
N PHE B 99 -15.47 -6.40 22.46
CA PHE B 99 -15.83 -7.81 22.54
C PHE B 99 -17.36 -7.88 22.49
N TYR B 100 -17.87 -8.70 21.56
CA TYR B 100 -19.30 -8.83 21.34
C TYR B 100 -19.74 -10.21 21.78
N PHE B 101 -20.75 -10.25 22.63
CA PHE B 101 -21.22 -11.48 23.28
C PHE B 101 -22.68 -11.80 22.91
N GLY B 102 -23.04 -11.57 21.64
CA GLY B 102 -24.44 -11.77 21.24
C GLY B 102 -25.36 -10.92 22.10
N ASP B 103 -26.50 -11.50 22.48
CA ASP B 103 -27.50 -10.76 23.25
C ASP B 103 -27.05 -10.32 24.64
N TYR B 104 -25.94 -10.86 25.15
CA TYR B 104 -25.45 -10.42 26.45
C TYR B 104 -24.99 -8.95 26.39
N GLY B 105 -24.54 -8.52 25.21
CA GLY B 105 -24.01 -7.15 25.05
C GLY B 105 -22.57 -7.16 24.63
N HIS B 106 -21.87 -6.06 24.94
CA HIS B 106 -20.48 -5.89 24.54
C HIS B 106 -19.68 -5.26 25.65
N ILE B 107 -18.36 -5.45 25.59
CA ILE B 107 -17.39 -4.74 26.44
C ILE B 107 -16.41 -4.03 25.52
N SER B 108 -16.10 -2.77 25.82
CA SER B 108 -15.06 -2.03 25.07
C SER B 108 -13.81 -1.89 25.89
N VAL B 109 -12.65 -1.92 25.20
CA VAL B 109 -11.35 -1.80 25.85
C VAL B 109 -10.46 -0.80 25.11
N GLN B 110 -9.48 -0.27 25.84
CA GLN B 110 -8.52 0.70 25.29
C GLN B 110 -7.23 0.52 26.03
N GLY B 111 -6.10 0.47 25.32
CA GLY B 111 -4.82 0.41 26.00
C GLY B 111 -3.79 -0.40 25.25
N PRO B 112 -2.80 -0.92 25.99
CA PRO B 112 -1.62 -1.50 25.35
C PRO B 112 -1.84 -2.93 24.89
N TYR B 113 -1.39 -3.21 23.68
CA TYR B 113 -1.38 -4.56 23.13
C TYR B 113 0.06 -4.77 22.72
N ILE B 114 0.74 -5.69 23.41
N ILE B 114 0.73 -5.70 23.40
CA ILE B 114 2.16 -5.93 23.24
CA ILE B 114 2.15 -5.91 23.19
C ILE B 114 2.32 -7.36 22.74
C ILE B 114 2.34 -7.34 22.75
N THR B 115 2.97 -7.54 21.59
CA THR B 115 2.97 -8.87 20.97
C THR B 115 3.77 -9.88 21.77
N TYR B 116 4.71 -9.40 22.58
CA TYR B 116 5.66 -10.28 23.25
C TYR B 116 5.47 -10.43 24.77
N GLU B 117 4.43 -9.80 25.32
CA GLU B 117 4.17 -9.92 26.75
C GLU B 117 2.75 -9.54 27.13
N ASP B 118 2.36 -9.90 28.35
CA ASP B 118 1.03 -9.58 28.85
C ASP B 118 0.90 -8.10 29.16
N SER B 119 -0.33 -7.61 29.16
CA SER B 119 -0.59 -6.21 29.45
C SER B 119 -1.98 -6.06 30.08
N TYR B 120 -2.26 -4.87 30.59
CA TYR B 120 -3.59 -4.55 31.12
C TYR B 120 -4.25 -3.44 30.34
N LEU B 121 -5.43 -3.74 29.79
CA LEU B 121 -6.24 -2.76 29.08
C LEU B 121 -7.24 -2.12 30.03
N ALA B 122 -7.63 -0.88 29.74
CA ALA B 122 -8.77 -0.27 30.42
C ALA B 122 -10.06 -0.86 29.86
N ILE B 123 -10.99 -1.20 30.75
CA ILE B 123 -12.37 -1.47 30.36
C ILE B 123 -13.10 -0.13 30.31
N THR B 124 -13.48 0.29 29.10
CA THR B 124 -14.01 1.64 28.96
C THR B 124 -15.53 1.70 29.12
N GLY B 125 -16.18 0.54 29.15
CA GLY B 125 -17.63 0.48 29.30
C GLY B 125 -18.19 -0.70 28.53
N GLY B 126 -19.51 -0.76 28.46
CA GLY B 126 -20.17 -1.86 27.79
C GLY B 126 -21.63 -1.60 27.57
N SER B 127 -22.35 -2.66 27.20
CA SER B 127 -23.78 -2.59 26.96
C SER B 127 -24.41 -3.87 27.41
N GLY B 128 -25.74 -3.91 27.48
CA GLY B 128 -26.45 -5.10 27.91
C GLY B 128 -26.12 -5.42 29.34
N ILE B 129 -25.76 -6.67 29.61
CA ILE B 129 -25.42 -7.04 30.98
C ILE B 129 -24.13 -6.35 31.46
N PHE B 130 -23.39 -5.78 30.51
CA PHE B 130 -22.15 -5.09 30.82
C PHE B 130 -22.33 -3.57 30.88
N ALA B 131 -23.55 -3.07 30.75
CA ALA B 131 -23.76 -1.62 30.79
C ALA B 131 -23.26 -1.05 32.11
N GLY B 132 -22.44 -0.01 32.02
CA GLY B 132 -21.89 0.63 33.22
C GLY B 132 -20.66 -0.05 33.79
N CYS B 133 -20.13 -1.07 33.11
CA CYS B 133 -18.94 -1.73 33.63
C CYS B 133 -17.71 -0.85 33.55
N TYR B 134 -16.76 -1.16 34.41
CA TYR B 134 -15.47 -0.49 34.43
C TYR B 134 -14.45 -1.41 35.07
N GLY B 135 -13.18 -1.00 35.01
CA GLY B 135 -12.10 -1.80 35.54
C GLY B 135 -10.99 -2.01 34.53
N GLN B 136 -10.26 -3.11 34.66
CA GLN B 136 -9.14 -3.42 33.77
C GLN B 136 -9.24 -4.86 33.31
N ALA B 137 -8.61 -5.17 32.18
CA ALA B 137 -8.58 -6.52 31.64
C ALA B 137 -7.17 -6.94 31.34
N LYS B 138 -6.77 -8.12 31.79
CA LYS B 138 -5.45 -8.65 31.48
C LYS B 138 -5.47 -9.40 30.14
N LEU B 139 -4.59 -9.00 29.23
CA LEU B 139 -4.40 -9.67 27.95
C LEU B 139 -3.19 -10.56 28.08
N HIS B 140 -3.38 -11.85 27.85
CA HIS B 140 -2.31 -12.84 27.84
C HIS B 140 -2.16 -13.42 26.46
N GLN B 141 -0.96 -13.30 25.89
CA GLN B 141 -0.67 -13.91 24.59
C GLN B 141 -0.44 -15.39 24.82
N ILE B 142 -1.25 -16.24 24.21
CA ILE B 142 -1.03 -17.68 24.33
C ILE B 142 -0.05 -18.10 23.25
N ILE B 143 -0.41 -17.80 22.01
CA ILE B 143 0.49 -17.93 20.88
C ILE B 143 0.16 -16.80 19.93
N PHE B 144 0.94 -15.73 20.00
CA PHE B 144 0.71 -14.58 19.15
C PHE B 144 0.90 -15.02 17.69
N PRO B 145 -0.01 -14.62 16.79
CA PRO B 145 -1.20 -13.78 16.96
C PRO B 145 -2.50 -14.57 16.96
N PHE B 146 -2.41 -15.90 16.96
CA PHE B 146 -3.60 -16.72 16.74
C PHE B 146 -4.48 -16.93 17.96
N LYS B 147 -3.89 -16.94 19.16
CA LYS B 147 -4.66 -17.32 20.37
C LYS B 147 -4.30 -16.41 21.52
N LEU B 148 -5.31 -15.75 22.07
CA LEU B 148 -5.16 -14.82 23.20
C LEU B 148 -6.17 -15.18 24.27
N PHE B 149 -5.84 -14.82 25.52
CA PHE B 149 -6.69 -15.13 26.66
C PHE B 149 -6.84 -13.89 27.53
N TYR B 150 -8.07 -13.53 27.86
CA TYR B 150 -8.35 -12.34 28.66
C TYR B 150 -8.98 -12.68 29.97
N THR B 151 -8.55 -11.94 30.99
CA THR B 151 -9.25 -11.89 32.28
C THR B 151 -9.81 -10.50 32.46
N PHE B 152 -11.13 -10.36 32.34
CA PHE B 152 -11.78 -9.07 32.60
C PHE B 152 -12.06 -8.98 34.09
N TYR B 153 -11.54 -7.95 34.75
CA TYR B 153 -11.82 -7.70 36.16
C TYR B 153 -12.95 -6.70 36.23
N LEU B 154 -14.16 -7.20 36.08
CA LEU B 154 -15.32 -6.34 35.87
C LEU B 154 -15.89 -5.79 37.17
N GLN B 155 -16.07 -4.48 37.19
CA GLN B 155 -16.73 -3.80 38.29
C GLN B 155 -17.99 -3.10 37.81
N GLY B 156 -18.92 -2.87 38.72
CA GLY B 156 -20.07 -2.02 38.42
C GLY B 156 -21.30 -2.66 37.81
N ILE B 157 -21.32 -3.99 37.74
CA ILE B 157 -22.43 -4.68 37.08
C ILE B 157 -22.99 -5.79 37.96
N LYS B 158 -24.20 -6.21 37.62
CA LYS B 158 -24.87 -7.26 38.36
C LYS B 158 -24.16 -8.60 38.12
N LYS B 159 -24.48 -9.57 38.97
CA LYS B 159 -23.86 -10.89 38.92
C LYS B 159 -23.93 -11.47 37.51
N LEU B 160 -22.78 -11.89 36.98
CA LEU B 160 -22.74 -12.50 35.65
C LEU B 160 -23.57 -13.78 35.60
N PRO B 161 -24.18 -14.07 34.44
CA PRO B 161 -24.92 -15.33 34.32
C PRO B 161 -23.97 -16.52 34.39
N GLU B 162 -24.46 -17.62 34.94
CA GLU B 162 -23.66 -18.82 35.15
C GLU B 162 -23.03 -19.32 33.86
N ALA B 163 -23.72 -19.13 32.74
CA ALA B 163 -23.22 -19.59 31.44
C ALA B 163 -21.87 -18.98 31.08
N LEU B 164 -21.58 -17.79 31.61
CA LEU B 164 -20.32 -17.12 31.33
C LEU B 164 -19.23 -17.42 32.36
N CYS B 165 -19.55 -18.26 33.35
CA CYS B 165 -18.67 -18.54 34.48
C CYS B 165 -18.39 -20.02 34.67
N ALA B 166 -18.41 -20.78 33.57
CA ALA B 166 -18.09 -22.20 33.64
C ALA B 166 -16.60 -22.39 33.99
N PRO B 167 -16.23 -23.56 34.52
CA PRO B 167 -14.82 -23.78 34.88
C PRO B 167 -13.93 -23.51 33.68
N CYS B 168 -12.84 -22.82 33.93
CA CYS B 168 -12.02 -22.27 32.87
C CYS B 168 -10.89 -23.22 32.47
N VAL B 169 -10.77 -23.49 31.18
CA VAL B 169 -9.65 -24.28 30.67
C VAL B 169 -8.37 -23.46 30.86
N PRO B 170 -7.32 -24.07 31.41
CA PRO B 170 -6.07 -23.29 31.53
C PRO B 170 -5.44 -23.05 30.16
N PRO B 171 -5.02 -21.81 29.87
CA PRO B 171 -4.51 -21.54 28.53
C PRO B 171 -3.16 -22.17 28.26
N SER B 172 -3.00 -22.71 27.05
CA SER B 172 -1.71 -23.19 26.54
C SER B 172 -1.82 -23.19 25.02
N PRO B 173 -0.69 -23.30 24.30
CA PRO B 173 -0.76 -23.13 22.85
C PRO B 173 -1.63 -24.15 22.13
N SER B 174 -1.85 -25.31 22.72
CA SER B 174 -2.64 -26.35 22.05
C SER B 174 -4.15 -26.25 22.25
N VAL B 175 -4.62 -25.36 23.12
CA VAL B 175 -6.06 -25.33 23.40
C VAL B 175 -6.85 -24.90 22.16
N ALA B 176 -8.09 -25.37 22.08
CA ALA B 176 -8.94 -25.10 20.93
C ALA B 176 -10.39 -25.15 21.35
N PRO B 177 -11.27 -24.40 20.68
CA PRO B 177 -12.69 -24.51 20.94
C PRO B 177 -13.18 -25.94 20.73
N ALA B 178 -14.17 -26.36 21.51
CA ALA B 178 -14.83 -27.63 21.26
C ALA B 178 -15.36 -27.66 19.83
N ASP B 179 -15.40 -28.84 19.21
CA ASP B 179 -15.96 -28.96 17.86
C ASP B 179 -17.34 -28.30 17.75
N GLU B 180 -18.18 -28.53 18.75
CA GLU B 180 -19.55 -28.05 18.70
C GLU B 180 -19.61 -26.54 18.77
N ALA B 181 -18.64 -25.92 19.45
CA ALA B 181 -18.54 -24.46 19.50
C ALA B 181 -18.00 -23.89 18.18
N LYS B 182 -16.97 -24.54 17.62
CA LYS B 182 -16.43 -24.10 16.34
C LYS B 182 -17.52 -24.16 15.27
N GLN B 183 -18.36 -25.19 15.36
CA GLN B 183 -19.45 -25.38 14.41
C GLN B 183 -20.72 -24.60 14.75
N CYS B 184 -20.70 -23.84 15.85
CA CYS B 184 -21.81 -22.99 16.26
C CYS B 184 -23.13 -23.75 16.41
N LEU B 185 -23.04 -24.92 17.04
CA LEU B 185 -24.21 -25.78 17.21
C LEU B 185 -25.04 -25.41 18.43
N PRO B 186 -26.29 -25.86 18.46
CA PRO B 186 -27.12 -25.67 19.64
C PRO B 186 -26.45 -26.16 20.91
N ASN B 187 -26.68 -25.41 21.98
CA ASN B 187 -26.08 -25.62 23.29
C ASN B 187 -24.66 -25.10 23.37
N HIS B 188 -24.11 -24.60 22.26
CA HIS B 188 -22.70 -24.20 22.22
C HIS B 188 -22.50 -22.82 21.65
N VAL B 189 -23.54 -22.00 21.72
CA VAL B 189 -23.48 -20.61 21.28
C VAL B 189 -24.16 -19.69 22.28
N ALA B 190 -23.65 -18.47 22.42
CA ALA B 190 -24.38 -17.43 23.15
C ALA B 190 -25.70 -17.15 22.42
N PRO B 191 -26.71 -16.66 23.14
CA PRO B 191 -27.97 -16.30 22.48
C PRO B 191 -27.69 -15.25 21.40
N ASN B 192 -28.08 -15.55 20.17
CA ASN B 192 -27.80 -14.67 19.03
C ASN B 192 -26.34 -14.24 18.99
N PHE B 193 -25.44 -15.22 19.16
CA PHE B 193 -24.02 -14.98 19.16
C PHE B 193 -23.60 -14.09 17.99
N THR B 194 -22.63 -13.23 18.24
CA THR B 194 -22.24 -12.26 17.22
C THR B 194 -21.44 -12.93 16.11
N LYS B 195 -21.89 -12.74 14.88
CA LYS B 195 -21.27 -13.35 13.72
C LYS B 195 -20.31 -12.40 13.03
N HIS C 16 -28.85 6.55 39.45
CA HIS C 16 -30.00 6.33 38.50
C HIS C 16 -29.66 6.84 37.12
N VAL C 17 -30.59 6.64 36.18
CA VAL C 17 -30.34 6.92 34.75
C VAL C 17 -31.09 8.18 34.29
N GLN C 18 -30.40 9.03 33.53
CA GLN C 18 -31.03 10.19 32.88
C GLN C 18 -30.98 10.01 31.37
N GLU C 19 -32.13 10.09 30.73
CA GLU C 19 -32.20 9.96 29.28
C GLU C 19 -31.91 11.28 28.57
N LEU C 20 -31.01 11.24 27.60
CA LEU C 20 -30.71 12.39 26.76
C LEU C 20 -30.90 11.99 25.30
N PHE C 21 -31.78 12.72 24.61
CA PHE C 21 -32.08 12.44 23.22
C PHE C 21 -31.33 13.38 22.29
N VAL C 22 -30.66 12.84 21.27
CA VAL C 22 -29.87 13.63 20.33
C VAL C 22 -30.12 13.19 18.90
N TYR C 23 -30.36 14.15 18.00
CA TYR C 23 -30.43 13.87 16.57
C TYR C 23 -29.11 14.20 15.89
N GLU C 24 -28.61 13.28 15.07
CA GLU C 24 -27.39 13.50 14.31
C GLU C 24 -27.73 13.53 12.84
N ILE C 25 -27.32 14.60 12.17
CA ILE C 25 -27.67 14.83 10.77
C ILE C 25 -26.43 15.14 9.94
N ASN C 26 -26.25 14.40 8.86
CA ASN C 26 -25.26 14.76 7.87
C ASN C 26 -25.91 15.72 6.87
N GLU C 27 -25.57 16.99 6.99
CA GLU C 27 -26.15 18.02 6.13
C GLU C 27 -25.33 18.27 4.86
N ARG C 28 -24.35 17.40 4.61
CA ARG C 28 -23.58 17.39 3.36
C ARG C 28 -22.74 18.64 3.14
N ASP C 29 -22.34 19.29 4.23
CA ASP C 29 -21.62 20.56 4.15
C ASP C 29 -20.28 20.55 4.89
N ARG C 30 -19.86 19.38 5.35
CA ARG C 30 -18.64 19.21 6.14
C ARG C 30 -17.63 18.27 5.43
N GLY C 31 -17.93 17.90 4.19
CA GLY C 31 -17.11 16.95 3.43
C GLY C 31 -17.01 15.58 4.11
N SER C 32 -18.09 15.17 4.75
CA SER C 32 -18.10 13.95 5.54
C SER C 32 -19.15 12.99 4.99
N PRO C 33 -18.92 11.67 5.08
CA PRO C 33 -17.73 11.02 5.63
C PRO C 33 -16.60 10.95 4.61
N VAL C 34 -15.40 10.64 5.10
CA VAL C 34 -14.26 10.39 4.22
C VAL C 34 -14.03 8.88 4.19
N PHE C 35 -14.32 8.26 3.06
CA PHE C 35 -14.20 6.81 2.97
C PHE C 35 -12.81 6.42 2.45
N LEU C 36 -12.05 5.72 3.29
CA LEU C 36 -10.69 5.32 2.94
C LEU C 36 -10.70 3.81 2.66
N PRO C 37 -10.57 3.41 1.38
CA PRO C 37 -10.81 2.01 0.99
C PRO C 37 -9.63 1.08 1.27
N PHE C 38 -9.12 1.12 2.50
CA PHE C 38 -7.88 0.41 2.85
C PHE C 38 -8.04 -1.10 3.00
N GLY C 39 -9.28 -1.59 3.00
CA GLY C 39 -9.55 -3.04 3.01
C GLY C 39 -9.05 -3.69 1.72
N GLY C 40 -8.96 -2.88 0.66
CA GLY C 40 -8.35 -3.28 -0.60
C GLY C 40 -9.14 -4.27 -1.43
N LYS C 41 -10.41 -4.47 -1.11
CA LYS C 41 -11.22 -5.46 -1.82
C LYS C 41 -11.92 -4.87 -3.04
N LYS C 42 -11.88 -5.62 -4.14
CA LYS C 42 -12.49 -5.19 -5.39
C LYS C 42 -13.32 -6.30 -6.02
N GLN C 43 -14.34 -5.90 -6.77
CA GLN C 43 -15.17 -6.85 -7.52
C GLN C 43 -14.34 -7.62 -8.55
N PRO C 44 -14.70 -8.90 -8.78
CA PRO C 44 -14.00 -9.82 -9.69
C PRO C 44 -13.65 -9.24 -11.07
N GLY C 45 -14.61 -8.56 -11.71
CA GLY C 45 -14.40 -8.02 -13.05
C GLY C 45 -14.32 -6.50 -13.11
N THR C 46 -15.13 -5.84 -12.30
CA THR C 46 -15.27 -4.38 -12.32
C THR C 46 -14.08 -3.63 -11.70
N ASP C 47 -13.46 -4.25 -10.69
CA ASP C 47 -12.48 -3.59 -9.82
C ASP C 47 -13.13 -2.49 -8.96
N ALA C 48 -14.47 -2.47 -8.95
CA ALA C 48 -15.25 -1.58 -8.10
C ALA C 48 -15.10 -1.98 -6.65
N HIS C 49 -15.29 -1.04 -5.73
CA HIS C 49 -15.02 -1.28 -4.32
C HIS C 49 -16.02 -2.16 -3.63
N VAL C 50 -15.54 -3.16 -2.91
N VAL C 50 -15.49 -3.11 -2.88
CA VAL C 50 -16.41 -3.92 -2.03
CA VAL C 50 -16.28 -3.98 -2.01
C VAL C 50 -15.97 -3.76 -0.59
C VAL C 50 -15.90 -3.61 -0.57
N ASN C 51 -16.89 -3.22 0.23
CA ASN C 51 -16.64 -2.91 1.64
C ASN C 51 -16.09 -4.13 2.36
N SER C 52 -15.01 -3.94 3.12
CA SER C 52 -14.35 -5.06 3.78
C SER C 52 -13.57 -4.58 4.99
N LEU C 53 -13.24 -5.51 5.87
CA LEU C 53 -12.42 -5.24 7.04
C LEU C 53 -11.24 -4.35 6.68
N GLY C 54 -11.10 -3.26 7.41
CA GLY C 54 -9.94 -2.41 7.21
C GLY C 54 -10.17 -1.12 6.42
N ASP C 55 -11.30 -1.04 5.71
CA ASP C 55 -11.74 0.27 5.25
C ASP C 55 -11.89 1.16 6.49
N LEU C 56 -11.47 2.43 6.40
CA LEU C 56 -11.58 3.36 7.53
C LEU C 56 -12.40 4.57 7.13
N VAL C 57 -13.20 5.07 8.07
CA VAL C 57 -14.12 6.16 7.77
C VAL C 57 -14.12 7.25 8.85
N PRO C 58 -13.22 8.26 8.70
CA PRO C 58 -13.31 9.47 9.52
C PRO C 58 -14.61 10.22 9.20
N PHE C 59 -15.24 10.82 10.20
CA PHE C 59 -16.51 11.51 9.96
C PHE C 59 -16.80 12.58 10.98
N SER C 60 -17.70 13.49 10.61
CA SER C 60 -18.18 14.50 11.53
C SER C 60 -19.50 15.06 11.02
N ASN C 61 -20.57 14.93 11.82
CA ASN C 61 -21.91 15.40 11.49
C ASN C 61 -22.37 16.47 12.47
N LYS C 62 -23.53 17.08 12.20
CA LYS C 62 -24.13 18.02 13.14
C LYS C 62 -25.06 17.30 14.11
N ILE C 63 -25.17 17.84 15.32
CA ILE C 63 -26.15 17.33 16.29
C ILE C 63 -27.09 18.41 16.79
N TYR C 64 -28.33 17.98 16.97
CA TYR C 64 -29.44 18.80 17.43
C TYR C 64 -30.08 18.15 18.66
N ASP C 65 -30.79 18.93 19.46
CA ASP C 65 -31.50 18.38 20.63
C ASP C 65 -32.72 17.55 20.22
N GLY C 66 -33.33 16.87 21.19
CA GLY C 66 -34.47 16.00 20.93
C GLY C 66 -35.68 16.71 20.33
N SER C 67 -35.85 17.98 20.68
CA SER C 67 -36.98 18.75 20.16
C SER C 67 -36.71 19.27 18.74
N LEU C 68 -35.48 19.08 18.27
CA LEU C 68 -35.01 19.57 16.96
C LEU C 68 -35.07 21.09 16.79
N LYS C 69 -35.18 21.81 17.91
CA LYS C 69 -35.21 23.27 17.89
C LYS C 69 -33.83 23.91 18.13
N THR C 70 -32.86 23.11 18.55
CA THR C 70 -31.56 23.65 18.94
C THR C 70 -30.40 22.89 18.31
N ARG C 71 -29.53 23.63 17.60
CA ARG C 71 -28.23 23.11 17.16
C ARG C 71 -27.32 23.04 18.38
N LEU C 72 -26.82 21.85 18.69
CA LEU C 72 -26.00 21.66 19.89
C LEU C 72 -24.51 21.67 19.57
N GLY C 73 -24.15 21.11 18.43
CA GLY C 73 -22.74 20.94 18.08
C GLY C 73 -22.50 19.94 16.98
N ILE C 74 -21.54 19.05 17.19
CA ILE C 74 -21.16 18.09 16.17
C ILE C 74 -20.81 16.74 16.80
N THR C 75 -20.78 15.72 15.95
CA THR C 75 -20.06 14.47 16.27
C THR C 75 -18.71 14.52 15.58
N ALA C 76 -17.75 13.74 16.07
CA ALA C 76 -16.44 13.65 15.42
C ALA C 76 -15.78 12.36 15.79
N GLY C 77 -15.26 11.65 14.80
CA GLY C 77 -14.56 10.42 15.11
C GLY C 77 -14.19 9.59 13.91
N LEU C 78 -14.08 8.29 14.15
CA LEU C 78 -13.48 7.35 13.21
C LEU C 78 -14.17 6.02 13.32
N CYS C 79 -14.60 5.48 12.18
CA CYS C 79 -15.14 4.12 12.13
C CYS C 79 -14.18 3.19 11.40
N THR C 80 -14.08 1.96 11.89
CA THR C 80 -13.31 0.91 11.24
C THR C 80 -14.33 -0.08 10.68
N LEU C 81 -14.34 -0.30 9.37
CA LEU C 81 -15.28 -1.26 8.81
C LEU C 81 -14.82 -2.68 9.19
N ILE C 82 -15.75 -3.50 9.68
CA ILE C 82 -15.41 -4.83 10.17
C ILE C 82 -15.86 -5.92 9.20
N SER C 83 -17.11 -5.82 8.74
CA SER C 83 -17.62 -6.82 7.82
C SER C 83 -18.77 -6.27 7.01
N HIS C 84 -18.92 -6.81 5.80
CA HIS C 84 -20.08 -6.49 4.97
C HIS C 84 -20.99 -7.69 4.85
N SER C 85 -22.29 -7.44 4.95
CA SER C 85 -23.31 -8.49 4.78
C SER C 85 -24.10 -8.28 3.50
N ASP C 86 -23.95 -9.20 2.54
CA ASP C 86 -24.78 -9.15 1.34
C ASP C 86 -26.25 -9.44 1.68
N GLN C 87 -26.47 -10.39 2.59
CA GLN C 87 -27.82 -10.80 2.98
C GLN C 87 -28.60 -9.65 3.63
N LYS C 88 -27.91 -8.87 4.45
CA LYS C 88 -28.53 -7.76 5.17
C LYS C 88 -28.35 -6.42 4.47
N ASN C 89 -27.59 -6.44 3.37
CA ASN C 89 -27.31 -5.24 2.57
C ASN C 89 -26.73 -4.10 3.41
N GLY C 90 -25.68 -4.39 4.15
CA GLY C 90 -25.10 -3.39 5.03
C GLY C 90 -23.80 -3.83 5.64
N ASP C 91 -23.29 -3.00 6.55
CA ASP C 91 -21.98 -3.21 7.15
C ASP C 91 -22.00 -3.09 8.65
N ARG C 92 -21.06 -3.81 9.27
CA ARG C 92 -20.72 -3.61 10.67
C ARG C 92 -19.46 -2.75 10.74
N TYR C 93 -19.54 -1.69 11.54
CA TYR C 93 -18.37 -0.88 11.87
C TYR C 93 -18.10 -0.95 13.37
N GLU C 94 -16.83 -0.69 13.72
CA GLU C 94 -16.44 -0.41 15.10
C GLU C 94 -16.12 1.05 15.17
N ALA C 95 -16.83 1.76 16.04
CA ALA C 95 -16.84 3.22 16.06
C ALA C 95 -16.26 3.80 17.33
N LEU C 96 -15.49 4.88 17.15
CA LEU C 96 -14.92 5.66 18.23
C LEU C 96 -15.24 7.10 17.89
N TYR C 97 -16.08 7.76 18.68
CA TYR C 97 -16.43 9.14 18.40
C TYR C 97 -16.93 9.88 19.61
N SER C 98 -16.96 11.20 19.51
CA SER C 98 -17.47 12.05 20.57
C SER C 98 -18.59 12.95 20.04
N PHE C 99 -19.45 13.35 20.97
CA PHE C 99 -20.53 14.31 20.75
C PHE C 99 -20.15 15.58 21.47
N TYR C 100 -20.13 16.69 20.74
CA TYR C 100 -19.76 18.00 21.29
C TYR C 100 -20.97 18.91 21.42
N PHE C 101 -21.19 19.41 22.64
CA PHE C 101 -22.39 20.18 22.98
C PHE C 101 -22.06 21.63 23.32
N GLY C 102 -21.10 22.21 22.60
CA GLY C 102 -20.66 23.58 22.94
C GLY C 102 -20.17 23.64 24.38
N ASP C 103 -20.57 24.70 25.08
CA ASP C 103 -20.09 24.89 26.45
C ASP C 103 -20.55 23.85 27.47
N TYR C 104 -21.57 23.05 27.14
CA TYR C 104 -22.01 21.99 28.06
C TYR C 104 -20.92 20.93 28.27
N GLY C 105 -20.11 20.70 27.25
CA GLY C 105 -19.08 19.67 27.32
C GLY C 105 -19.22 18.66 26.21
N HIS C 106 -18.72 17.45 26.45
CA HIS C 106 -18.74 16.40 25.43
C HIS C 106 -19.04 15.07 26.07
N ILE C 107 -19.54 14.14 25.25
CA ILE C 107 -19.67 12.73 25.66
C ILE C 107 -18.87 11.90 24.65
N SER C 108 -18.09 10.93 25.14
CA SER C 108 -17.39 10.01 24.23
C SER C 108 -18.06 8.65 24.24
N VAL C 109 -18.00 7.99 23.08
CA VAL C 109 -18.62 6.66 22.93
C VAL C 109 -17.69 5.71 22.17
N GLN C 110 -17.89 4.42 22.40
CA GLN C 110 -17.14 3.35 21.74
C GLN C 110 -18.06 2.16 21.54
N GLY C 111 -18.04 1.58 20.36
CA GLY C 111 -18.84 0.39 20.14
C GLY C 111 -19.33 0.25 18.70
N PRO C 112 -20.40 -0.53 18.51
CA PRO C 112 -20.80 -0.92 17.17
C PRO C 112 -21.73 0.05 16.48
N TYR C 113 -21.47 0.29 15.19
CA TYR C 113 -22.43 0.97 14.31
C TYR C 113 -22.71 -0.02 13.19
N ILE C 114 -23.97 -0.46 13.10
CA ILE C 114 -24.37 -1.43 12.11
C ILE C 114 -25.39 -0.75 11.22
N THR C 115 -25.13 -0.70 9.92
CA THR C 115 -25.88 0.20 9.05
C THR C 115 -27.34 -0.22 8.88
N TYR C 116 -27.67 -1.46 9.25
CA TYR C 116 -28.99 -1.99 8.98
C TYR C 116 -29.82 -2.29 10.25
N GLU C 117 -29.29 -1.96 11.43
CA GLU C 117 -30.05 -2.19 12.68
C GLU C 117 -29.54 -1.34 13.83
N ASP C 118 -30.37 -1.19 14.86
CA ASP C 118 -30.00 -0.44 16.07
C ASP C 118 -28.90 -1.16 16.84
N SER C 119 -28.14 -0.41 17.63
CA SER C 119 -27.10 -0.98 18.46
C SER C 119 -26.93 -0.15 19.73
N TYR C 120 -26.13 -0.65 20.65
CA TYR C 120 -25.82 0.06 21.89
C TYR C 120 -24.33 0.31 21.99
N LEU C 121 -23.97 1.59 22.17
CA LEU C 121 -22.59 1.99 22.36
C LEU C 121 -22.28 2.12 23.84
N ALA C 122 -21.02 1.90 24.21
CA ALA C 122 -20.55 2.27 25.55
C ALA C 122 -20.38 3.78 25.61
N ILE C 123 -20.85 4.37 26.72
CA ILE C 123 -20.52 5.77 27.05
C ILE C 123 -19.23 5.69 27.85
N THR C 124 -18.14 6.17 27.27
CA THR C 124 -16.82 5.96 27.88
C THR C 124 -16.41 7.09 28.82
N GLY C 125 -17.17 8.19 28.81
CA GLY C 125 -16.93 9.31 29.69
C GLY C 125 -17.30 10.61 29.01
N GLY C 126 -16.96 11.72 29.66
CA GLY C 126 -17.27 13.02 29.10
C GLY C 126 -16.56 14.13 29.81
N SER C 127 -17.03 15.35 29.58
CA SER C 127 -16.45 16.55 30.19
C SER C 127 -17.55 17.55 30.44
N GLY C 128 -17.24 18.59 31.20
CA GLY C 128 -18.26 19.59 31.51
C GLY C 128 -19.37 19.02 32.37
N ILE C 129 -20.63 19.26 31.97
CA ILE C 129 -21.76 18.67 32.71
C ILE C 129 -21.79 17.14 32.60
N PHE C 130 -21.00 16.60 31.67
CA PHE C 130 -20.95 15.16 31.46
C PHE C 130 -19.70 14.51 32.10
N ALA C 131 -18.91 15.29 32.82
CA ALA C 131 -17.72 14.72 33.47
C ALA C 131 -18.09 13.59 34.43
N GLY C 132 -17.45 12.44 34.24
CA GLY C 132 -17.70 11.27 35.05
C GLY C 132 -18.87 10.42 34.61
N CYS C 133 -19.45 10.72 33.44
CA CYS C 133 -20.60 9.96 32.98
C CYS C 133 -20.22 8.55 32.57
N TYR C 134 -21.20 7.66 32.65
CA TYR C 134 -21.01 6.29 32.21
C TYR C 134 -22.37 5.71 31.85
N GLY C 135 -22.37 4.52 31.25
CA GLY C 135 -23.60 3.88 30.81
C GLY C 135 -23.52 3.47 29.35
N GLN C 136 -24.69 3.39 28.72
CA GLN C 136 -24.78 2.98 27.33
C GLN C 136 -25.71 3.91 26.56
N ALA C 137 -25.56 3.94 25.24
CA ALA C 137 -26.35 4.80 24.38
C ALA C 137 -26.91 3.97 23.23
N LYS C 138 -28.21 4.10 23.00
CA LYS C 138 -28.85 3.45 21.87
C LYS C 138 -28.70 4.29 20.61
N LEU C 139 -28.18 3.67 19.56
CA LEU C 139 -28.09 4.27 18.24
C LEU C 139 -29.22 3.71 17.40
N HIS C 140 -30.07 4.60 16.88
CA HIS C 140 -31.17 4.23 16.00
C HIS C 140 -31.04 4.96 14.69
N GLN C 141 -30.97 4.23 13.57
CA GLN C 141 -30.93 4.90 12.29
C GLN C 141 -32.32 5.34 11.87
N ILE C 142 -32.41 6.60 11.45
CA ILE C 142 -33.65 7.19 10.98
C ILE C 142 -33.74 6.95 9.48
N ILE C 143 -32.73 7.42 8.77
CA ILE C 143 -32.62 7.14 7.34
C ILE C 143 -31.15 7.00 6.95
N PHE C 144 -30.82 5.87 6.34
CA PHE C 144 -29.47 5.63 5.86
C PHE C 144 -29.25 6.43 4.59
N PRO C 145 -28.12 7.15 4.51
CA PRO C 145 -27.08 7.25 5.54
C PRO C 145 -27.02 8.57 6.35
N PHE C 146 -28.07 9.40 6.28
CA PHE C 146 -27.95 10.81 6.68
C PHE C 146 -28.50 11.25 8.05
N LYS C 147 -29.34 10.43 8.69
CA LYS C 147 -30.00 10.84 9.94
C LYS C 147 -30.00 9.69 10.92
N LEU C 148 -29.60 10.00 12.15
CA LEU C 148 -29.56 9.04 13.25
C LEU C 148 -30.13 9.69 14.51
N PHE C 149 -30.60 8.85 15.44
CA PHE C 149 -31.23 9.31 16.67
C PHE C 149 -30.66 8.49 17.83
N TYR C 150 -30.17 9.18 18.86
CA TYR C 150 -29.53 8.54 19.99
C TYR C 150 -30.31 8.76 21.27
N THR C 151 -30.32 7.72 22.09
CA THR C 151 -30.79 7.82 23.46
C THR C 151 -29.62 7.47 24.37
N PHE C 152 -29.07 8.48 25.03
CA PHE C 152 -28.00 8.26 26.01
C PHE C 152 -28.65 7.93 27.35
N TYR C 153 -28.25 6.81 27.96
CA TYR C 153 -28.78 6.42 29.27
C TYR C 153 -27.67 6.78 30.25
N LEU C 154 -27.64 8.06 30.63
CA LEU C 154 -26.51 8.63 31.36
C LEU C 154 -26.57 8.36 32.85
N GLN C 155 -25.48 7.82 33.37
CA GLN C 155 -25.35 7.62 34.81
C GLN C 155 -24.18 8.46 35.33
N GLY C 156 -24.22 8.79 36.62
CA GLY C 156 -23.08 9.35 37.30
C GLY C 156 -22.93 10.87 37.25
N ILE C 157 -23.94 11.56 36.75
CA ILE C 157 -23.84 13.02 36.59
C ILE C 157 -25.01 13.75 37.22
N LYS C 158 -24.83 15.05 37.44
CA LYS C 158 -25.89 15.91 37.99
C LYS C 158 -27.08 16.01 37.04
N LYS C 159 -28.21 16.45 37.58
CA LYS C 159 -29.41 16.66 36.78
C LYS C 159 -29.09 17.51 35.55
N LEU C 160 -29.49 17.01 34.38
CA LEU C 160 -29.26 17.69 33.12
C LEU C 160 -30.02 19.01 33.04
N PRO C 161 -29.44 20.02 32.40
CA PRO C 161 -30.16 21.30 32.29
C PRO C 161 -31.42 21.13 31.46
N GLU C 162 -32.47 21.88 31.83
CA GLU C 162 -33.77 21.79 31.16
C GLU C 162 -33.70 21.96 29.65
N ALA C 163 -32.79 22.82 29.18
CA ALA C 163 -32.61 23.06 27.74
C ALA C 163 -32.28 21.79 26.96
N LEU C 164 -31.68 20.79 27.63
CA LEU C 164 -31.30 19.53 27.00
C LEU C 164 -32.37 18.46 27.15
N CYS C 165 -33.44 18.78 27.86
CA CYS C 165 -34.51 17.83 28.20
C CYS C 165 -35.88 18.28 27.73
N ALA C 166 -35.93 19.00 26.62
CA ALA C 166 -37.21 19.43 26.04
C ALA C 166 -37.97 18.22 25.48
N PRO C 167 -39.31 18.32 25.35
CA PRO C 167 -40.09 17.23 24.76
C PRO C 167 -39.51 16.76 23.42
N CYS C 168 -39.34 15.46 23.29
CA CYS C 168 -38.65 14.90 22.16
C CYS C 168 -39.58 14.73 20.96
N VAL C 169 -39.11 15.11 19.77
CA VAL C 169 -39.80 14.78 18.53
C VAL C 169 -39.67 13.27 18.31
N PRO C 170 -40.79 12.55 18.17
CA PRO C 170 -40.70 11.11 17.92
C PRO C 170 -39.92 10.86 16.63
N PRO C 171 -38.93 9.95 16.67
CA PRO C 171 -38.15 9.71 15.47
C PRO C 171 -38.97 9.07 14.34
N SER C 172 -38.77 9.58 13.13
CA SER C 172 -39.40 9.08 11.90
C SER C 172 -38.59 9.61 10.73
N PRO C 173 -38.72 9.00 9.53
CA PRO C 173 -37.91 9.41 8.38
C PRO C 173 -38.00 10.89 7.98
N SER C 174 -39.15 11.52 8.21
CA SER C 174 -39.39 12.88 7.72
C SER C 174 -38.91 13.99 8.65
N VAL C 175 -38.48 13.64 9.87
CA VAL C 175 -38.05 14.65 10.83
C VAL C 175 -36.81 15.41 10.35
N ALA C 176 -36.73 16.68 10.72
CA ALA C 176 -35.60 17.53 10.33
C ALA C 176 -35.50 18.69 11.31
N PRO C 177 -34.30 19.30 11.43
CA PRO C 177 -34.18 20.43 12.36
C PRO C 177 -35.07 21.60 11.96
N ALA C 178 -35.53 22.36 12.95
CA ALA C 178 -36.23 23.62 12.67
C ALA C 178 -35.31 24.52 11.84
N ASP C 179 -35.88 25.26 10.89
CA ASP C 179 -35.08 26.13 10.03
C ASP C 179 -34.17 27.06 10.83
N GLU C 180 -34.68 27.55 11.97
CA GLU C 180 -33.93 28.47 12.84
C GLU C 180 -32.72 27.80 13.49
N ALA C 181 -32.84 26.51 13.78
CA ALA C 181 -31.71 25.73 14.30
C ALA C 181 -30.71 25.44 13.20
N LYS C 182 -31.22 25.09 12.02
CA LYS C 182 -30.35 24.86 10.86
C LYS C 182 -29.53 26.10 10.54
N GLN C 183 -30.15 27.27 10.66
CA GLN C 183 -29.50 28.54 10.36
C GLN C 183 -28.69 29.08 11.55
N CYS C 184 -28.68 28.33 12.66
CA CYS C 184 -27.92 28.68 13.86
C CYS C 184 -28.29 30.04 14.43
N LEU C 185 -29.58 30.33 14.42
CA LEU C 185 -30.06 31.64 14.85
C LEU C 185 -30.17 31.72 16.36
N PRO C 186 -30.19 32.96 16.90
CA PRO C 186 -30.37 33.16 18.34
C PRO C 186 -31.60 32.45 18.87
N ASN C 187 -31.49 31.95 20.10
CA ASN C 187 -32.51 31.13 20.73
C ASN C 187 -32.53 29.69 20.22
N HIS C 188 -31.67 29.36 19.26
CA HIS C 188 -31.69 28.04 18.65
C HIS C 188 -30.35 27.36 18.57
N VAL C 189 -29.44 27.78 19.45
CA VAL C 189 -28.09 27.23 19.54
C VAL C 189 -27.69 27.00 21.00
N ALA C 190 -26.94 25.93 21.25
CA ALA C 190 -26.29 25.72 22.53
C ALA C 190 -25.30 26.87 22.79
N PRO C 191 -25.01 27.18 24.07
CA PRO C 191 -24.01 28.21 24.36
C PRO C 191 -22.69 27.86 23.70
N ASN C 192 -22.21 28.76 22.85
CA ASN C 192 -21.02 28.53 22.07
C ASN C 192 -21.04 27.15 21.43
N PHE C 193 -22.15 26.85 20.74
CA PHE C 193 -22.33 25.56 20.06
C PHE C 193 -21.10 25.19 19.24
N THR C 194 -20.76 23.90 19.24
CA THR C 194 -19.56 23.48 18.55
C THR C 194 -19.76 23.53 17.04
N LYS C 195 -18.86 24.22 16.36
CA LYS C 195 -18.92 24.39 14.91
C LYS C 195 -18.04 23.37 14.19
N HIS D 16 29.17 -24.85 -35.35
CA HIS D 16 28.52 -26.15 -35.08
C HIS D 16 27.40 -26.00 -34.09
N VAL D 17 26.25 -26.57 -34.44
CA VAL D 17 25.04 -26.41 -33.63
C VAL D 17 24.65 -27.73 -32.99
N GLN D 18 24.38 -27.68 -31.68
CA GLN D 18 23.81 -28.83 -30.97
C GLN D 18 22.39 -28.50 -30.55
N GLU D 19 21.44 -29.35 -30.90
CA GLU D 19 20.07 -29.13 -30.49
C GLU D 19 19.79 -29.71 -29.10
N LEU D 20 19.12 -28.93 -28.27
CA LEU D 20 18.69 -29.39 -26.95
C LEU D 20 17.19 -29.14 -26.84
N PHE D 21 16.42 -30.19 -26.52
CA PHE D 21 14.96 -30.06 -26.40
C PHE D 21 14.55 -29.98 -24.94
N VAL D 22 13.66 -29.06 -24.62
CA VAL D 22 13.21 -28.86 -23.24
C VAL D 22 11.69 -28.64 -23.21
N TYR D 23 11.03 -29.34 -22.30
CA TYR D 23 9.62 -29.09 -22.01
C TYR D 23 9.48 -28.18 -20.80
N GLU D 24 8.67 -27.13 -20.94
CA GLU D 24 8.37 -26.24 -19.83
C GLU D 24 6.90 -26.42 -19.49
N ILE D 25 6.62 -26.71 -18.22
N ILE D 25 6.62 -26.74 -18.22
CA ILE D 25 5.26 -26.97 -17.79
CA ILE D 25 5.26 -27.05 -17.78
C ILE D 25 4.94 -26.19 -16.54
C ILE D 25 4.91 -26.24 -16.54
N ASN D 26 3.81 -25.50 -16.59
CA ASN D 26 3.27 -24.84 -15.40
C ASN D 26 2.37 -25.84 -14.69
N GLU D 27 2.88 -26.44 -13.61
CA GLU D 27 2.11 -27.46 -12.88
C GLU D 27 1.21 -26.86 -11.79
N ARG D 28 1.08 -25.53 -11.83
CA ARG D 28 0.11 -24.81 -11.01
C ARG D 28 0.45 -24.88 -9.50
N ASP D 29 1.73 -25.07 -9.18
CA ASP D 29 2.17 -25.27 -7.79
C ASP D 29 3.22 -24.27 -7.33
N ARG D 30 3.46 -23.23 -8.13
N ARG D 30 3.49 -23.23 -8.13
CA ARG D 30 4.52 -22.25 -7.88
CA ARG D 30 4.50 -22.23 -7.81
C ARG D 30 3.92 -20.82 -7.80
C ARG D 30 3.91 -20.81 -7.73
N GLY D 31 2.59 -20.71 -7.74
CA GLY D 31 1.91 -19.40 -7.76
C GLY D 31 2.21 -18.55 -8.99
N SER D 32 2.47 -19.21 -10.11
CA SER D 32 2.94 -18.54 -11.31
C SER D 32 1.91 -18.70 -12.44
N PRO D 33 1.79 -17.71 -13.34
CA PRO D 33 2.48 -16.43 -13.38
C PRO D 33 1.80 -15.41 -12.50
N VAL D 34 2.48 -14.31 -12.23
CA VAL D 34 1.91 -13.20 -11.47
C VAL D 34 1.65 -12.07 -12.48
N PHE D 35 0.37 -11.82 -12.78
CA PHE D 35 0.03 -10.81 -13.77
C PHE D 35 -0.15 -9.46 -13.09
N LEU D 36 0.71 -8.51 -13.45
CA LEU D 36 0.69 -7.18 -12.86
C LEU D 36 0.11 -6.21 -13.88
N PRO D 37 -1.13 -5.74 -13.66
CA PRO D 37 -1.85 -5.02 -14.72
C PRO D 37 -1.44 -3.54 -14.85
N PHE D 38 -0.14 -3.29 -14.98
CA PHE D 38 0.38 -1.92 -14.93
C PHE D 38 0.14 -1.09 -16.19
N GLY D 39 -0.29 -1.73 -17.28
CA GLY D 39 -0.67 -0.99 -18.49
C GLY D 39 -1.90 -0.13 -18.25
N GLY D 40 -2.65 -0.48 -17.21
CA GLY D 40 -3.76 0.34 -16.71
C GLY D 40 -4.99 0.47 -17.57
N LYS D 41 -5.10 -0.38 -18.59
CA LYS D 41 -6.21 -0.28 -19.54
C LYS D 41 -7.42 -1.08 -19.10
N LYS D 42 -8.59 -0.46 -19.24
CA LYS D 42 -9.86 -1.06 -18.84
C LYS D 42 -10.86 -1.02 -19.99
N GLN D 43 -11.77 -1.99 -20.00
CA GLN D 43 -12.87 -2.02 -20.96
C GLN D 43 -13.84 -0.87 -20.65
N PRO D 44 -14.24 -0.09 -21.68
CA PRO D 44 -15.11 1.08 -21.46
C PRO D 44 -16.41 0.76 -20.72
N GLY D 45 -16.99 -0.40 -21.00
CA GLY D 45 -18.28 -0.78 -20.40
C GLY D 45 -18.17 -1.33 -18.99
N THR D 46 -17.35 -2.37 -18.82
CA THR D 46 -17.28 -3.13 -17.57
C THR D 46 -16.12 -2.74 -16.67
N ASP D 47 -15.15 -2.00 -17.22
CA ASP D 47 -13.90 -1.64 -16.53
C ASP D 47 -13.01 -2.86 -16.21
N ALA D 48 -13.24 -3.97 -16.93
CA ALA D 48 -12.38 -5.16 -16.84
C ALA D 48 -11.06 -4.92 -17.56
N HIS D 49 -10.04 -5.69 -17.21
CA HIS D 49 -8.69 -5.45 -17.73
C HIS D 49 -8.54 -5.68 -19.21
N VAL D 50 -7.86 -4.75 -19.87
CA VAL D 50 -7.46 -4.95 -21.26
C VAL D 50 -5.93 -5.02 -21.30
N ASN D 51 -5.40 -6.14 -21.82
CA ASN D 51 -3.94 -6.30 -21.94
C ASN D 51 -3.36 -5.19 -22.77
N SER D 52 -2.29 -4.58 -22.30
N SER D 52 -2.25 -4.62 -22.30
CA SER D 52 -1.66 -3.46 -23.01
CA SER D 52 -1.64 -3.48 -22.98
C SER D 52 -0.22 -3.24 -22.58
C SER D 52 -0.18 -3.33 -22.62
N LEU D 53 0.52 -2.52 -23.40
CA LEU D 53 1.90 -2.18 -23.14
C LEU D 53 2.12 -1.83 -21.67
N GLY D 54 3.04 -2.53 -21.04
CA GLY D 54 3.39 -2.22 -19.66
C GLY D 54 2.79 -3.09 -18.58
N ASP D 55 1.84 -3.94 -18.92
CA ASP D 55 1.52 -5.05 -18.03
C ASP D 55 2.83 -5.86 -17.87
N LEU D 56 3.12 -6.31 -16.65
CA LEU D 56 4.35 -7.06 -16.37
C LEU D 56 4.01 -8.44 -15.80
N VAL D 57 4.78 -9.45 -16.16
CA VAL D 57 4.46 -10.82 -15.75
C VAL D 57 5.71 -11.59 -15.30
N PRO D 58 6.00 -11.53 -14.00
CA PRO D 58 6.99 -12.44 -13.41
C PRO D 58 6.48 -13.87 -13.46
N PHE D 59 7.37 -14.83 -13.69
CA PHE D 59 6.94 -16.21 -13.80
C PHE D 59 8.05 -17.18 -13.49
N SER D 60 7.67 -18.42 -13.20
CA SER D 60 8.61 -19.51 -13.00
C SER D 60 7.88 -20.83 -13.12
N ASN D 61 8.29 -21.65 -14.09
CA ASN D 61 7.70 -22.97 -14.32
C ASN D 61 8.73 -24.06 -14.14
N LYS D 62 8.30 -25.33 -14.22
CA LYS D 62 9.20 -26.47 -14.19
C LYS D 62 9.66 -26.85 -15.57
N ILE D 63 10.88 -27.38 -15.66
CA ILE D 63 11.37 -27.88 -16.94
C ILE D 63 11.81 -29.33 -16.85
N TYR D 64 11.56 -30.04 -17.96
CA TYR D 64 11.87 -31.45 -18.11
C TYR D 64 12.66 -31.65 -19.40
N ASP D 65 13.38 -32.76 -19.49
CA ASP D 65 14.10 -33.07 -20.73
C ASP D 65 13.15 -33.50 -21.85
N GLY D 66 13.71 -33.69 -23.05
CA GLY D 66 12.90 -34.01 -24.23
C GLY D 66 12.15 -35.34 -24.10
N SER D 67 12.72 -36.28 -23.36
CA SER D 67 12.08 -37.59 -23.17
C SER D 67 10.93 -37.53 -22.16
N LEU D 68 10.83 -36.42 -21.43
CA LEU D 68 9.85 -36.27 -20.35
C LEU D 68 10.07 -37.22 -19.16
N LYS D 69 11.23 -37.87 -19.13
CA LYS D 69 11.56 -38.78 -18.04
C LYS D 69 12.39 -38.15 -16.92
N THR D 70 12.87 -36.92 -17.12
CA THR D 70 13.78 -36.31 -16.16
C THR D 70 13.35 -34.88 -15.86
N ARG D 71 13.13 -34.58 -14.57
CA ARG D 71 12.97 -33.21 -14.11
C ARG D 71 14.35 -32.57 -14.11
N LEU D 72 14.49 -31.46 -14.85
CA LEU D 72 15.77 -30.77 -14.92
C LEU D 72 15.90 -29.61 -13.95
N GLY D 73 14.83 -28.84 -13.78
CA GLY D 73 14.90 -27.61 -13.00
C GLY D 73 13.70 -26.75 -13.20
N ILE D 74 13.95 -25.45 -13.41
CA ILE D 74 12.90 -24.46 -13.56
C ILE D 74 13.25 -23.43 -14.62
N THR D 75 12.24 -22.70 -15.07
CA THR D 75 12.45 -21.40 -15.70
C THR D 75 12.20 -20.32 -14.66
N ALA D 76 12.76 -19.13 -14.90
CA ALA D 76 12.54 -17.99 -14.02
C ALA D 76 12.78 -16.72 -14.79
N GLY D 77 11.85 -15.77 -14.72
CA GLY D 77 12.08 -14.47 -15.36
C GLY D 77 10.87 -13.58 -15.38
N LEU D 78 10.85 -12.69 -16.37
CA LEU D 78 9.94 -11.56 -16.41
C LEU D 78 9.55 -11.28 -17.86
N CYS D 79 8.24 -11.21 -18.11
CA CYS D 79 7.75 -10.75 -19.41
C CYS D 79 7.17 -9.35 -19.32
N THR D 80 7.40 -8.55 -20.35
CA THR D 80 6.80 -7.22 -20.47
C THR D 80 5.80 -7.30 -21.62
N LEU D 81 4.53 -7.04 -21.32
CA LEU D 81 3.52 -7.06 -22.37
C LEU D 81 3.74 -5.86 -23.31
N ILE D 82 3.76 -6.11 -24.62
CA ILE D 82 4.04 -5.06 -25.60
C ILE D 82 2.79 -4.63 -26.34
N SER D 83 1.99 -5.59 -26.80
CA SER D 83 0.77 -5.26 -27.55
C SER D 83 -0.20 -6.43 -27.53
N HIS D 84 -1.48 -6.09 -27.64
CA HIS D 84 -2.55 -7.07 -27.74
C HIS D 84 -3.17 -7.00 -29.11
N SER D 85 -3.39 -8.16 -29.71
CA SER D 85 -4.07 -8.23 -31.01
C SER D 85 -5.43 -8.87 -30.87
N ASP D 86 -6.48 -8.09 -31.14
CA ASP D 86 -7.84 -8.62 -31.16
C ASP D 86 -8.03 -9.58 -32.34
N GLN D 87 -7.39 -9.24 -33.47
CA GLN D 87 -7.43 -10.07 -34.67
C GLN D 87 -6.86 -11.47 -34.40
N LYS D 88 -5.72 -11.52 -33.72
CA LYS D 88 -5.05 -12.78 -33.42
C LYS D 88 -5.47 -13.37 -32.08
N ASN D 89 -6.28 -12.64 -31.31
CA ASN D 89 -6.71 -13.06 -29.97
C ASN D 89 -5.51 -13.45 -29.10
N GLY D 90 -4.54 -12.55 -28.99
CA GLY D 90 -3.33 -12.85 -28.24
C GLY D 90 -2.44 -11.65 -28.08
N ASP D 91 -1.27 -11.88 -27.49
CA ASP D 91 -0.37 -10.79 -27.09
C ASP D 91 1.06 -11.05 -27.53
N ARG D 92 1.79 -9.94 -27.75
CA ARG D 92 3.23 -9.94 -27.88
C ARG D 92 3.83 -9.51 -26.55
N TYR D 93 4.75 -10.33 -26.04
CA TYR D 93 5.56 -10.01 -24.87
C TYR D 93 7.02 -9.91 -25.27
N GLU D 94 7.79 -9.14 -24.50
CA GLU D 94 9.24 -9.15 -24.57
C GLU D 94 9.72 -9.83 -23.30
N ALA D 95 10.47 -10.91 -23.45
CA ALA D 95 10.77 -11.80 -22.33
C ALA D 95 12.26 -11.85 -22.02
N LEU D 96 12.56 -11.92 -20.73
CA LEU D 96 13.90 -12.12 -20.22
C LEU D 96 13.79 -13.21 -19.18
N TYR D 97 14.43 -14.35 -19.43
CA TYR D 97 14.38 -15.45 -18.47
C TYR D 97 15.51 -16.41 -18.61
N SER D 98 15.65 -17.26 -17.59
CA SER D 98 16.65 -18.30 -17.61
C SER D 98 16.04 -19.68 -17.39
N PHE D 99 16.78 -20.67 -17.88
CA PHE D 99 16.47 -22.09 -17.71
C PHE D 99 17.55 -22.67 -16.80
N TYR D 100 17.13 -23.34 -15.71
CA TYR D 100 18.04 -23.88 -14.71
C TYR D 100 18.01 -25.39 -14.75
N PHE D 101 19.19 -26.00 -14.89
CA PHE D 101 19.34 -27.43 -15.13
C PHE D 101 20.13 -28.08 -14.00
N GLY D 102 19.91 -27.64 -12.76
CA GLY D 102 20.68 -28.18 -11.63
C GLY D 102 22.18 -27.97 -11.86
N ASP D 103 22.98 -28.98 -11.54
CA ASP D 103 24.43 -28.85 -11.64
C ASP D 103 24.95 -28.72 -13.06
N TYR D 104 24.12 -29.00 -14.08
CA TYR D 104 24.56 -28.74 -15.45
C TYR D 104 24.81 -27.25 -15.70
N GLY D 105 24.08 -26.39 -14.98
CA GLY D 105 24.19 -24.94 -15.17
C GLY D 105 22.89 -24.34 -15.63
N HIS D 106 22.98 -23.19 -16.30
CA HIS D 106 21.79 -22.47 -16.75
C HIS D 106 22.01 -21.93 -18.16
N ILE D 107 20.91 -21.64 -18.83
CA ILE D 107 20.93 -20.91 -20.11
C ILE D 107 20.03 -19.69 -19.93
N SER D 108 20.49 -18.53 -20.39
CA SER D 108 19.67 -17.33 -20.35
C SER D 108 19.20 -16.98 -21.76
N VAL D 109 18.01 -16.40 -21.85
CA VAL D 109 17.42 -16.03 -23.14
C VAL D 109 16.78 -14.63 -23.07
N GLN D 110 16.61 -14.03 -24.25
CA GLN D 110 16.01 -12.72 -24.38
C GLN D 110 15.34 -12.65 -25.73
N GLY D 111 14.09 -12.18 -25.76
CA GLY D 111 13.42 -12.02 -27.04
C GLY D 111 11.92 -12.15 -26.92
N PRO D 112 11.26 -12.45 -28.05
CA PRO D 112 9.80 -12.39 -28.12
C PRO D 112 9.09 -13.65 -27.64
N TYR D 113 8.03 -13.46 -26.85
CA TYR D 113 7.06 -14.51 -26.59
C TYR D 113 5.74 -14.01 -27.11
N ILE D 114 5.20 -14.72 -28.08
N ILE D 114 5.20 -14.73 -28.09
CA ILE D 114 3.96 -14.32 -28.73
CA ILE D 114 3.96 -14.36 -28.75
C ILE D 114 2.95 -15.43 -28.46
C ILE D 114 2.96 -15.46 -28.44
N THR D 115 1.83 -15.10 -27.84
CA THR D 115 0.91 -16.12 -27.30
C THR D 115 0.24 -16.96 -28.37
N TYR D 116 0.28 -16.50 -29.62
CA TYR D 116 -0.45 -17.17 -30.70
C TYR D 116 0.42 -17.78 -31.81
N GLU D 117 1.75 -17.69 -31.69
CA GLU D 117 2.64 -18.29 -32.68
C GLU D 117 4.04 -18.55 -32.13
N ASP D 118 4.77 -19.45 -32.79
CA ASP D 118 6.16 -19.72 -32.44
C ASP D 118 7.06 -18.50 -32.64
N SER D 119 8.18 -18.49 -31.94
CA SER D 119 9.14 -17.40 -32.07
C SER D 119 10.54 -17.91 -31.78
N TYR D 120 11.55 -17.07 -32.10
CA TYR D 120 12.94 -17.38 -31.79
C TYR D 120 13.52 -16.39 -30.80
N LEU D 121 14.04 -16.93 -29.70
N LEU D 121 14.06 -16.92 -29.70
CA LEU D 121 14.71 -16.17 -28.66
CA LEU D 121 14.71 -16.10 -28.69
C LEU D 121 16.21 -16.11 -28.97
C LEU D 121 16.21 -16.14 -28.87
N ALA D 122 16.88 -15.05 -28.50
CA ALA D 122 18.34 -15.05 -28.45
C ALA D 122 18.80 -15.84 -27.22
N ILE D 123 19.81 -16.68 -27.39
CA ILE D 123 20.51 -17.31 -26.28
C ILE D 123 21.62 -16.35 -25.89
N THR D 124 21.50 -15.76 -24.71
CA THR D 124 22.39 -14.67 -24.32
C THR D 124 23.64 -15.15 -23.57
N GLY D 125 23.66 -16.43 -23.18
CA GLY D 125 24.79 -17.00 -22.48
C GLY D 125 24.32 -18.07 -21.51
N GLY D 126 25.25 -18.54 -20.68
CA GLY D 126 24.92 -19.59 -19.74
C GLY D 126 26.03 -19.79 -18.72
N SER D 127 25.94 -20.90 -18.01
CA SER D 127 26.93 -21.26 -17.01
C SER D 127 27.08 -22.77 -17.00
N GLY D 128 28.10 -23.25 -16.31
CA GLY D 128 28.31 -24.70 -16.21
C GLY D 128 28.66 -25.24 -17.58
N ILE D 129 27.99 -26.32 -17.99
CA ILE D 129 28.27 -26.91 -19.31
C ILE D 129 27.80 -25.97 -20.43
N PHE D 130 27.01 -24.96 -20.07
CA PHE D 130 26.53 -23.98 -21.03
C PHE D 130 27.33 -22.68 -21.03
N ALA D 131 28.41 -22.61 -20.26
CA ALA D 131 29.22 -21.38 -20.22
C ALA D 131 29.73 -21.05 -21.61
N GLY D 132 29.49 -19.81 -22.04
CA GLY D 132 29.95 -19.35 -23.35
C GLY D 132 29.01 -19.70 -24.48
N CYS D 133 27.84 -20.27 -24.17
CA CYS D 133 26.91 -20.61 -25.25
C CYS D 133 26.33 -19.38 -25.93
N TYR D 134 25.92 -19.59 -27.18
CA TYR D 134 25.27 -18.55 -27.96
C TYR D 134 24.41 -19.23 -29.02
N GLY D 135 23.62 -18.43 -29.71
CA GLY D 135 22.69 -18.96 -30.70
C GLY D 135 21.28 -18.47 -30.49
N GLN D 136 20.32 -19.27 -30.94
CA GLN D 136 18.92 -18.92 -30.84
C GLN D 136 18.13 -20.15 -30.37
N ALA D 137 16.95 -19.91 -29.82
CA ALA D 137 16.09 -20.98 -29.33
C ALA D 137 14.69 -20.80 -29.89
N LYS D 138 14.12 -21.87 -30.43
CA LYS D 138 12.75 -21.83 -30.89
C LYS D 138 11.80 -22.12 -29.73
N LEU D 139 10.85 -21.21 -29.52
CA LEU D 139 9.78 -21.37 -28.54
C LEU D 139 8.53 -21.83 -29.28
N HIS D 140 8.02 -23.01 -28.91
CA HIS D 140 6.77 -23.53 -29.44
C HIS D 140 5.75 -23.70 -28.34
N GLN D 141 4.61 -23.01 -28.43
CA GLN D 141 3.58 -23.17 -27.42
C GLN D 141 2.70 -24.39 -27.73
N ILE D 142 2.57 -25.28 -26.75
CA ILE D 142 1.72 -26.47 -26.93
C ILE D 142 0.30 -26.19 -26.43
N ILE D 143 0.19 -25.68 -25.21
CA ILE D 143 -1.07 -25.24 -24.61
C ILE D 143 -0.85 -23.88 -23.95
N PHE D 144 -1.64 -22.89 -24.34
CA PHE D 144 -1.54 -21.55 -23.75
C PHE D 144 -2.06 -21.46 -22.31
N PRO D 145 -1.22 -20.99 -21.37
CA PRO D 145 0.21 -20.77 -21.43
C PRO D 145 0.93 -21.82 -20.58
N PHE D 146 0.30 -22.98 -20.39
CA PHE D 146 0.78 -23.95 -19.41
C PHE D 146 1.81 -24.98 -19.90
N LYS D 147 1.95 -25.16 -21.21
CA LYS D 147 2.90 -26.15 -21.72
C LYS D 147 3.59 -25.61 -22.95
N LEU D 148 4.92 -25.59 -22.91
CA LEU D 148 5.74 -25.08 -24.01
C LEU D 148 6.88 -26.04 -24.28
N PHE D 149 7.43 -25.96 -25.48
CA PHE D 149 8.48 -26.85 -25.95
C PHE D 149 9.54 -26.01 -26.65
N TYR D 150 10.80 -26.16 -26.23
CA TYR D 150 11.90 -25.36 -26.76
C TYR D 150 12.91 -26.21 -27.51
N THR D 151 13.43 -25.65 -28.59
CA THR D 151 14.58 -26.23 -29.26
C THR D 151 15.71 -25.21 -29.16
N PHE D 152 16.72 -25.49 -28.34
CA PHE D 152 17.88 -24.60 -28.23
C PHE D 152 18.87 -25.02 -29.31
N TYR D 153 19.27 -24.08 -30.16
CA TYR D 153 20.29 -24.32 -31.19
C TYR D 153 21.60 -23.80 -30.63
N LEU D 154 22.23 -24.64 -29.81
CA LEU D 154 23.38 -24.21 -29.01
C LEU D 154 24.70 -24.25 -29.76
N GLN D 155 25.38 -23.10 -29.76
CA GLN D 155 26.73 -23.01 -30.29
C GLN D 155 27.71 -22.66 -29.19
N GLY D 156 28.99 -22.98 -29.42
CA GLY D 156 30.08 -22.54 -28.57
C GLY D 156 30.40 -23.41 -27.36
N ILE D 157 29.75 -24.56 -27.23
CA ILE D 157 29.97 -25.39 -26.05
C ILE D 157 30.40 -26.80 -26.40
N LYS D 158 30.95 -27.52 -25.42
CA LYS D 158 31.37 -28.89 -25.63
C LYS D 158 30.16 -29.81 -25.82
N LYS D 159 30.41 -31.02 -26.31
CA LYS D 159 29.35 -31.99 -26.56
C LYS D 159 28.45 -32.19 -25.33
N LEU D 160 27.15 -32.06 -25.54
CA LEU D 160 26.18 -32.22 -24.46
C LEU D 160 26.22 -33.63 -23.90
N PRO D 161 26.00 -33.78 -22.58
CA PRO D 161 25.96 -35.13 -22.03
C PRO D 161 24.79 -35.93 -22.58
N GLU D 162 24.95 -37.24 -22.72
CA GLU D 162 23.92 -38.11 -23.29
C GLU D 162 22.58 -38.01 -22.56
N ALA D 163 22.61 -37.75 -21.26
CA ALA D 163 21.39 -37.66 -20.46
C ALA D 163 20.47 -36.56 -20.96
N LEU D 164 21.03 -35.54 -21.62
CA LEU D 164 20.23 -34.43 -22.12
C LEU D 164 19.77 -34.62 -23.57
N CYS D 165 20.14 -35.76 -24.16
CA CYS D 165 19.88 -36.01 -25.58
C CYS D 165 19.12 -37.31 -25.83
N ALA D 166 18.27 -37.70 -24.89
CA ALA D 166 17.46 -38.91 -25.03
C ALA D 166 16.42 -38.69 -26.12
N PRO D 167 15.89 -39.78 -26.70
CA PRO D 167 14.86 -39.60 -27.74
C PRO D 167 13.69 -38.73 -27.24
N CYS D 168 13.27 -37.82 -28.10
CA CYS D 168 12.37 -36.76 -27.71
C CYS D 168 10.92 -37.11 -27.99
N VAL D 169 10.08 -36.96 -26.97
CA VAL D 169 8.63 -37.10 -27.14
C VAL D 169 8.15 -36.01 -28.10
N PRO D 170 7.41 -36.37 -29.16
CA PRO D 170 6.89 -35.32 -30.05
C PRO D 170 5.89 -34.43 -29.30
N PRO D 171 6.02 -33.10 -29.42
CA PRO D 171 5.12 -32.25 -28.64
C PRO D 171 3.67 -32.31 -29.12
N SER D 172 2.74 -32.43 -28.17
CA SER D 172 1.30 -32.40 -28.44
C SER D 172 0.59 -32.10 -27.11
N PRO D 173 -0.69 -31.66 -27.16
CA PRO D 173 -1.34 -31.21 -25.92
C PRO D 173 -1.41 -32.23 -24.77
N SER D 174 -1.45 -33.52 -25.10
CA SER D 174 -1.62 -34.55 -24.06
C SER D 174 -0.33 -34.94 -23.34
N VAL D 175 0.84 -34.55 -23.84
CA VAL D 175 2.08 -35.04 -23.26
C VAL D 175 2.23 -34.61 -21.80
N ALA D 176 2.90 -35.46 -21.03
CA ALA D 176 3.03 -35.24 -19.60
C ALA D 176 4.35 -35.81 -19.14
N PRO D 177 4.95 -35.22 -18.09
CA PRO D 177 6.12 -35.85 -17.50
C PRO D 177 5.80 -37.25 -17.00
N ALA D 178 6.78 -38.14 -17.08
CA ALA D 178 6.64 -39.45 -16.43
C ALA D 178 6.35 -39.25 -14.95
N ASP D 179 5.60 -40.19 -14.35
CA ASP D 179 5.32 -40.10 -12.92
C ASP D 179 6.58 -39.89 -12.09
N GLU D 180 7.62 -40.64 -12.43
CA GLU D 180 8.86 -40.61 -11.66
C GLU D 180 9.58 -39.27 -11.75
N ALA D 181 9.42 -38.56 -12.88
CA ALA D 181 9.94 -37.21 -13.05
C ALA D 181 9.07 -36.19 -12.31
N LYS D 182 7.75 -36.31 -12.43
CA LYS D 182 6.85 -35.40 -11.69
C LYS D 182 7.10 -35.51 -10.18
N GLN D 183 7.32 -36.74 -9.71
CA GLN D 183 7.57 -36.99 -8.29
C GLN D 183 9.02 -36.77 -7.86
N CYS D 184 9.88 -36.39 -8.80
CA CYS D 184 11.30 -36.11 -8.52
C CYS D 184 12.00 -37.26 -7.81
N LEU D 185 11.84 -38.45 -8.37
CA LEU D 185 12.48 -39.65 -7.84
C LEU D 185 13.93 -39.81 -8.31
N PRO D 186 14.74 -40.56 -7.55
CA PRO D 186 16.12 -40.77 -7.95
C PRO D 186 16.21 -41.33 -9.37
N ASN D 187 17.23 -40.91 -10.11
CA ASN D 187 17.41 -41.31 -11.51
C ASN D 187 16.40 -40.70 -12.48
N HIS D 188 15.53 -39.82 -11.96
CA HIS D 188 14.58 -39.10 -12.82
C HIS D 188 14.64 -37.61 -12.58
N VAL D 189 15.79 -37.18 -12.07
CA VAL D 189 16.08 -35.76 -11.87
C VAL D 189 17.51 -35.47 -12.31
N ALA D 190 17.76 -34.24 -12.75
CA ALA D 190 19.14 -33.81 -12.98
C ALA D 190 19.92 -33.83 -11.66
N PRO D 191 21.25 -33.96 -11.75
CA PRO D 191 22.07 -33.82 -10.53
C PRO D 191 21.79 -32.46 -9.88
N ASN D 192 21.43 -32.49 -8.60
N ASN D 192 21.49 -32.49 -8.59
CA ASN D 192 21.05 -31.29 -7.86
CA ASN D 192 21.05 -31.31 -7.84
C ASN D 192 20.05 -30.42 -8.62
C ASN D 192 20.06 -30.45 -8.62
N PHE D 193 19.04 -31.08 -9.19
CA PHE D 193 18.02 -30.39 -9.99
C PHE D 193 17.48 -29.15 -9.29
N THR D 194 17.21 -28.13 -10.08
CA THR D 194 16.78 -26.86 -9.53
C THR D 194 15.34 -26.91 -9.04
N LYS D 195 15.16 -26.56 -7.76
CA LYS D 195 13.84 -26.60 -7.13
C LYS D 195 13.16 -25.24 -7.16
N HIS E 16 40.54 -18.30 -24.48
CA HIS E 16 41.33 -17.95 -23.26
C HIS E 16 40.51 -17.15 -22.29
N VAL E 17 40.54 -17.56 -21.03
CA VAL E 17 39.79 -16.89 -19.98
C VAL E 17 40.68 -15.90 -19.21
N GLN E 18 40.17 -14.69 -19.02
CA GLN E 18 40.81 -13.69 -18.17
C GLN E 18 39.93 -13.43 -16.96
N GLU E 19 40.49 -13.56 -15.77
CA GLU E 19 39.74 -13.26 -14.55
C GLU E 19 39.77 -11.76 -14.25
N LEU E 20 38.60 -11.23 -13.90
CA LEU E 20 38.44 -9.87 -13.43
C LEU E 20 37.68 -9.92 -12.11
N PHE E 21 38.30 -9.38 -11.06
CA PHE E 21 37.71 -9.33 -9.73
C PHE E 21 37.08 -7.98 -9.46
N VAL E 22 35.85 -7.98 -8.95
CA VAL E 22 35.14 -6.74 -8.69
C VAL E 22 34.43 -6.81 -7.34
N TYR E 23 34.62 -5.78 -6.50
CA TYR E 23 33.84 -5.62 -5.28
C TYR E 23 32.64 -4.72 -5.54
N GLU E 24 31.47 -5.14 -5.07
CA GLU E 24 30.26 -4.33 -5.15
C GLU E 24 29.81 -4.00 -3.74
N ILE E 25 29.59 -2.72 -3.46
CA ILE E 25 29.27 -2.26 -2.11
C ILE E 25 28.05 -1.36 -2.14
N ASN E 26 27.06 -1.65 -1.28
CA ASN E 26 26.01 -0.68 -1.05
C ASN E 26 26.45 0.26 0.07
N GLU E 27 26.83 1.49 -0.29
CA GLU E 27 27.30 2.46 0.70
C GLU E 27 26.19 3.33 1.28
N ARG E 28 24.95 2.94 1.01
CA ARG E 28 23.76 3.53 1.67
C ARG E 28 23.53 4.98 1.24
N ASP E 29 24.04 5.33 0.06
CA ASP E 29 24.02 6.72 -0.39
C ASP E 29 23.43 6.91 -1.79
N ARG E 30 22.78 5.88 -2.30
CA ARG E 30 22.20 5.90 -3.66
C ARG E 30 20.69 5.60 -3.64
N GLY E 31 20.09 5.63 -2.45
CA GLY E 31 18.67 5.33 -2.27
C GLY E 31 18.31 3.92 -2.74
N SER E 32 19.26 3.00 -2.62
CA SER E 32 19.13 1.65 -3.18
C SER E 32 19.14 0.60 -2.06
N PRO E 33 18.41 -0.52 -2.26
CA PRO E 33 17.56 -0.85 -3.40
C PRO E 33 16.14 -0.34 -3.18
N VAL E 34 15.28 -0.54 -4.17
CA VAL E 34 13.86 -0.21 -4.03
C VAL E 34 13.08 -1.53 -4.06
N PHE E 35 12.54 -1.93 -2.93
CA PHE E 35 11.81 -3.18 -2.86
C PHE E 35 10.33 -2.94 -3.15
N LEU E 36 9.86 -3.50 -4.25
CA LEU E 36 8.48 -3.34 -4.69
C LEU E 36 7.72 -4.64 -4.43
N PRO E 37 6.81 -4.65 -3.43
CA PRO E 37 6.20 -5.89 -2.97
C PRO E 37 5.02 -6.37 -3.82
N PHE E 38 5.25 -6.47 -5.12
CA PHE E 38 4.19 -6.76 -6.08
C PHE E 38 3.73 -8.22 -6.06
N GLY E 39 4.48 -9.10 -5.40
CA GLY E 39 4.07 -10.51 -5.26
C GLY E 39 2.83 -10.68 -4.41
N GLY E 40 2.57 -9.68 -3.56
CA GLY E 40 1.33 -9.60 -2.79
C GLY E 40 1.10 -10.68 -1.75
N LYS E 41 2.08 -11.54 -1.51
CA LYS E 41 1.88 -12.64 -0.55
C LYS E 41 1.86 -12.12 0.88
N LYS E 42 0.94 -12.66 1.70
CA LYS E 42 0.76 -12.23 3.09
C LYS E 42 0.89 -13.40 4.08
N GLN E 43 1.47 -13.11 5.24
CA GLN E 43 1.67 -14.12 6.28
C GLN E 43 0.39 -14.35 7.08
N PRO E 44 -0.02 -15.62 7.27
CA PRO E 44 -1.21 -15.86 8.08
C PRO E 44 -1.08 -15.25 9.49
N GLY E 45 -2.18 -14.71 10.01
CA GLY E 45 -2.17 -14.21 11.39
C GLY E 45 -1.67 -12.79 11.56
N THR E 46 -0.59 -12.44 10.85
CA THR E 46 0.00 -11.10 10.96
C THR E 46 -0.34 -10.21 9.77
N ASP E 47 -0.62 -10.82 8.63
CA ASP E 47 -0.79 -10.12 7.35
C ASP E 47 0.46 -9.39 6.90
N ALA E 48 1.62 -9.78 7.43
CA ALA E 48 2.89 -9.20 7.02
C ALA E 48 3.21 -9.59 5.58
N HIS E 49 3.97 -8.73 4.91
CA HIS E 49 4.46 -9.12 3.60
C HIS E 49 5.32 -10.36 3.69
N VAL E 50 5.15 -11.29 2.74
CA VAL E 50 6.05 -12.41 2.57
C VAL E 50 6.68 -12.31 1.19
N ASN E 51 8.02 -12.35 1.11
CA ASN E 51 8.72 -12.33 -0.17
C ASN E 51 8.24 -13.48 -1.03
N SER E 52 7.92 -13.18 -2.29
N SER E 52 7.87 -13.17 -2.27
CA SER E 52 7.33 -14.18 -3.16
CA SER E 52 7.36 -14.20 -3.17
C SER E 52 7.48 -13.77 -4.61
C SER E 52 7.56 -13.80 -4.62
N LEU E 53 7.30 -14.74 -5.50
CA LEU E 53 7.36 -14.54 -6.94
C LEU E 53 6.63 -13.26 -7.29
N GLY E 54 7.31 -12.37 -8.00
CA GLY E 54 6.62 -11.15 -8.42
C GLY E 54 7.04 -9.86 -7.72
N ASP E 55 7.62 -9.96 -6.54
CA ASP E 55 8.27 -8.80 -5.93
C ASP E 55 9.41 -8.38 -6.89
N LEU E 56 9.60 -7.07 -7.07
CA LEU E 56 10.63 -6.58 -8.00
C LEU E 56 11.57 -5.65 -7.26
N VAL E 57 12.85 -5.68 -7.62
CA VAL E 57 13.85 -4.90 -6.90
C VAL E 57 14.85 -4.21 -7.83
N PRO E 58 14.53 -2.98 -8.27
CA PRO E 58 15.53 -2.13 -8.90
C PRO E 58 16.66 -1.80 -7.92
N PHE E 59 17.89 -1.70 -8.40
CA PHE E 59 19.01 -1.40 -7.52
C PHE E 59 20.19 -0.80 -8.29
N SER E 60 21.06 -0.14 -7.54
CA SER E 60 22.32 0.36 -8.09
C SER E 60 23.33 0.58 -6.95
N ASN E 61 24.43 -0.16 -6.99
CA ASN E 61 25.49 -0.04 -5.98
C ASN E 61 26.78 0.52 -6.58
N LYS E 62 27.80 0.70 -5.75
CA LYS E 62 29.12 1.15 -6.24
C LYS E 62 30.03 -0.05 -6.47
N ILE E 63 30.94 0.04 -7.45
CA ILE E 63 31.93 -1.01 -7.66
C ILE E 63 33.35 -0.50 -7.59
N TYR E 64 34.22 -1.36 -7.06
CA TYR E 64 35.63 -1.10 -6.86
C TYR E 64 36.43 -2.24 -7.46
N ASP E 65 37.71 -2.00 -7.75
CA ASP E 65 38.57 -3.06 -8.28
C ASP E 65 38.94 -4.08 -7.18
N GLY E 66 39.59 -5.15 -7.59
CA GLY E 66 39.94 -6.22 -6.66
C GLY E 66 40.85 -5.80 -5.52
N SER E 67 41.69 -4.79 -5.77
CA SER E 67 42.60 -4.30 -4.74
C SER E 67 41.93 -3.35 -3.76
N LEU E 68 40.68 -2.98 -4.06
CA LEU E 68 39.89 -2.02 -3.26
C LEU E 68 40.49 -0.61 -3.22
N LYS E 69 41.44 -0.33 -4.12
CA LYS E 69 42.10 0.96 -4.19
C LYS E 69 41.46 1.92 -5.20
N THR E 70 40.60 1.39 -6.08
CA THR E 70 40.04 2.20 -7.15
C THR E 70 38.52 2.10 -7.22
N ARG E 71 37.86 3.25 -7.18
CA ARG E 71 36.44 3.32 -7.52
C ARG E 71 36.31 3.18 -9.04
N LEU E 72 35.57 2.16 -9.49
CA LEU E 72 35.41 1.91 -10.92
C LEU E 72 34.14 2.52 -11.51
N GLY E 73 33.06 2.46 -10.74
CA GLY E 73 31.78 2.88 -11.26
C GLY E 73 30.64 2.34 -10.42
N ILE E 74 29.61 1.79 -11.08
CA ILE E 74 28.39 1.35 -10.40
C ILE E 74 27.90 0.05 -11.02
N THR E 75 27.00 -0.63 -10.30
CA THR E 75 26.09 -1.60 -10.91
C THR E 75 24.74 -0.91 -11.08
N ALA E 76 23.93 -1.46 -11.99
CA ALA E 76 22.58 -0.93 -12.21
C ALA E 76 21.73 -2.02 -12.80
N GLY E 77 20.54 -2.24 -12.23
CA GLY E 77 19.62 -3.18 -12.86
C GLY E 77 18.42 -3.52 -12.03
N LEU E 78 17.92 -4.75 -12.23
CA LEU E 78 16.59 -5.14 -11.79
C LEU E 78 16.60 -6.62 -11.41
N CYS E 79 16.17 -6.93 -10.18
CA CYS E 79 15.98 -8.31 -9.74
C CYS E 79 14.51 -8.64 -9.65
N THR E 80 14.15 -9.81 -10.15
CA THR E 80 12.78 -10.33 -10.07
C THR E 80 12.78 -11.45 -9.05
N LEU E 81 12.05 -11.29 -7.95
CA LEU E 81 12.05 -12.34 -6.92
C LEU E 81 11.31 -13.56 -7.45
N ILE E 82 11.91 -14.74 -7.28
CA ILE E 82 11.35 -16.00 -7.79
C ILE E 82 10.76 -16.87 -6.70
N SER E 83 11.52 -17.05 -5.61
CA SER E 83 11.05 -17.91 -4.52
C SER E 83 11.75 -17.57 -3.22
N HIS E 84 11.05 -17.77 -2.12
CA HIS E 84 11.60 -17.59 -0.80
C HIS E 84 11.80 -18.92 -0.15
N SER E 85 12.93 -19.08 0.53
CA SER E 85 13.22 -20.29 1.30
C SER E 85 13.22 -19.99 2.79
N ASP E 86 12.26 -20.56 3.50
CA ASP E 86 12.27 -20.49 4.95
C ASP E 86 13.48 -21.21 5.51
N GLN E 87 13.77 -22.38 4.95
CA GLN E 87 14.87 -23.24 5.40
C GLN E 87 16.24 -22.56 5.30
N LYS E 88 16.46 -21.85 4.19
CA LYS E 88 17.75 -21.22 3.93
C LYS E 88 17.78 -19.76 4.37
N ASN E 89 16.62 -19.26 4.81
CA ASN E 89 16.44 -17.86 5.21
C ASN E 89 16.91 -16.87 4.14
N GLY E 90 16.31 -16.97 2.97
CA GLY E 90 16.65 -16.05 1.89
C GLY E 90 15.83 -16.29 0.66
N ASP E 91 16.26 -15.67 -0.44
CA ASP E 91 15.45 -15.64 -1.64
C ASP E 91 16.27 -15.95 -2.88
N ARG E 92 15.61 -16.58 -3.86
CA ARG E 92 16.13 -16.68 -5.22
C ARG E 92 15.53 -15.56 -6.05
N TYR E 93 16.41 -14.81 -6.73
CA TYR E 93 16.00 -13.83 -7.73
C TYR E 93 16.50 -14.23 -9.11
N GLU E 94 15.84 -13.69 -10.13
CA GLU E 94 16.36 -13.71 -11.50
C GLU E 94 16.79 -12.28 -11.79
N ALA E 95 18.06 -12.08 -12.13
CA ALA E 95 18.64 -10.74 -12.18
C ALA E 95 19.15 -10.37 -13.55
N LEU E 96 18.94 -9.09 -13.90
CA LEU E 96 19.59 -8.49 -15.06
C LEU E 96 20.21 -7.19 -14.61
N TYR E 97 21.51 -7.07 -14.81
CA TYR E 97 22.19 -5.84 -14.44
C TYR E 97 23.48 -5.67 -15.19
N SER E 98 23.98 -4.44 -15.15
CA SER E 98 25.26 -4.11 -15.76
C SER E 98 26.22 -3.53 -14.75
N PHE E 99 27.50 -3.68 -15.07
CA PHE E 99 28.63 -3.12 -14.35
C PHE E 99 29.25 -2.06 -15.25
N TYR E 100 29.39 -0.84 -14.70
CA TYR E 100 29.92 0.31 -15.43
C TYR E 100 31.27 0.67 -14.86
N PHE E 101 32.25 0.74 -15.76
CA PHE E 101 33.66 0.94 -15.40
C PHE E 101 34.18 2.25 -15.99
N GLY E 102 33.35 3.29 -15.99
CA GLY E 102 33.79 4.58 -16.56
C GLY E 102 34.16 4.39 -18.01
N ASP E 103 35.24 5.02 -18.44
CA ASP E 103 35.65 4.96 -19.85
C ASP E 103 36.06 3.57 -20.34
N TYR E 104 36.31 2.63 -19.43
CA TYR E 104 36.66 1.28 -19.86
C TYR E 104 35.49 0.63 -20.59
N GLY E 105 34.27 0.99 -20.22
CA GLY E 105 33.08 0.39 -20.81
C GLY E 105 32.20 -0.28 -19.76
N HIS E 106 31.40 -1.25 -20.21
CA HIS E 106 30.50 -1.96 -19.30
C HIS E 106 30.46 -3.43 -19.59
N ILE E 107 29.98 -4.21 -18.61
CA ILE E 107 29.69 -5.63 -18.77
C ILE E 107 28.24 -5.83 -18.34
N SER E 108 27.48 -6.58 -19.13
CA SER E 108 26.11 -6.96 -18.78
C SER E 108 26.05 -8.41 -18.33
N VAL E 109 25.19 -8.69 -17.35
CA VAL E 109 24.99 -10.04 -16.83
C VAL E 109 23.51 -10.39 -16.70
N GLN E 110 23.23 -11.68 -16.71
CA GLN E 110 21.87 -12.21 -16.59
C GLN E 110 21.93 -13.54 -15.88
N GLY E 111 21.04 -13.78 -14.92
CA GLY E 111 20.97 -15.10 -14.32
C GLY E 111 20.61 -15.05 -12.85
N PRO E 112 21.04 -16.09 -12.11
CA PRO E 112 20.55 -16.26 -10.74
C PRO E 112 21.29 -15.39 -9.71
N TYR E 113 20.51 -14.76 -8.85
CA TYR E 113 21.03 -14.01 -7.71
C TYR E 113 20.33 -14.61 -6.50
N ILE E 114 21.10 -15.29 -5.65
CA ILE E 114 20.54 -16.05 -4.56
C ILE E 114 21.13 -15.49 -3.27
N THR E 115 20.29 -15.05 -2.35
CA THR E 115 20.78 -14.26 -1.23
C THR E 115 21.64 -15.08 -0.29
N TYR E 116 21.45 -16.41 -0.30
CA TYR E 116 22.06 -17.32 0.67
C TYR E 116 23.19 -18.20 0.13
N GLU E 117 23.55 -18.07 -1.14
CA GLU E 117 24.62 -18.91 -1.69
C GLU E 117 25.20 -18.33 -2.97
N ASP E 118 26.39 -18.78 -3.33
CA ASP E 118 27.04 -18.29 -4.55
C ASP E 118 26.31 -18.80 -5.78
N SER E 119 26.48 -18.10 -6.88
CA SER E 119 25.89 -18.54 -8.14
C SER E 119 26.76 -18.09 -9.30
N TYR E 120 26.44 -18.57 -10.49
CA TYR E 120 27.10 -18.14 -11.73
C TYR E 120 26.14 -17.44 -12.65
N LEU E 121 26.46 -16.20 -13.01
CA LEU E 121 25.67 -15.42 -13.95
C LEU E 121 26.23 -15.59 -15.35
N ALA E 122 25.37 -15.48 -16.37
CA ALA E 122 25.86 -15.37 -17.76
C ALA E 122 26.41 -13.97 -17.99
N ILE E 123 27.57 -13.87 -18.65
CA ILE E 123 28.06 -12.60 -19.17
C ILE E 123 27.44 -12.44 -20.55
N THR E 124 26.53 -11.49 -20.70
CA THR E 124 25.77 -11.40 -21.94
C THR E 124 26.42 -10.50 -22.98
N GLY E 125 27.45 -9.77 -22.59
CA GLY E 125 28.21 -8.91 -23.51
C GLY E 125 28.70 -7.69 -22.81
N GLY E 126 29.23 -6.74 -23.57
CA GLY E 126 29.76 -5.53 -22.98
C GLY E 126 30.07 -4.49 -24.03
N SER E 127 30.80 -3.47 -23.61
CA SER E 127 31.19 -2.37 -24.48
C SER E 127 32.58 -1.92 -24.12
N GLY E 128 33.18 -1.08 -24.98
CA GLY E 128 34.51 -0.57 -24.72
C GLY E 128 35.51 -1.70 -24.75
N ILE E 129 36.35 -1.79 -23.71
CA ILE E 129 37.33 -2.87 -23.67
C ILE E 129 36.65 -4.24 -23.52
N PHE E 130 35.37 -4.23 -23.15
CA PHE E 130 34.60 -5.46 -22.96
C PHE E 130 33.72 -5.80 -24.15
N ALA E 131 33.82 -5.03 -25.24
CA ALA E 131 32.97 -5.30 -26.40
C ALA E 131 33.25 -6.70 -26.92
N GLY E 132 32.20 -7.47 -27.12
CA GLY E 132 32.32 -8.84 -27.60
C GLY E 132 32.62 -9.86 -26.53
N CYS E 133 32.61 -9.47 -25.25
CA CYS E 133 32.90 -10.43 -24.20
C CYS E 133 31.79 -11.47 -24.02
N TYR E 134 32.19 -12.63 -23.48
CA TYR E 134 31.24 -13.68 -23.17
C TYR E 134 31.83 -14.55 -22.06
N GLY E 135 31.02 -15.45 -21.53
CA GLY E 135 31.46 -16.32 -20.44
C GLY E 135 30.50 -16.29 -19.27
N GLN E 136 31.02 -16.58 -18.09
CA GLN E 136 30.21 -16.59 -16.88
C GLN E 136 30.93 -15.85 -15.76
N ALA E 137 30.18 -15.44 -14.75
CA ALA E 137 30.73 -14.70 -13.61
C ALA E 137 30.22 -15.30 -12.33
N LYS E 138 31.14 -15.55 -11.41
CA LYS E 138 30.78 -16.04 -10.10
C LYS E 138 30.42 -14.89 -9.16
N LEU E 139 29.23 -14.99 -8.58
CA LEU E 139 28.72 -14.04 -7.60
C LEU E 139 28.88 -14.66 -6.22
N HIS E 140 29.63 -13.98 -5.35
CA HIS E 140 29.81 -14.42 -3.96
C HIS E 140 29.33 -13.36 -3.00
N GLN E 141 28.39 -13.73 -2.11
CA GLN E 141 27.97 -12.80 -1.05
C GLN E 141 29.03 -12.78 0.04
N ILE E 142 29.54 -11.60 0.35
CA ILE E 142 30.44 -11.46 1.48
C ILE E 142 29.60 -11.23 2.74
N ILE E 143 28.79 -10.18 2.70
N ILE E 143 28.81 -10.16 2.69
CA ILE E 143 27.75 -9.98 3.70
CA ILE E 143 27.76 -9.89 3.68
C ILE E 143 26.54 -9.42 2.99
C ILE E 143 26.55 -9.41 2.91
N PHE E 144 25.57 -10.28 2.72
CA PHE E 144 24.35 -9.88 2.04
C PHE E 144 23.63 -8.87 2.94
N PRO E 145 23.15 -7.75 2.35
CA PRO E 145 23.20 -7.32 0.95
C PRO E 145 24.23 -6.22 0.69
N PHE E 146 25.08 -5.93 1.66
CA PHE E 146 25.98 -4.77 1.57
C PHE E 146 27.27 -4.96 0.79
N LYS E 147 27.82 -6.17 0.80
CA LYS E 147 29.13 -6.42 0.19
C LYS E 147 29.10 -7.71 -0.61
N LEU E 148 29.41 -7.59 -1.89
CA LEU E 148 29.43 -8.72 -2.82
C LEU E 148 30.76 -8.72 -3.56
N PHE E 149 31.16 -9.90 -4.03
CA PHE E 149 32.43 -10.06 -4.74
C PHE E 149 32.21 -10.90 -5.99
N TYR E 150 32.69 -10.41 -7.13
CA TYR E 150 32.52 -11.11 -8.40
C TYR E 150 33.85 -11.52 -8.99
N THR E 151 33.84 -12.72 -9.59
CA THR E 151 34.90 -13.16 -10.46
C THR E 151 34.34 -13.33 -11.87
N PHE E 152 34.66 -12.39 -12.76
CA PHE E 152 34.26 -12.51 -14.16
C PHE E 152 35.27 -13.40 -14.88
N TYR E 153 34.78 -14.45 -15.54
CA TYR E 153 35.66 -15.30 -16.34
C TYR E 153 35.46 -14.88 -17.79
N LEU E 154 36.19 -13.84 -18.19
CA LEU E 154 35.94 -13.15 -19.45
C LEU E 154 36.63 -13.82 -20.62
N GLN E 155 35.85 -14.08 -21.65
CA GLN E 155 36.38 -14.60 -22.91
C GLN E 155 36.12 -13.61 -24.03
N GLY E 156 36.90 -13.71 -25.10
CA GLY E 156 36.63 -12.97 -26.32
C GLY E 156 37.15 -11.55 -26.41
N ILE E 157 37.97 -11.14 -25.45
CA ILE E 157 38.46 -9.75 -25.44
C ILE E 157 39.98 -9.64 -25.32
N LYS E 158 40.50 -8.47 -25.64
CA LYS E 158 41.92 -8.21 -25.57
C LYS E 158 42.40 -8.23 -24.11
N LYS E 159 43.71 -8.33 -23.94
CA LYS E 159 44.31 -8.35 -22.61
C LYS E 159 43.83 -7.17 -21.79
N LEU E 160 43.32 -7.45 -20.59
CA LEU E 160 42.80 -6.39 -19.73
C LEU E 160 43.92 -5.45 -19.32
N PRO E 161 43.59 -4.16 -19.14
CA PRO E 161 44.62 -3.23 -18.65
C PRO E 161 45.09 -3.59 -17.24
N GLU E 162 46.37 -3.35 -16.99
CA GLU E 162 47.00 -3.68 -15.72
C GLU E 162 46.26 -3.08 -14.53
N ALA E 163 45.70 -1.88 -14.70
CA ALA E 163 44.97 -1.23 -13.60
C ALA E 163 43.79 -2.04 -13.06
N LEU E 164 43.22 -2.88 -13.90
CA LEU E 164 42.08 -3.72 -13.51
C LEU E 164 42.51 -5.10 -12.99
N CYS E 165 43.82 -5.33 -12.95
CA CYS E 165 44.37 -6.64 -12.61
C CYS E 165 45.34 -6.58 -11.44
N ALA E 166 45.16 -5.60 -10.55
CA ALA E 166 46.02 -5.50 -9.37
C ALA E 166 45.77 -6.69 -8.43
N PRO E 167 46.74 -7.00 -7.56
CA PRO E 167 46.53 -8.10 -6.63
C PRO E 167 45.24 -7.94 -5.84
N CYS E 168 44.46 -9.00 -5.76
CA CYS E 168 43.14 -8.93 -5.21
C CYS E 168 43.18 -9.06 -3.69
N VAL E 169 42.46 -8.21 -2.97
CA VAL E 169 42.24 -8.39 -1.52
C VAL E 169 41.33 -9.61 -1.33
N PRO E 170 41.74 -10.58 -0.48
CA PRO E 170 40.87 -11.72 -0.21
C PRO E 170 39.54 -11.28 0.42
N PRO E 171 38.40 -11.72 -0.14
CA PRO E 171 37.14 -11.27 0.43
C PRO E 171 36.91 -11.78 1.85
N SER E 172 36.41 -10.90 2.70
CA SER E 172 35.98 -11.22 4.06
C SER E 172 35.06 -10.09 4.52
N PRO E 173 34.26 -10.32 5.57
CA PRO E 173 33.29 -9.30 5.97
C PRO E 173 33.87 -7.94 6.36
N SER E 174 35.15 -7.87 6.71
CA SER E 174 35.73 -6.60 7.15
C SER E 174 36.37 -5.78 6.02
N VAL E 175 36.35 -6.30 4.79
CA VAL E 175 36.92 -5.55 3.67
C VAL E 175 36.12 -4.28 3.41
N ALA E 176 36.83 -3.24 2.97
CA ALA E 176 36.22 -1.96 2.66
C ALA E 176 37.08 -1.27 1.63
N PRO E 177 36.48 -0.41 0.79
CA PRO E 177 37.28 0.41 -0.12
C PRO E 177 38.28 1.25 0.67
N ALA E 178 39.46 1.44 0.11
CA ALA E 178 40.41 2.39 0.65
C ALA E 178 39.75 3.77 0.79
N ASP E 179 40.12 4.53 1.82
CA ASP E 179 39.55 5.86 2.01
C ASP E 179 39.62 6.72 0.75
N GLU E 180 40.76 6.67 0.08
CA GLU E 180 40.98 7.47 -1.12
C GLU E 180 40.04 7.09 -2.27
N ALA E 181 39.67 5.80 -2.34
CA ALA E 181 38.70 5.34 -3.33
C ALA E 181 37.28 5.72 -2.94
N LYS E 182 36.94 5.61 -1.66
CA LYS E 182 35.62 6.05 -1.19
C LYS E 182 35.44 7.53 -1.51
N GLN E 183 36.50 8.30 -1.35
CA GLN E 183 36.47 9.74 -1.60
C GLN E 183 36.68 10.12 -3.07
N CYS E 184 36.85 9.12 -3.94
CA CYS E 184 37.00 9.34 -5.39
C CYS E 184 38.13 10.32 -5.72
N LEU E 185 39.26 10.14 -5.05
CA LEU E 185 40.40 11.02 -5.21
C LEU E 185 41.23 10.65 -6.42
N PRO E 186 42.03 11.59 -6.92
CA PRO E 186 42.95 11.25 -8.01
C PRO E 186 43.81 10.05 -7.69
N ASN E 187 44.06 9.26 -8.72
CA ASN E 187 44.80 8.02 -8.65
C ASN E 187 43.98 6.87 -8.09
N HIS E 188 42.73 7.15 -7.69
CA HIS E 188 41.87 6.14 -7.07
C HIS E 188 40.52 6.05 -7.71
N VAL E 189 40.45 6.48 -8.96
CA VAL E 189 39.23 6.35 -9.77
C VAL E 189 39.54 5.85 -11.18
N ALA E 190 38.63 5.07 -11.75
CA ALA E 190 38.72 4.75 -13.18
C ALA E 190 38.59 6.05 -13.96
N PRO E 191 39.18 6.09 -15.18
CA PRO E 191 38.98 7.28 -16.03
C PRO E 191 37.51 7.57 -16.25
N ASN E 192 37.08 8.77 -15.86
CA ASN E 192 35.67 9.17 -15.91
C ASN E 192 34.77 8.10 -15.29
N PHE E 193 35.16 7.68 -14.08
CA PHE E 193 34.44 6.65 -13.35
C PHE E 193 32.95 6.93 -13.35
N THR E 194 32.13 5.88 -13.42
CA THR E 194 30.70 6.07 -13.52
C THR E 194 30.12 6.49 -12.15
N LYS E 195 29.42 7.61 -12.15
CA LYS E 195 28.81 8.18 -10.95
C LYS E 195 27.36 7.75 -10.79
N HIS F 16 35.56 -9.81 -37.76
CA HIS F 16 35.01 -8.81 -38.72
C HIS F 16 33.76 -8.15 -38.19
N VAL F 17 33.72 -6.83 -38.32
CA VAL F 17 32.56 -6.05 -37.86
C VAL F 17 31.77 -5.54 -39.06
N GLN F 18 30.46 -5.72 -39.01
CA GLN F 18 29.52 -5.17 -40.00
C GLN F 18 28.67 -4.11 -39.32
N GLU F 19 28.69 -2.89 -39.85
CA GLU F 19 27.85 -1.83 -39.30
C GLU F 19 26.45 -1.88 -39.89
N LEU F 20 25.47 -1.79 -39.00
CA LEU F 20 24.05 -1.73 -39.35
C LEU F 20 23.47 -0.48 -38.71
N PHE F 21 22.92 0.41 -39.53
CA PHE F 21 22.31 1.63 -39.04
C PHE F 21 20.80 1.53 -38.98
N VAL F 22 20.22 1.98 -37.87
CA VAL F 22 18.78 1.85 -37.64
C VAL F 22 18.26 3.14 -37.02
N TYR F 23 17.17 3.67 -37.56
CA TYR F 23 16.44 4.76 -36.92
C TYR F 23 15.28 4.23 -36.10
N GLU F 24 15.17 4.72 -34.86
CA GLU F 24 14.04 4.41 -33.99
C GLU F 24 13.21 5.69 -33.81
N ILE F 25 11.92 5.59 -34.09
CA ILE F 25 11.03 6.73 -34.05
C ILE F 25 9.78 6.41 -33.26
N ASN F 26 9.48 7.25 -32.26
CA ASN F 26 8.21 7.16 -31.56
C ASN F 26 7.18 7.99 -32.33
N GLU F 27 6.32 7.30 -33.08
CA GLU F 27 5.32 8.00 -33.89
C GLU F 27 4.02 8.27 -33.14
N ARG F 28 4.05 8.03 -31.83
CA ARG F 28 2.97 8.40 -30.90
C ARG F 28 1.68 7.63 -31.21
N ASP F 29 1.83 6.42 -31.72
CA ASP F 29 0.67 5.61 -32.12
C ASP F 29 0.62 4.22 -31.49
N ARG F 30 1.46 4.01 -30.48
N ARG F 30 1.47 3.98 -30.49
CA ARG F 30 1.58 2.71 -29.82
CA ARG F 30 1.50 2.68 -29.81
C ARG F 30 1.38 2.84 -28.30
C ARG F 30 1.29 2.80 -28.29
N GLY F 31 0.91 4.00 -27.85
CA GLY F 31 0.70 4.27 -26.41
C GLY F 31 1.97 4.20 -25.58
N SER F 32 3.10 4.52 -26.22
CA SER F 32 4.42 4.33 -25.64
C SER F 32 5.12 5.67 -25.48
N PRO F 33 5.95 5.84 -24.43
CA PRO F 33 6.24 4.87 -23.37
C PRO F 33 5.22 4.91 -22.25
N VAL F 34 5.28 3.90 -21.38
CA VAL F 34 4.42 3.84 -20.20
C VAL F 34 5.31 4.09 -18.99
N PHE F 35 5.09 5.23 -18.33
CA PHE F 35 5.95 5.58 -17.21
C PHE F 35 5.33 5.13 -15.90
N LEU F 36 6.02 4.22 -15.21
CA LEU F 36 5.53 3.66 -13.95
C LEU F 36 6.34 4.25 -12.81
N PRO F 37 5.72 5.12 -11.98
CA PRO F 37 6.48 5.93 -11.02
C PRO F 37 6.83 5.19 -9.73
N PHE F 38 7.37 3.97 -9.86
CA PHE F 38 7.57 3.09 -8.72
C PHE F 38 8.74 3.49 -7.82
N GLY F 39 9.56 4.44 -8.27
CA GLY F 39 10.63 4.98 -7.44
C GLY F 39 10.05 5.74 -6.26
N GLY F 40 8.81 6.19 -6.41
CA GLY F 40 8.02 6.74 -5.31
C GLY F 40 8.40 8.12 -4.82
N LYS F 41 9.14 8.87 -5.64
CA LYS F 41 9.60 10.19 -5.22
C LYS F 41 8.70 11.32 -5.68
N LYS F 42 8.49 12.27 -4.77
CA LYS F 42 7.58 13.39 -4.97
C LYS F 42 8.25 14.68 -4.53
N GLN F 43 7.82 15.79 -5.10
CA GLN F 43 8.36 17.11 -4.74
C GLN F 43 7.88 17.54 -3.35
N PRO F 44 8.82 17.93 -2.46
CA PRO F 44 8.58 18.29 -1.05
C PRO F 44 7.24 18.96 -0.75
N GLY F 45 6.81 19.91 -1.59
CA GLY F 45 5.55 20.62 -1.38
C GLY F 45 4.40 20.07 -2.21
N THR F 46 4.63 19.91 -3.50
CA THR F 46 3.60 19.51 -4.46
C THR F 46 3.50 17.98 -4.58
N ASP F 47 2.83 17.50 -5.63
CA ASP F 47 2.79 16.06 -5.92
C ASP F 47 3.51 15.72 -7.22
N ALA F 48 4.23 16.70 -7.78
CA ALA F 48 5.01 16.50 -8.99
C ALA F 48 5.99 15.35 -8.81
N HIS F 49 6.04 14.45 -9.80
CA HIS F 49 6.94 13.31 -9.74
C HIS F 49 8.37 13.73 -9.83
N VAL F 50 9.22 13.08 -9.06
CA VAL F 50 10.66 13.22 -9.21
C VAL F 50 11.22 11.89 -9.70
N ASN F 51 11.83 11.90 -10.88
CA ASN F 51 12.49 10.71 -11.43
C ASN F 51 13.51 10.18 -10.45
N SER F 52 13.45 8.88 -10.18
CA SER F 52 14.33 8.27 -9.19
C SER F 52 14.48 6.77 -9.44
N LEU F 53 15.52 6.19 -8.85
CA LEU F 53 15.77 4.75 -8.93
C LEU F 53 14.48 3.96 -8.76
N GLY F 54 14.19 3.10 -9.72
CA GLY F 54 13.03 2.22 -9.57
C GLY F 54 11.78 2.58 -10.34
N ASP F 55 11.72 3.80 -10.88
CA ASP F 55 10.70 4.08 -11.88
C ASP F 55 10.98 3.12 -13.05
N LEU F 56 9.91 2.56 -13.63
CA LEU F 56 10.04 1.58 -14.71
C LEU F 56 9.35 2.08 -15.95
N VAL F 57 9.93 1.80 -17.11
CA VAL F 57 9.38 2.33 -18.36
C VAL F 57 9.33 1.28 -19.47
N PRO F 58 8.21 0.54 -19.57
CA PRO F 58 7.97 -0.31 -20.74
C PRO F 58 7.77 0.56 -21.99
N PHE F 59 8.26 0.09 -23.13
CA PHE F 59 8.19 0.90 -24.35
C PHE F 59 8.27 0.08 -25.61
N SER F 60 7.80 0.68 -26.70
CA SER F 60 7.88 0.06 -28.01
C SER F 60 7.72 1.14 -29.08
N ASN F 61 8.74 1.31 -29.92
CA ASN F 61 8.72 2.31 -31.00
C ASN F 61 8.85 1.62 -32.36
N LYS F 62 8.79 2.40 -33.44
CA LYS F 62 9.01 1.85 -34.77
C LYS F 62 10.47 1.99 -35.18
N ILE F 63 10.93 1.07 -36.02
CA ILE F 63 12.27 1.18 -36.60
C ILE F 63 12.28 1.16 -38.12
N TYR F 64 13.20 1.95 -38.66
CA TYR F 64 13.39 2.12 -40.09
C TYR F 64 14.86 1.88 -40.42
N ASP F 65 15.17 1.60 -41.68
CA ASP F 65 16.56 1.41 -42.08
C ASP F 65 17.31 2.75 -42.10
N GLY F 66 18.63 2.66 -42.28
CA GLY F 66 19.49 3.87 -42.28
C GLY F 66 19.09 4.88 -43.35
N SER F 67 18.60 4.39 -44.49
CA SER F 67 18.21 5.26 -45.62
C SER F 67 16.87 5.97 -45.37
N LEU F 68 16.18 5.54 -44.31
CA LEU F 68 14.83 5.98 -43.97
C LEU F 68 13.78 5.68 -45.05
N LYS F 69 14.14 4.80 -46.00
CA LYS F 69 13.22 4.42 -47.06
C LYS F 69 12.39 3.17 -46.75
N THR F 70 12.77 2.41 -45.72
CA THR F 70 12.15 1.12 -45.44
C THR F 70 11.76 1.02 -43.98
N ARG F 71 10.49 0.69 -43.74
CA ARG F 71 10.02 0.32 -42.41
C ARG F 71 10.47 -1.11 -42.12
N LEU F 72 11.20 -1.30 -41.02
CA LEU F 72 11.74 -2.62 -40.68
C LEU F 72 10.90 -3.38 -39.68
N GLY F 73 10.39 -2.67 -38.68
CA GLY F 73 9.68 -3.33 -37.57
C GLY F 73 9.54 -2.41 -36.36
N ILE F 74 9.89 -2.94 -35.19
CA ILE F 74 9.67 -2.24 -33.92
C ILE F 74 10.82 -2.52 -32.97
N THR F 75 10.91 -1.68 -31.93
CA THR F 75 11.66 -2.04 -30.72
C THR F 75 10.64 -2.43 -29.67
N ALA F 76 11.06 -3.19 -28.68
CA ALA F 76 10.19 -3.57 -27.57
C ALA F 76 11.04 -3.90 -26.37
N GLY F 77 10.69 -3.34 -25.22
CA GLY F 77 11.40 -3.69 -23.99
C GLY F 77 11.06 -2.85 -22.79
N LEU F 78 12.02 -2.76 -21.88
CA LEU F 78 11.78 -2.22 -20.56
C LEU F 78 13.02 -1.47 -20.08
N CYS F 79 12.84 -0.24 -19.61
CA CYS F 79 13.91 0.49 -18.95
C CYS F 79 13.67 0.60 -17.46
N THR F 80 14.74 0.52 -16.68
CA THR F 80 14.69 0.79 -15.24
C THR F 80 15.44 2.10 -15.01
N LEU F 81 14.76 3.09 -14.43
CA LEU F 81 15.42 4.37 -14.12
C LEU F 81 16.39 4.14 -12.96
N ILE F 82 17.63 4.61 -13.12
CA ILE F 82 18.69 4.40 -12.14
C ILE F 82 18.97 5.67 -11.34
N SER F 83 19.12 6.79 -12.02
CA SER F 83 19.38 8.04 -11.32
C SER F 83 19.00 9.23 -12.17
N HIS F 84 18.70 10.34 -11.49
CA HIS F 84 18.39 11.58 -12.14
C HIS F 84 19.46 12.60 -11.85
N SER F 85 19.86 13.34 -12.88
CA SER F 85 20.85 14.40 -12.72
C SER F 85 20.19 15.76 -12.93
N ASP F 86 20.18 16.58 -11.88
CA ASP F 86 19.77 17.99 -12.00
C ASP F 86 20.76 18.77 -12.85
N GLN F 87 22.05 18.46 -12.66
CA GLN F 87 23.14 19.11 -13.40
C GLN F 87 23.07 18.88 -14.90
N LYS F 88 22.74 17.64 -15.30
CA LYS F 88 22.69 17.26 -16.70
C LYS F 88 21.25 17.31 -17.28
N ASN F 89 20.30 17.73 -16.39
CA ASN F 89 18.87 17.72 -16.70
C ASN F 89 18.46 16.45 -17.46
N GLY F 90 18.62 15.30 -16.81
CA GLY F 90 18.37 14.05 -17.48
C GLY F 90 18.54 12.86 -16.58
N ASP F 91 18.41 11.67 -17.17
CA ASP F 91 18.37 10.43 -16.41
C ASP F 91 19.26 9.36 -16.99
N ARG F 92 19.77 8.51 -16.10
CA ARG F 92 20.37 7.24 -16.50
C ARG F 92 19.33 6.14 -16.33
N TYR F 93 19.13 5.36 -17.38
CA TYR F 93 18.32 4.13 -17.34
C TYR F 93 19.20 2.92 -17.62
N GLU F 94 18.75 1.77 -17.14
CA GLU F 94 19.30 0.48 -17.52
C GLU F 94 18.24 -0.18 -18.39
N ALA F 95 18.62 -0.52 -19.62
CA ALA F 95 17.65 -0.90 -20.65
C ALA F 95 17.81 -2.33 -21.12
N LEU F 96 16.67 -3.00 -21.33
CA LEU F 96 16.63 -4.35 -21.86
C LEU F 96 15.61 -4.32 -22.98
N TYR F 97 16.05 -4.49 -24.23
CA TYR F 97 15.09 -4.45 -25.32
C TYR F 97 15.57 -5.16 -26.55
N SER F 98 14.64 -5.37 -27.48
CA SER F 98 14.96 -6.02 -28.75
C SER F 98 14.49 -5.19 -29.91
N PHE F 99 15.16 -5.40 -31.04
CA PHE F 99 14.85 -4.78 -32.34
C PHE F 99 14.33 -5.89 -33.23
N TYR F 100 13.14 -5.69 -33.81
CA TYR F 100 12.47 -6.70 -34.66
C TYR F 100 12.46 -6.22 -36.09
N PHE F 101 13.02 -7.04 -36.98
CA PHE F 101 13.23 -6.70 -38.38
C PHE F 101 12.38 -7.59 -39.29
N GLY F 102 11.15 -7.89 -38.87
CA GLY F 102 10.29 -8.75 -39.69
C GLY F 102 10.92 -10.13 -39.84
N ASP F 103 10.83 -10.69 -41.05
CA ASP F 103 11.34 -12.03 -41.27
C ASP F 103 12.87 -12.13 -41.26
N TYR F 104 13.57 -10.99 -41.23
CA TYR F 104 15.01 -11.02 -41.06
C TYR F 104 15.41 -11.59 -39.70
N GLY F 105 14.56 -11.39 -38.68
CA GLY F 105 14.88 -11.80 -37.32
C GLY F 105 14.95 -10.63 -36.35
N HIS F 106 15.67 -10.82 -35.25
CA HIS F 106 15.75 -9.80 -34.21
C HIS F 106 17.14 -9.68 -33.65
N ILE F 107 17.42 -8.53 -33.04
CA ILE F 107 18.63 -8.32 -32.26
C ILE F 107 18.22 -7.91 -30.86
N SER F 108 18.84 -8.53 -29.84
CA SER F 108 18.59 -8.12 -28.46
C SER F 108 19.75 -7.31 -27.90
N VAL F 109 19.43 -6.36 -27.03
CA VAL F 109 20.46 -5.51 -26.41
C VAL F 109 20.24 -5.34 -24.91
N GLN F 110 21.33 -5.08 -24.19
N GLN F 110 21.33 -5.00 -24.22
CA GLN F 110 21.28 -4.82 -22.75
CA GLN F 110 21.28 -4.76 -22.77
C GLN F 110 22.31 -3.70 -22.49
C GLN F 110 22.34 -3.72 -22.42
N GLY F 111 21.95 -2.73 -21.64
CA GLY F 111 22.92 -1.70 -21.24
C GLY F 111 22.30 -0.35 -21.00
N PRO F 112 23.13 0.70 -21.06
CA PRO F 112 22.71 2.01 -20.58
C PRO F 112 21.99 2.84 -21.64
N TYR F 113 20.93 3.52 -21.21
CA TYR F 113 20.32 4.59 -22.00
C TYR F 113 20.38 5.83 -21.12
N ILE F 114 21.09 6.85 -21.60
CA ILE F 114 21.28 8.08 -20.86
C ILE F 114 20.64 9.18 -21.69
N THR F 115 19.66 9.89 -21.12
CA THR F 115 18.82 10.79 -21.91
C THR F 115 19.57 11.99 -22.47
N TYR F 116 20.78 12.25 -21.96
CA TYR F 116 21.51 13.45 -22.31
C TYR F 116 22.83 13.20 -23.05
N GLU F 117 23.16 11.94 -23.32
CA GLU F 117 24.38 11.62 -24.07
C GLU F 117 24.37 10.23 -24.70
N ASP F 118 25.24 10.03 -25.69
CA ASP F 118 25.37 8.75 -26.38
C ASP F 118 25.86 7.67 -25.42
N SER F 119 25.56 6.42 -25.73
CA SER F 119 26.05 5.31 -24.95
C SER F 119 26.25 4.09 -25.83
N TYR F 120 26.86 3.06 -25.26
CA TYR F 120 27.06 1.78 -25.95
C TYR F 120 26.37 0.65 -25.23
N LEU F 121 25.49 -0.03 -25.96
CA LEU F 121 24.78 -1.19 -25.44
C LEU F 121 25.49 -2.48 -25.83
N ALA F 122 25.37 -3.52 -25.01
CA ALA F 122 25.80 -4.86 -25.40
C ALA F 122 24.81 -5.43 -26.38
N ILE F 123 25.29 -6.04 -27.46
CA ILE F 123 24.46 -6.85 -28.32
C ILE F 123 24.48 -8.26 -27.73
N THR F 124 23.34 -8.70 -27.22
CA THR F 124 23.34 -9.93 -26.45
C THR F 124 23.02 -11.17 -27.27
N GLY F 125 22.64 -10.97 -28.53
CA GLY F 125 22.31 -12.07 -29.42
C GLY F 125 21.19 -11.68 -30.36
N GLY F 126 20.72 -12.65 -31.13
CA GLY F 126 19.65 -12.39 -32.07
C GLY F 126 19.09 -13.68 -32.63
N SER F 127 18.32 -13.56 -33.70
CA SER F 127 17.68 -14.69 -34.36
C SER F 127 17.67 -14.43 -35.87
N GLY F 128 17.34 -15.46 -36.64
CA GLY F 128 17.25 -15.29 -38.08
C GLY F 128 18.64 -14.97 -38.64
N ILE F 129 18.75 -13.94 -39.47
CA ILE F 129 20.06 -13.56 -40.03
C ILE F 129 21.00 -13.04 -38.94
N PHE F 130 20.45 -12.76 -37.77
CA PHE F 130 21.25 -12.26 -36.66
C PHE F 130 21.59 -13.33 -35.63
N ALA F 131 21.20 -14.58 -35.89
CA ALA F 131 21.49 -15.65 -34.94
C ALA F 131 23.00 -15.74 -34.71
N GLY F 132 23.40 -15.73 -33.43
CA GLY F 132 24.80 -15.80 -33.06
C GLY F 132 25.54 -14.48 -33.05
N CYS F 133 24.82 -13.38 -33.26
CA CYS F 133 25.49 -12.08 -33.29
C CYS F 133 25.98 -11.66 -31.91
N TYR F 134 27.01 -10.80 -31.92
CA TYR F 134 27.54 -10.26 -30.68
C TYR F 134 28.24 -8.96 -31.03
N GLY F 135 28.65 -8.22 -30.00
CA GLY F 135 29.29 -6.94 -30.19
C GLY F 135 28.63 -5.85 -29.37
N GLN F 136 28.74 -4.61 -29.83
CA GLN F 136 28.16 -3.47 -29.13
C GLN F 136 27.42 -2.59 -30.14
N ALA F 137 26.50 -1.77 -29.63
CA ALA F 137 25.72 -0.88 -30.46
C ALA F 137 25.76 0.52 -29.87
N LYS F 138 26.07 1.51 -30.71
CA LYS F 138 26.02 2.90 -30.28
C LYS F 138 24.58 3.43 -30.36
N LEU F 139 24.13 4.03 -29.26
CA LEU F 139 22.84 4.69 -29.17
C LEU F 139 23.09 6.20 -29.22
N HIS F 140 22.51 6.86 -30.21
CA HIS F 140 22.61 8.31 -30.33
C HIS F 140 21.23 8.90 -30.36
N GLN F 141 20.94 9.77 -29.39
CA GLN F 141 19.62 10.41 -29.37
C GLN F 141 19.62 11.63 -30.29
N ILE F 142 18.58 11.72 -31.10
CA ILE F 142 18.40 12.87 -31.99
C ILE F 142 17.44 13.91 -31.39
N ILE F 143 16.28 13.44 -30.95
CA ILE F 143 15.30 14.24 -30.22
C ILE F 143 14.82 13.45 -29.02
N PHE F 144 14.93 14.03 -27.83
CA PHE F 144 14.48 13.37 -26.61
C PHE F 144 12.94 13.33 -26.46
N PRO F 145 12.35 12.12 -26.33
CA PRO F 145 12.93 10.80 -26.51
C PRO F 145 12.37 10.15 -27.77
N PHE F 146 11.92 10.99 -28.72
CA PHE F 146 11.13 10.49 -29.87
C PHE F 146 11.93 9.98 -31.07
N LYS F 147 13.19 10.37 -31.19
CA LYS F 147 14.01 9.96 -32.35
C LYS F 147 15.42 9.58 -31.92
N LEU F 148 15.81 8.36 -32.26
CA LEU F 148 17.14 7.83 -31.93
C LEU F 148 17.78 7.17 -33.16
N PHE F 149 19.11 7.07 -33.14
CA PHE F 149 19.87 6.53 -34.26
C PHE F 149 20.92 5.56 -33.72
N TYR F 150 20.87 4.32 -34.21
CA TYR F 150 21.76 3.26 -33.72
C TYR F 150 22.75 2.82 -34.75
N THR F 151 23.97 2.55 -34.28
CA THR F 151 24.98 1.88 -35.08
C THR F 151 25.31 0.56 -34.40
N PHE F 152 24.85 -0.54 -34.99
CA PHE F 152 25.18 -1.87 -34.49
C PHE F 152 26.51 -2.27 -35.09
N TYR F 153 27.48 -2.57 -34.24
CA TYR F 153 28.76 -3.09 -34.69
C TYR F 153 28.70 -4.61 -34.57
N LEU F 154 28.09 -5.22 -35.59
CA LEU F 154 27.75 -6.64 -35.52
C LEU F 154 28.91 -7.57 -35.83
N GLN F 155 29.13 -8.52 -34.95
CA GLN F 155 30.11 -9.59 -35.17
C GLN F 155 29.41 -10.94 -35.19
N GLY F 156 30.04 -11.91 -35.85
CA GLY F 156 29.65 -13.31 -35.75
C GLY F 156 28.61 -13.82 -36.72
N ILE F 157 28.21 -12.97 -37.68
CA ILE F 157 27.15 -13.34 -38.61
C ILE F 157 27.58 -13.21 -40.07
N LYS F 158 26.83 -13.86 -40.94
CA LYS F 158 27.12 -13.80 -42.36
C LYS F 158 26.84 -12.40 -42.93
N LYS F 159 27.35 -12.13 -44.12
CA LYS F 159 27.18 -10.83 -44.75
C LYS F 159 25.71 -10.41 -44.75
N LEU F 160 25.45 -9.21 -44.25
CA LEU F 160 24.08 -8.68 -44.21
C LEU F 160 23.49 -8.53 -45.61
N PRO F 161 22.15 -8.68 -45.73
CA PRO F 161 21.49 -8.43 -47.02
C PRO F 161 21.71 -6.98 -47.42
N GLU F 162 21.88 -6.75 -48.72
CA GLU F 162 22.14 -5.40 -49.21
C GLU F 162 21.01 -4.44 -48.87
N ALA F 163 19.79 -4.94 -48.78
CA ALA F 163 18.62 -4.14 -48.44
C ALA F 163 18.77 -3.43 -47.10
N LEU F 164 19.57 -4.00 -46.20
CA LEU F 164 19.79 -3.41 -44.89
C LEU F 164 21.03 -2.50 -44.84
N CYS F 165 21.70 -2.34 -45.98
CA CYS F 165 22.97 -1.63 -46.03
C CYS F 165 22.97 -0.45 -47.01
N ALA F 166 21.79 0.08 -47.28
CA ALA F 166 21.66 1.25 -48.16
C ALA F 166 22.39 2.45 -47.55
N PRO F 167 22.81 3.43 -48.38
CA PRO F 167 23.43 4.62 -47.83
C PRO F 167 22.56 5.30 -46.78
N CYS F 168 23.21 5.66 -45.68
CA CYS F 168 22.54 6.13 -44.52
C CYS F 168 22.33 7.64 -44.60
N VAL F 169 21.10 8.08 -44.31
CA VAL F 169 20.81 9.50 -44.09
C VAL F 169 21.52 9.91 -42.79
N PRO F 170 22.35 10.97 -42.86
CA PRO F 170 23.02 11.43 -41.64
C PRO F 170 22.02 11.91 -40.60
N PRO F 171 22.22 11.51 -39.33
CA PRO F 171 21.29 11.88 -38.27
C PRO F 171 21.28 13.38 -37.98
N SER F 172 20.08 13.96 -37.97
CA SER F 172 19.85 15.35 -37.58
C SER F 172 18.39 15.45 -37.13
N PRO F 173 18.03 16.52 -36.38
CA PRO F 173 16.68 16.62 -35.80
C PRO F 173 15.51 16.61 -36.79
N SER F 174 15.78 16.96 -38.05
CA SER F 174 14.73 17.11 -39.03
C SER F 174 14.41 15.82 -39.80
N VAL F 175 15.30 14.83 -39.71
CA VAL F 175 15.14 13.59 -40.49
C VAL F 175 13.85 12.86 -40.14
N ALA F 176 13.26 12.22 -41.14
CA ALA F 176 11.97 11.54 -41.00
C ALA F 176 11.87 10.42 -42.00
N PRO F 177 11.04 9.40 -41.72
CA PRO F 177 10.86 8.33 -42.70
C PRO F 177 10.31 8.86 -44.00
N ALA F 178 10.70 8.25 -45.12
CA ALA F 178 10.06 8.53 -46.40
C ALA F 178 8.55 8.28 -46.25
N ASP F 179 7.75 9.12 -46.92
CA ASP F 179 6.28 8.98 -46.90
C ASP F 179 5.86 7.54 -47.17
N GLU F 180 6.51 6.93 -48.14
CA GLU F 180 6.21 5.57 -48.57
C GLU F 180 6.50 4.54 -47.49
N ALA F 181 7.52 4.80 -46.67
CA ALA F 181 7.86 3.91 -45.55
C ALA F 181 6.91 4.11 -44.38
N LYS F 182 6.59 5.37 -44.08
CA LYS F 182 5.60 5.70 -43.08
C LYS F 182 4.27 5.00 -43.39
N GLN F 183 3.92 4.98 -44.67
CA GLN F 183 2.67 4.37 -45.14
C GLN F 183 2.78 2.85 -45.36
N CYS F 184 3.97 2.30 -45.14
CA CYS F 184 4.22 0.84 -45.26
C CYS F 184 3.87 0.30 -46.65
N LEU F 185 4.27 1.02 -47.68
CA LEU F 185 3.97 0.62 -49.06
C LEU F 185 4.91 -0.48 -49.55
N PRO F 186 4.49 -1.24 -50.60
CA PRO F 186 5.40 -2.19 -51.22
C PRO F 186 6.71 -1.55 -51.68
N ASN F 187 7.79 -2.29 -51.59
CA ASN F 187 9.14 -1.79 -51.84
C ASN F 187 9.68 -0.86 -50.73
N HIS F 188 8.89 -0.67 -49.68
CA HIS F 188 9.29 0.20 -48.57
C HIS F 188 9.05 -0.41 -47.22
N VAL F 189 8.95 -1.73 -47.18
CA VAL F 189 8.84 -2.50 -45.94
C VAL F 189 9.73 -3.74 -45.99
N ALA F 190 10.24 -4.14 -44.83
CA ALA F 190 10.94 -5.42 -44.70
C ALA F 190 9.92 -6.52 -44.95
N PRO F 191 10.38 -7.71 -45.40
CA PRO F 191 9.44 -8.82 -45.57
C PRO F 191 8.79 -9.16 -44.24
N ASN F 192 7.45 -9.14 -44.23
CA ASN F 192 6.64 -9.29 -43.02
C ASN F 192 7.12 -8.43 -41.86
N PHE F 193 7.35 -7.16 -42.16
CA PHE F 193 7.84 -6.19 -41.18
C PHE F 193 7.03 -6.30 -39.90
N THR F 194 7.70 -6.16 -38.76
CA THR F 194 7.05 -6.34 -37.48
C THR F 194 6.12 -5.17 -37.17
N LYS F 195 4.86 -5.50 -36.86
CA LYS F 195 3.84 -4.50 -36.57
C LYS F 195 3.70 -4.28 -35.07
N HIS G 16 -4.67 -28.06 -39.11
CA HIS G 16 -3.94 -28.87 -38.09
C HIS G 16 -2.82 -29.63 -38.71
N VAL G 17 -1.63 -29.48 -38.13
CA VAL G 17 -0.43 -30.16 -38.60
C VAL G 17 -0.03 -31.30 -37.66
N GLN G 18 0.28 -32.45 -38.24
CA GLN G 18 0.85 -33.58 -37.49
C GLN G 18 2.24 -33.85 -38.01
N GLU G 19 3.24 -33.82 -37.13
CA GLU G 19 4.60 -34.18 -37.53
C GLU G 19 4.77 -35.68 -37.58
N LEU G 20 5.43 -36.15 -38.63
CA LEU G 20 5.86 -37.52 -38.74
C LEU G 20 7.35 -37.52 -39.05
N PHE G 21 8.13 -38.20 -38.21
CA PHE G 21 9.59 -38.27 -38.40
C PHE G 21 9.96 -39.59 -39.04
N VAL G 22 10.84 -39.53 -40.03
CA VAL G 22 11.24 -40.72 -40.75
C VAL G 22 12.74 -40.69 -41.03
N TYR G 23 13.41 -41.82 -40.77
CA TYR G 23 14.80 -42.00 -41.14
C TYR G 23 14.90 -42.76 -42.45
N GLU G 24 15.69 -42.23 -43.38
CA GLU G 24 15.96 -42.92 -44.64
C GLU G 24 17.42 -43.34 -44.67
N ILE G 25 17.65 -44.62 -44.89
CA ILE G 25 19.00 -45.17 -44.83
C ILE G 25 19.31 -46.01 -46.06
N ASN G 26 20.44 -45.73 -46.69
CA ASN G 26 20.94 -46.56 -47.77
C ASN G 26 21.82 -47.64 -47.17
N GLU G 27 21.28 -48.86 -47.09
CA GLU G 27 21.99 -49.98 -46.46
C GLU G 27 22.84 -50.76 -47.48
N ARG G 28 22.97 -50.18 -48.67
CA ARG G 28 23.91 -50.66 -49.69
C ARG G 28 23.56 -52.06 -50.19
N ASP G 29 22.26 -52.37 -50.16
CA ASP G 29 21.78 -53.71 -50.50
C ASP G 29 20.67 -53.70 -51.53
N ARG G 30 20.45 -52.54 -52.16
CA ARG G 30 19.39 -52.36 -53.15
C ARG G 30 19.93 -51.83 -54.49
N GLY G 31 21.26 -51.88 -54.66
CA GLY G 31 21.91 -51.40 -55.89
C GLY G 31 21.68 -49.92 -56.19
N SER G 32 21.47 -49.15 -55.13
CA SER G 32 21.06 -47.75 -55.23
C SER G 32 22.14 -46.83 -54.68
N PRO G 33 22.26 -45.61 -55.23
CA PRO G 33 21.52 -45.07 -56.36
C PRO G 33 22.14 -45.49 -57.69
N VAL G 34 21.43 -45.22 -58.79
CA VAL G 34 21.98 -45.46 -60.13
C VAL G 34 22.24 -44.10 -60.74
N PHE G 35 23.49 -43.81 -61.03
CA PHE G 35 23.84 -42.51 -61.59
C PHE G 35 23.93 -42.58 -63.11
N LEU G 36 23.04 -41.85 -63.78
CA LEU G 36 23.00 -41.81 -65.24
C LEU G 36 23.55 -40.47 -65.71
N PRO G 37 24.75 -40.48 -66.32
CA PRO G 37 25.48 -39.25 -66.62
C PRO G 37 25.01 -38.54 -67.90
N PHE G 38 23.70 -38.31 -68.01
CA PHE G 38 23.10 -37.82 -69.26
C PHE G 38 23.32 -36.33 -69.51
N GLY G 39 23.82 -35.62 -68.50
CA GLY G 39 24.20 -34.22 -68.67
C GLY G 39 25.34 -34.10 -69.68
N GLY G 40 26.13 -35.16 -69.78
CA GLY G 40 27.17 -35.29 -70.80
C GLY G 40 28.34 -34.34 -70.66
N LYS G 41 28.46 -33.70 -69.51
CA LYS G 41 29.53 -32.72 -69.31
C LYS G 41 30.78 -33.40 -68.76
N LYS G 42 31.94 -32.97 -69.23
CA LYS G 42 33.21 -33.57 -68.87
C LYS G 42 34.26 -32.48 -68.57
N GLN G 43 35.28 -32.85 -67.80
CA GLN G 43 36.41 -31.94 -67.54
C GLN G 43 37.12 -31.55 -68.84
N PRO G 44 37.52 -30.27 -68.96
CA PRO G 44 38.10 -29.67 -70.17
C PRO G 44 39.06 -30.55 -70.99
N GLY G 45 40.05 -31.16 -70.34
CA GLY G 45 41.03 -31.98 -71.06
C GLY G 45 40.68 -33.44 -71.20
N THR G 46 39.70 -33.88 -70.41
CA THR G 46 39.46 -35.31 -70.18
C THR G 46 38.08 -35.78 -70.65
N ASP G 47 37.79 -37.06 -70.42
CA ASP G 47 36.44 -37.58 -70.51
C ASP G 47 35.88 -37.90 -69.12
N ALA G 48 36.43 -37.23 -68.10
CA ALA G 48 35.98 -37.39 -66.72
C ALA G 48 34.71 -36.60 -66.46
N HIS G 49 33.71 -37.28 -65.89
CA HIS G 49 32.40 -36.70 -65.70
C HIS G 49 32.36 -35.53 -64.75
N VAL G 50 31.63 -34.49 -65.13
CA VAL G 50 31.25 -33.45 -64.17
C VAL G 50 29.73 -33.35 -64.06
N ASN G 51 29.25 -33.35 -62.83
CA ASN G 51 27.83 -33.21 -62.55
C ASN G 51 27.26 -31.98 -63.23
N SER G 52 26.15 -32.18 -63.94
CA SER G 52 25.55 -31.09 -64.71
C SER G 52 24.07 -31.36 -64.96
N LEU G 53 23.35 -30.29 -65.31
CA LEU G 53 21.94 -30.39 -65.66
C LEU G 53 21.68 -31.58 -66.54
N GLY G 54 20.73 -32.42 -66.12
CA GLY G 54 20.33 -33.54 -66.95
C GLY G 54 20.89 -34.90 -66.57
N ASP G 55 21.90 -34.95 -65.71
CA ASP G 55 22.23 -36.24 -65.08
C ASP G 55 20.97 -36.69 -64.34
N LEU G 56 20.66 -38.00 -64.41
CA LEU G 56 19.46 -38.54 -63.72
C LEU G 56 19.86 -39.60 -62.72
N VAL G 57 19.13 -39.66 -61.60
CA VAL G 57 19.46 -40.57 -60.52
C VAL G 57 18.22 -41.29 -59.97
N PRO G 58 17.90 -42.46 -60.54
CA PRO G 58 16.91 -43.34 -59.92
C PRO G 58 17.45 -43.86 -58.58
N PHE G 59 16.58 -44.02 -57.59
CA PHE G 59 17.05 -44.47 -56.28
C PHE G 59 15.94 -45.14 -55.47
N SER G 60 16.35 -45.91 -54.47
CA SER G 60 15.42 -46.52 -53.53
C SER G 60 16.17 -46.95 -52.28
N ASN G 61 15.79 -46.37 -51.13
CA ASN G 61 16.43 -46.68 -49.85
C ASN G 61 15.43 -47.29 -48.88
N LYS G 62 15.88 -47.67 -47.68
CA LYS G 62 14.99 -48.19 -46.65
C LYS G 62 14.56 -47.07 -45.72
N ILE G 63 13.35 -47.18 -45.17
CA ILE G 63 12.90 -46.19 -44.18
C ILE G 63 12.49 -46.84 -42.87
N TYR G 64 12.77 -46.10 -41.80
CA TYR G 64 12.50 -46.51 -40.44
C TYR G 64 11.78 -45.39 -39.71
N ASP G 65 11.08 -45.72 -38.63
CA ASP G 65 10.40 -44.69 -37.85
C ASP G 65 11.39 -43.83 -37.06
N GLY G 66 10.88 -42.78 -36.44
CA GLY G 66 11.72 -41.84 -35.67
C GLY G 66 12.48 -42.49 -34.53
N SER G 67 11.90 -43.53 -33.92
CA SER G 67 12.57 -44.24 -32.82
C SER G 67 13.68 -45.17 -33.29
N LEU G 68 13.74 -45.39 -34.60
CA LEU G 68 14.65 -46.35 -35.25
C LEU G 68 14.42 -47.81 -34.80
N LYS G 69 13.28 -48.06 -34.17
CA LYS G 69 12.94 -49.41 -33.71
C LYS G 69 12.09 -50.20 -34.70
N THR G 70 11.58 -49.54 -35.74
CA THR G 70 10.65 -50.16 -36.66
C THR G 70 11.04 -49.89 -38.10
N ARG G 71 11.20 -50.97 -38.88
CA ARG G 71 11.34 -50.87 -40.33
C ARG G 71 9.95 -50.60 -40.93
N LEU G 72 9.82 -49.50 -41.66
CA LEU G 72 8.52 -49.12 -42.21
C LEU G 72 8.35 -49.55 -43.66
N GLY G 73 9.42 -49.41 -44.44
CA GLY G 73 9.31 -49.69 -45.86
C GLY G 73 10.49 -49.15 -46.64
N ILE G 74 10.20 -48.46 -47.73
CA ILE G 74 11.24 -47.95 -48.64
C ILE G 74 10.88 -46.57 -49.17
N THR G 75 11.88 -45.85 -49.69
CA THR G 75 11.64 -44.75 -50.63
C THR G 75 11.84 -45.28 -52.04
N ALA G 76 11.27 -44.60 -53.03
CA ALA G 76 11.46 -44.97 -54.43
C ALA G 76 11.21 -43.77 -55.29
N GLY G 77 12.13 -43.48 -56.21
CA GLY G 77 11.90 -42.35 -57.12
C GLY G 77 13.07 -42.00 -58.00
N LEU G 78 13.08 -40.75 -58.43
CA LEU G 78 13.99 -40.27 -59.46
C LEU G 78 14.38 -38.84 -59.16
N CYS G 79 15.68 -38.55 -59.19
CA CYS G 79 16.19 -37.18 -59.13
C CYS G 79 16.74 -36.72 -60.47
N THR G 80 16.50 -35.45 -60.80
CA THR G 80 17.11 -34.82 -61.97
C THR G 80 18.12 -33.82 -61.45
N LEU G 81 19.40 -33.98 -61.85
CA LEU G 81 20.40 -33.01 -61.42
C LEU G 81 20.15 -31.69 -62.17
N ILE G 82 20.18 -30.58 -61.44
CA ILE G 82 19.89 -29.26 -62.00
C ILE G 82 21.14 -28.41 -62.16
N SER G 83 21.95 -28.35 -61.10
CA SER G 83 23.18 -27.57 -61.15
C SER G 83 24.18 -28.08 -60.14
N HIS G 84 25.45 -27.86 -60.46
CA HIS G 84 26.55 -28.15 -59.56
C HIS G 84 27.18 -26.88 -59.06
N SER G 85 27.42 -26.81 -57.77
CA SER G 85 28.10 -25.67 -57.17
C SER G 85 29.52 -26.04 -56.71
N ASP G 86 30.52 -25.45 -57.36
CA ASP G 86 31.92 -25.60 -56.93
C ASP G 86 32.13 -25.01 -55.54
N GLN G 87 31.55 -23.83 -55.33
CA GLN G 87 31.70 -23.08 -54.08
C GLN G 87 31.13 -23.84 -52.88
N LYS G 88 29.96 -24.43 -53.07
CA LYS G 88 29.28 -25.20 -52.02
C LYS G 88 29.71 -26.67 -52.01
N ASN G 89 30.44 -27.06 -53.06
CA ASN G 89 30.85 -28.45 -53.27
C ASN G 89 29.68 -29.43 -53.21
N GLY G 90 28.71 -29.22 -54.08
CA GLY G 90 27.51 -30.04 -54.08
C GLY G 90 26.58 -29.71 -55.23
N ASP G 91 25.40 -30.33 -55.20
CA ASP G 91 24.47 -30.26 -56.30
C ASP G 91 23.04 -29.93 -55.86
N ARG G 92 22.33 -29.24 -56.75
CA ARG G 92 20.88 -29.14 -56.66
C ARG G 92 20.25 -30.20 -57.55
N TYR G 93 19.32 -30.96 -56.97
CA TYR G 93 18.48 -31.88 -57.72
C TYR G 93 17.02 -31.48 -57.59
N GLU G 94 16.23 -31.90 -58.57
CA GLU G 94 14.78 -31.83 -58.49
C GLU G 94 14.29 -33.26 -58.36
N ALA G 95 13.59 -33.55 -57.26
CA ALA G 95 13.29 -34.92 -56.86
C ALA G 95 11.81 -35.23 -56.91
N LEU G 96 11.50 -36.44 -57.38
CA LEU G 96 10.14 -36.95 -57.41
C LEU G 96 10.22 -38.34 -56.80
N TYR G 97 9.64 -38.53 -55.62
CA TYR G 97 9.70 -39.84 -54.98
C TYR G 97 8.58 -40.07 -54.00
N SER G 98 8.43 -41.34 -53.61
CA SER G 98 7.44 -41.72 -52.63
C SER G 98 8.05 -42.49 -51.47
N PHE G 99 7.37 -42.40 -50.33
CA PHE G 99 7.70 -43.15 -49.11
C PHE G 99 6.62 -44.21 -48.92
N TYR G 100 7.05 -45.46 -48.73
CA TYR G 100 6.13 -46.59 -48.60
C TYR G 100 6.20 -47.16 -47.21
N PHE G 101 5.03 -47.22 -46.55
CA PHE G 101 4.90 -47.60 -45.14
C PHE G 101 4.11 -48.89 -44.95
N GLY G 102 4.31 -49.87 -45.84
CA GLY G 102 3.54 -51.10 -45.77
C GLY G 102 2.06 -50.82 -45.83
N ASP G 103 1.28 -51.50 -44.99
CA ASP G 103 -0.17 -51.38 -45.03
C ASP G 103 -0.68 -50.00 -44.61
N TYR G 104 0.15 -49.19 -43.98
CA TYR G 104 -0.26 -47.83 -43.65
C TYR G 104 -0.54 -47.01 -44.92
N GLY G 105 0.15 -47.30 -46.01
CA GLY G 105 -0.02 -46.53 -47.25
C GLY G 105 1.28 -45.90 -47.69
N HIS G 106 1.18 -44.81 -48.44
CA HIS G 106 2.36 -44.13 -48.96
C HIS G 106 2.17 -42.64 -48.92
N ILE G 107 3.29 -41.91 -48.94
CA ILE G 107 3.28 -40.45 -49.10
C ILE G 107 4.12 -40.13 -50.34
N SER G 108 3.62 -39.24 -51.20
CA SER G 108 4.41 -38.78 -52.35
C SER G 108 4.92 -37.36 -52.14
N VAL G 109 6.13 -37.09 -52.66
CA VAL G 109 6.76 -35.78 -52.52
C VAL G 109 7.35 -35.30 -53.86
N GLN G 110 7.43 -33.98 -54.01
N GLN G 110 7.50 -33.99 -53.97
CA GLN G 110 7.98 -33.33 -55.21
CA GLN G 110 8.10 -33.37 -55.14
C GLN G 110 8.73 -32.06 -54.76
C GLN G 110 8.80 -32.13 -54.64
N GLY G 111 10.00 -31.89 -55.17
CA GLY G 111 10.72 -30.69 -54.82
C GLY G 111 12.23 -30.83 -54.79
N PRO G 112 12.90 -29.92 -54.06
CA PRO G 112 14.35 -29.82 -54.13
C PRO G 112 15.09 -30.76 -53.18
N TYR G 113 16.14 -31.40 -53.69
CA TYR G 113 17.13 -32.08 -52.87
C TYR G 113 18.46 -31.42 -53.17
N ILE G 114 19.03 -30.81 -52.13
CA ILE G 114 20.28 -30.07 -52.24
C ILE G 114 21.29 -30.78 -51.38
N THR G 115 22.39 -31.24 -51.98
CA THR G 115 23.29 -32.16 -51.28
C THR G 115 24.02 -31.50 -50.11
N TYR G 116 23.98 -30.18 -50.04
CA TYR G 116 24.76 -29.45 -49.06
C TYR G 116 23.92 -28.65 -48.05
N GLU G 117 22.60 -28.76 -48.11
CA GLU G 117 21.74 -28.04 -47.16
C GLU G 117 20.33 -28.61 -47.12
N ASP G 118 19.65 -28.39 -45.99
CA ASP G 118 18.27 -28.79 -45.81
C ASP G 118 17.35 -28.12 -46.82
N SER G 119 16.22 -28.75 -47.11
CA SER G 119 15.23 -28.20 -48.03
C SER G 119 13.83 -28.65 -47.62
N TYR G 120 12.83 -28.05 -48.25
CA TYR G 120 11.44 -28.40 -48.05
C TYR G 120 10.79 -28.91 -49.33
N LEU G 121 10.27 -30.13 -49.28
N LEU G 121 10.27 -30.13 -49.26
CA LEU G 121 9.57 -30.75 -50.40
CA LEU G 121 9.55 -30.76 -50.36
C LEU G 121 8.07 -30.60 -50.24
C LEU G 121 8.05 -30.50 -50.22
N ALA G 122 7.35 -30.48 -51.35
CA ALA G 122 5.88 -30.50 -51.33
C ALA G 122 5.42 -31.92 -51.04
N ILE G 123 4.46 -32.07 -50.13
CA ILE G 123 3.76 -33.33 -49.97
C ILE G 123 2.62 -33.32 -50.97
N THR G 124 2.70 -34.17 -52.00
CA THR G 124 1.76 -34.10 -53.11
C THR G 124 0.52 -34.97 -52.92
N GLY G 125 0.51 -35.79 -51.87
CA GLY G 125 -0.62 -36.65 -51.57
C GLY G 125 -0.14 -37.98 -51.04
N GLY G 126 -1.08 -38.91 -50.90
CA GLY G 126 -0.75 -40.23 -50.39
C GLY G 126 -1.88 -41.21 -50.52
N SER G 127 -1.76 -42.32 -49.80
CA SER G 127 -2.77 -43.37 -49.82
C SER G 127 -2.87 -43.99 -48.43
N GLY G 128 -3.88 -44.82 -48.23
CA GLY G 128 -4.08 -45.45 -46.93
C GLY G 128 -4.38 -44.42 -45.85
N ILE G 129 -3.66 -44.47 -44.73
CA ILE G 129 -3.89 -43.48 -43.67
C ILE G 129 -3.43 -42.09 -44.11
N PHE G 130 -2.68 -42.03 -45.21
CA PHE G 130 -2.20 -40.75 -45.74
C PHE G 130 -3.06 -40.24 -46.89
N ALA G 131 -4.18 -40.91 -47.19
CA ALA G 131 -5.00 -40.47 -48.31
C ALA G 131 -5.50 -39.05 -48.07
N GLY G 132 -5.30 -38.20 -49.07
CA GLY G 132 -5.70 -36.79 -48.99
C GLY G 132 -4.74 -35.90 -48.22
N CYS G 133 -3.56 -36.40 -47.87
CA CYS G 133 -2.59 -35.58 -47.14
C CYS G 133 -2.04 -34.46 -48.01
N TYR G 134 -1.63 -33.39 -47.33
CA TYR G 134 -0.98 -32.27 -48.01
C TYR G 134 -0.06 -31.54 -47.03
N GLY G 135 0.75 -30.63 -47.54
CA GLY G 135 1.69 -29.90 -46.71
C GLY G 135 3.10 -29.90 -47.27
N GLN G 136 4.08 -29.79 -46.38
CA GLN G 136 5.48 -29.77 -46.77
C GLN G 136 6.28 -30.70 -45.86
N ALA G 137 7.44 -31.14 -46.33
CA ALA G 137 8.30 -32.03 -45.59
C ALA G 137 9.73 -31.48 -45.59
N LYS G 138 10.34 -31.43 -44.41
CA LYS G 138 11.71 -30.99 -44.32
C LYS G 138 12.65 -32.17 -44.54
N LEU G 139 13.59 -31.99 -45.46
CA LEU G 139 14.63 -32.96 -45.71
C LEU G 139 15.92 -32.48 -45.05
N HIS G 140 16.46 -33.31 -44.17
CA HIS G 140 17.74 -33.03 -43.52
C HIS G 140 18.71 -34.14 -43.81
N GLN G 141 19.84 -33.80 -44.44
CA GLN G 141 20.85 -34.81 -44.70
C GLN G 141 21.75 -35.00 -43.47
N ILE G 142 21.92 -36.26 -43.08
CA ILE G 142 22.79 -36.59 -41.95
C ILE G 142 24.20 -36.93 -42.45
N ILE G 143 24.27 -37.87 -43.39
CA ILE G 143 25.52 -38.22 -44.09
C ILE G 143 25.22 -38.27 -45.57
N PHE G 144 25.99 -37.54 -46.38
CA PHE G 144 25.83 -37.59 -47.83
C PHE G 144 26.34 -38.88 -48.45
N PRO G 145 25.48 -39.60 -49.21
CA PRO G 145 24.03 -39.43 -49.31
C PRO G 145 23.30 -40.61 -48.66
N PHE G 146 23.96 -41.25 -47.69
CA PHE G 146 23.49 -42.54 -47.17
C PHE G 146 22.48 -42.47 -46.04
N LYS G 147 22.41 -41.34 -45.34
CA LYS G 147 21.47 -41.22 -44.21
C LYS G 147 20.79 -39.86 -44.23
N LEU G 148 19.44 -39.90 -44.21
CA LEU G 148 18.64 -38.68 -44.22
C LEU G 148 17.54 -38.78 -43.18
N PHE G 149 17.03 -37.62 -42.77
CA PHE G 149 16.00 -37.53 -41.75
C PHE G 149 14.93 -36.53 -42.19
N TYR G 150 13.68 -36.97 -42.16
CA TYR G 150 12.56 -36.18 -42.65
C TYR G 150 11.60 -35.80 -41.54
N THR G 151 11.08 -34.58 -41.64
CA THR G 151 9.94 -34.17 -40.83
C THR G 151 8.81 -33.85 -41.78
N PHE G 152 7.79 -34.70 -41.80
CA PHE G 152 6.59 -34.44 -42.60
C PHE G 152 5.63 -33.62 -41.75
N TYR G 153 5.21 -32.46 -42.27
CA TYR G 153 4.22 -31.62 -41.59
C TYR G 153 2.90 -31.92 -42.28
N LEU G 154 2.26 -32.99 -41.83
CA LEU G 154 1.07 -33.53 -42.50
C LEU G 154 -0.22 -32.85 -42.12
N GLN G 155 -0.96 -32.43 -43.14
CA GLN G 155 -2.29 -31.87 -42.96
C GLN G 155 -3.31 -32.75 -43.69
N GLY G 156 -4.57 -32.68 -43.24
CA GLY G 156 -5.69 -33.25 -43.97
C GLY G 156 -6.01 -34.70 -43.66
N ILE G 157 -5.34 -35.29 -42.66
CA ILE G 157 -5.53 -36.70 -42.34
C ILE G 157 -5.88 -36.93 -40.88
N LYS G 158 -6.45 -38.10 -40.60
CA LYS G 158 -6.81 -38.50 -39.24
C LYS G 158 -5.57 -38.66 -38.35
N LYS G 159 -5.79 -38.66 -37.05
CA LYS G 159 -4.72 -38.86 -36.07
C LYS G 159 -3.83 -40.04 -36.45
N LEU G 160 -2.53 -39.79 -36.55
CA LEU G 160 -1.56 -40.84 -36.83
C LEU G 160 -1.58 -41.92 -35.75
N PRO G 161 -1.36 -43.20 -36.15
CA PRO G 161 -1.26 -44.28 -35.15
C PRO G 161 -0.07 -44.06 -34.21
N GLU G 162 -0.24 -44.44 -32.94
CA GLU G 162 0.80 -44.23 -31.94
C GLU G 162 2.13 -44.85 -32.32
N ALA G 163 2.08 -45.96 -33.07
CA ALA G 163 3.28 -46.66 -33.49
C ALA G 163 4.18 -45.80 -34.38
N LEU G 164 3.60 -44.80 -35.03
CA LEU G 164 4.35 -43.89 -35.89
C LEU G 164 4.80 -42.61 -35.17
N CYS G 165 4.50 -42.51 -33.88
CA CYS G 165 4.74 -41.29 -33.11
C CYS G 165 5.57 -41.54 -31.85
N ALA G 166 6.42 -42.55 -31.89
CA ALA G 166 7.30 -42.87 -30.75
C ALA G 166 8.36 -41.78 -30.54
N PRO G 167 8.93 -41.69 -29.32
CA PRO G 167 9.99 -40.69 -29.12
C PRO G 167 11.08 -40.82 -30.19
N CYS G 168 11.50 -39.68 -30.71
CA CYS G 168 12.36 -39.64 -31.89
C CYS G 168 13.84 -39.55 -31.51
N VAL G 169 14.65 -40.47 -32.03
CA VAL G 169 16.11 -40.39 -31.85
C VAL G 169 16.61 -39.11 -32.54
N PRO G 170 17.46 -38.32 -31.85
CA PRO G 170 17.98 -37.12 -32.51
C PRO G 170 18.96 -37.50 -33.62
N PRO G 171 18.86 -36.86 -34.81
CA PRO G 171 19.75 -37.24 -35.90
C PRO G 171 21.21 -36.91 -35.62
N SER G 172 22.08 -37.85 -35.96
CA SER G 172 23.53 -37.65 -35.93
C SER G 172 24.12 -38.75 -36.82
N PRO G 173 25.38 -38.59 -37.26
CA PRO G 173 25.92 -39.58 -38.20
C PRO G 173 25.99 -41.03 -37.69
N SER G 174 26.08 -41.22 -36.37
CA SER G 174 26.23 -42.57 -35.80
C SER G 174 24.91 -43.35 -35.70
N VAL G 175 23.80 -42.65 -35.93
CA VAL G 175 22.45 -43.20 -35.87
C VAL G 175 22.28 -44.44 -36.74
N ALA G 176 21.59 -45.46 -36.20
CA ALA G 176 21.36 -46.72 -36.90
C ALA G 176 20.07 -47.37 -36.40
N PRO G 177 19.42 -48.20 -37.24
CA PRO G 177 18.23 -48.91 -36.78
C PRO G 177 18.57 -49.88 -35.67
N ALA G 178 17.61 -50.09 -34.77
CA ALA G 178 17.69 -51.19 -33.81
C ALA G 178 17.91 -52.47 -34.60
N ASP G 179 18.67 -53.40 -34.04
CA ASP G 179 18.97 -54.61 -34.78
C ASP G 179 17.72 -55.40 -35.14
N GLU G 180 16.73 -55.38 -34.24
CA GLU G 180 15.47 -56.07 -34.47
C GLU G 180 14.74 -55.52 -35.71
N ALA G 181 14.90 -54.23 -35.95
CA ALA G 181 14.32 -53.58 -37.12
C ALA G 181 15.14 -53.91 -38.37
N LYS G 182 16.46 -53.89 -38.25
CA LYS G 182 17.32 -54.24 -39.39
C LYS G 182 17.06 -55.66 -39.85
N GLN G 183 16.77 -56.56 -38.89
CA GLN G 183 16.48 -57.96 -39.18
C GLN G 183 15.00 -58.20 -39.51
N CYS G 184 14.20 -57.13 -39.48
CA CYS G 184 12.78 -57.18 -39.84
C CYS G 184 12.00 -58.21 -39.01
N LEU G 185 12.25 -58.22 -37.71
CA LEU G 185 11.58 -59.17 -36.82
C LEU G 185 10.13 -58.75 -36.57
N PRO G 186 9.25 -59.73 -36.28
CA PRO G 186 7.89 -59.39 -35.83
C PRO G 186 7.94 -58.33 -34.73
N ASN G 187 6.95 -57.44 -34.73
CA ASN G 187 6.86 -56.37 -33.73
C ASN G 187 7.90 -55.27 -33.92
N HIS G 188 8.72 -55.40 -34.97
CA HIS G 188 9.68 -54.36 -35.31
C HIS G 188 9.61 -54.01 -36.77
N VAL G 189 8.44 -54.28 -37.35
CA VAL G 189 8.12 -53.88 -38.71
C VAL G 189 6.71 -53.32 -38.81
N ALA G 190 6.50 -52.41 -39.76
CA ALA G 190 5.16 -51.98 -40.11
C ALA G 190 4.39 -53.21 -40.62
N PRO G 191 3.05 -53.21 -40.46
CA PRO G 191 2.23 -54.29 -41.01
C PRO G 191 2.50 -54.43 -42.51
N ASN G 192 2.93 -55.63 -42.92
CA ASN G 192 3.33 -55.90 -44.30
C ASN G 192 4.26 -54.81 -44.86
N PHE G 193 5.29 -54.49 -44.07
CA PHE G 193 6.26 -53.44 -44.42
C PHE G 193 6.75 -53.60 -45.86
N THR G 194 6.99 -52.49 -46.54
CA THR G 194 7.33 -52.55 -47.95
C THR G 194 8.77 -53.01 -48.15
N LYS G 195 8.94 -54.05 -48.96
CA LYS G 195 10.25 -54.64 -49.21
C LYS G 195 10.87 -54.09 -50.49
N HIS H 16 -16.01 -36.02 -48.78
CA HIS H 16 -16.81 -35.85 -50.01
C HIS H 16 -16.11 -36.51 -51.17
N VAL H 17 -16.23 -37.83 -51.23
CA VAL H 17 -15.53 -38.61 -52.25
C VAL H 17 -16.49 -38.93 -53.39
N GLN H 18 -16.03 -38.67 -54.62
CA GLN H 18 -16.74 -39.11 -55.81
C GLN H 18 -15.91 -40.14 -56.55
N GLU H 19 -16.53 -41.27 -56.88
CA GLU H 19 -15.86 -42.30 -57.66
C GLU H 19 -15.93 -41.98 -59.16
N LEU H 20 -14.78 -42.06 -59.81
CA LEU H 20 -14.69 -41.94 -61.26
C LEU H 20 -13.98 -43.19 -61.77
N PHE H 21 -14.63 -43.93 -62.68
CA PHE H 21 -14.04 -45.14 -63.25
C PHE H 21 -13.44 -44.87 -64.62
N VAL H 22 -12.23 -45.36 -64.85
CA VAL H 22 -11.54 -45.16 -66.13
C VAL H 22 -10.86 -46.44 -66.58
N TYR H 23 -11.09 -46.82 -67.85
CA TYR H 23 -10.33 -47.92 -68.46
C TYR H 23 -9.16 -47.37 -69.25
N GLU H 24 -7.97 -47.94 -69.04
CA GLU H 24 -6.77 -47.58 -69.79
C GLU H 24 -6.40 -48.77 -70.66
N ILE H 25 -6.27 -48.53 -71.96
N ILE H 25 -6.24 -48.53 -71.96
CA ILE H 25 -5.98 -49.61 -72.90
CA ILE H 25 -5.96 -49.61 -72.89
C ILE H 25 -4.80 -49.26 -73.80
C ILE H 25 -4.81 -49.27 -73.82
N ASN H 26 -3.82 -50.16 -73.88
CA ASN H 26 -2.74 -50.03 -74.84
C ASN H 26 -3.17 -50.72 -76.12
N GLU H 27 -3.56 -49.94 -77.12
CA GLU H 27 -4.04 -50.49 -78.39
C GLU H 27 -2.93 -50.70 -79.42
N ARG H 28 -1.68 -50.57 -78.95
CA ARG H 28 -0.48 -50.94 -79.71
C ARG H 28 -0.29 -50.09 -80.96
N ASP H 29 -0.77 -48.85 -80.90
CA ASP H 29 -0.82 -47.96 -82.06
C ASP H 29 -0.01 -46.67 -81.91
N ARG H 30 0.63 -46.55 -80.74
N ARG H 30 0.66 -46.46 -80.78
CA ARG H 30 1.32 -45.33 -80.29
CA ARG H 30 1.48 -45.27 -80.69
C ARG H 30 2.82 -45.54 -80.02
C ARG H 30 2.84 -45.53 -80.07
N GLY H 31 3.38 -46.70 -80.38
CA GLY H 31 4.77 -47.06 -80.05
C GLY H 31 5.09 -47.07 -78.55
N SER H 32 4.09 -47.39 -77.74
CA SER H 32 4.20 -47.34 -76.29
C SER H 32 4.09 -48.74 -75.71
N PRO H 33 4.81 -49.05 -74.61
CA PRO H 33 5.73 -48.14 -73.91
C PRO H 33 7.12 -48.16 -74.56
N VAL H 34 7.95 -47.22 -74.15
CA VAL H 34 9.35 -47.20 -74.59
C VAL H 34 10.21 -47.66 -73.41
N PHE H 35 10.82 -48.82 -73.54
CA PHE H 35 11.62 -49.37 -72.45
C PHE H 35 13.08 -48.97 -72.62
N LEU H 36 13.57 -48.18 -71.68
CA LEU H 36 14.95 -47.69 -71.70
C LEU H 36 15.73 -48.46 -70.64
N PRO H 37 16.61 -49.37 -71.06
CA PRO H 37 17.25 -50.33 -70.15
C PRO H 37 18.42 -49.71 -69.38
N PHE H 38 18.19 -48.55 -68.77
CA PHE H 38 19.26 -47.78 -68.13
C PHE H 38 19.80 -48.36 -66.83
N GLY H 39 19.07 -49.30 -66.22
CA GLY H 39 19.56 -50.01 -65.03
C GLY H 39 20.83 -50.79 -65.33
N GLY H 40 21.03 -51.13 -66.61
CA GLY H 40 22.27 -51.71 -67.11
C GLY H 40 22.57 -53.13 -66.68
N LYS H 41 21.60 -53.77 -66.02
CA LYS H 41 21.83 -55.10 -65.49
C LYS H 41 21.64 -56.18 -66.53
N LYS H 42 22.60 -57.09 -66.56
CA LYS H 42 22.59 -58.21 -67.48
C LYS H 42 22.65 -59.47 -66.65
N GLN H 43 22.06 -60.54 -67.17
CA GLN H 43 22.07 -61.81 -66.47
C GLN H 43 23.47 -62.40 -66.58
N PRO H 44 24.09 -62.75 -65.42
CA PRO H 44 25.48 -63.25 -65.40
C PRO H 44 25.78 -64.39 -66.39
N GLY H 45 24.79 -65.21 -66.71
CA GLY H 45 24.98 -66.27 -67.70
C GLY H 45 24.87 -65.81 -69.15
N THR H 46 24.05 -64.78 -69.38
CA THR H 46 23.65 -64.37 -70.73
C THR H 46 23.88 -62.88 -70.98
N ASP H 47 23.67 -62.42 -72.22
CA ASP H 47 23.67 -60.98 -72.52
C ASP H 47 22.27 -60.34 -72.40
N ALA H 48 21.30 -61.13 -71.95
CA ALA H 48 19.92 -60.68 -71.83
C ALA H 48 19.73 -59.62 -70.73
N HIS H 49 18.93 -58.61 -71.05
CA HIS H 49 18.59 -57.59 -70.06
C HIS H 49 17.89 -58.17 -68.87
N VAL H 50 18.21 -57.65 -67.69
CA VAL H 50 17.49 -57.97 -66.47
C VAL H 50 16.89 -56.67 -65.94
N ASN H 51 15.58 -56.66 -65.72
CA ASN H 51 14.89 -55.50 -65.15
C ASN H 51 15.50 -55.16 -63.80
N SER H 52 15.86 -53.90 -63.62
N SER H 52 15.86 -53.90 -63.61
CA SER H 52 16.45 -53.45 -62.36
CA SER H 52 16.49 -53.47 -62.36
C SER H 52 16.26 -51.96 -62.15
C SER H 52 16.30 -51.98 -62.16
N LEU H 53 16.55 -51.52 -60.94
CA LEU H 53 16.46 -50.11 -60.57
C LEU H 53 17.10 -49.23 -61.64
N GLY H 54 16.32 -48.28 -62.13
CA GLY H 54 16.86 -47.30 -63.05
C GLY H 54 16.51 -47.50 -64.51
N ASP H 55 15.96 -48.66 -64.86
CA ASP H 55 15.29 -48.78 -66.16
C ASP H 55 14.17 -47.75 -66.16
N LEU H 56 13.97 -47.05 -67.27
CA LEU H 56 12.95 -46.01 -67.36
C LEU H 56 11.97 -46.35 -68.45
N VAL H 57 10.69 -46.02 -68.24
CA VAL H 57 9.64 -46.38 -69.18
C VAL H 57 8.65 -45.25 -69.43
N PRO H 58 8.96 -44.40 -70.42
CA PRO H 58 7.96 -43.44 -70.90
C PRO H 58 6.79 -44.18 -71.54
N PHE H 59 5.57 -43.68 -71.35
CA PHE H 59 4.41 -44.35 -71.90
C PHE H 59 3.23 -43.42 -72.16
N SER H 60 2.32 -43.89 -73.02
CA SER H 60 1.07 -43.20 -73.26
C SER H 60 0.06 -44.17 -73.87
N ASN H 61 -1.08 -44.36 -73.19
CA ASN H 61 -2.16 -45.25 -73.64
C ASN H 61 -3.46 -44.48 -73.83
N LYS H 62 -4.48 -45.13 -74.40
CA LYS H 62 -5.80 -44.51 -74.53
C LYS H 62 -6.61 -44.75 -73.26
N ILE H 63 -7.49 -43.82 -72.94
CA ILE H 63 -8.46 -44.03 -71.86
C ILE H 63 -9.89 -43.87 -72.35
N TYR H 64 -10.76 -44.68 -71.73
CA TYR H 64 -12.18 -44.74 -72.02
C TYR H 64 -12.95 -44.62 -70.70
N ASP H 65 -14.22 -44.26 -70.78
CA ASP H 65 -15.04 -44.14 -69.58
C ASP H 65 -15.41 -45.51 -69.03
N GLY H 66 -16.01 -45.50 -67.84
CA GLY H 66 -16.40 -46.73 -67.16
C GLY H 66 -17.35 -47.61 -67.96
N SER H 67 -18.22 -46.99 -68.75
CA SER H 67 -19.19 -47.74 -69.56
C SER H 67 -18.57 -48.32 -70.82
N LEU H 68 -17.32 -47.93 -71.11
CA LEU H 68 -16.58 -48.36 -72.32
C LEU H 68 -17.23 -47.91 -73.64
N LYS H 69 -18.09 -46.90 -73.54
CA LYS H 69 -18.77 -46.35 -74.71
C LYS H 69 -18.15 -45.06 -75.24
N THR H 70 -17.23 -44.48 -74.47
CA THR H 70 -16.66 -43.19 -74.82
C THR H 70 -15.15 -43.17 -74.73
N ARG H 71 -14.48 -42.77 -75.82
CA ARG H 71 -13.06 -42.49 -75.79
C ARG H 71 -12.89 -41.13 -75.11
N LEU H 72 -12.12 -41.08 -74.02
CA LEU H 72 -11.97 -39.85 -73.25
C LEU H 72 -10.70 -39.07 -73.61
N GLY H 73 -9.62 -39.81 -73.85
CA GLY H 73 -8.32 -39.19 -74.04
C GLY H 73 -7.19 -40.19 -73.93
N ILE H 74 -6.16 -39.80 -73.20
CA ILE H 74 -4.94 -40.60 -73.09
C ILE H 74 -4.39 -40.53 -71.67
N THR H 75 -3.53 -41.48 -71.32
CA THR H 75 -2.59 -41.31 -70.21
C THR H 75 -1.25 -40.89 -70.81
N ALA H 76 -0.39 -40.28 -70.00
CA ALA H 76 0.93 -39.85 -70.47
C ALA H 76 1.83 -39.70 -69.26
N GLY H 77 3.00 -40.33 -69.32
CA GLY H 77 3.96 -40.17 -68.24
C GLY H 77 5.19 -41.03 -68.30
N LEU H 78 5.75 -41.28 -67.12
CA LEU H 78 7.06 -41.89 -66.98
C LEU H 78 7.09 -42.79 -65.75
N CYS H 79 7.52 -44.02 -65.95
CA CYS H 79 7.77 -44.96 -64.86
C CYS H 79 9.25 -45.19 -64.63
N THR H 80 9.65 -45.25 -63.37
CA THR H 80 11.01 -45.61 -63.00
C THR H 80 10.95 -47.00 -62.40
N LEU H 81 11.68 -47.95 -62.98
CA LEU H 81 11.72 -49.31 -62.43
C LEU H 81 12.52 -49.28 -61.12
N ILE H 82 11.97 -49.91 -60.08
CA ILE H 82 12.58 -49.87 -58.76
C ILE H 82 13.20 -51.19 -58.38
N SER H 83 12.45 -52.27 -58.59
CA SER H 83 12.93 -53.61 -58.28
C SER H 83 12.18 -54.66 -59.06
N HIS H 84 12.88 -55.78 -59.30
CA HIS H 84 12.28 -56.94 -59.93
C HIS H 84 12.20 -58.06 -58.93
N SER H 85 11.04 -58.71 -58.87
CA SER H 85 10.87 -59.90 -58.03
C SER H 85 10.81 -61.16 -58.87
N ASP H 86 11.75 -62.06 -58.64
CA ASP H 86 11.75 -63.37 -59.31
C ASP H 86 10.63 -64.26 -58.78
N GLN H 87 10.40 -64.21 -57.46
CA GLN H 87 9.35 -64.99 -56.82
C GLN H 87 7.96 -64.60 -57.32
N LYS H 88 7.73 -63.30 -57.47
CA LYS H 88 6.43 -62.78 -57.91
C LYS H 88 6.34 -62.65 -59.43
N ASN H 89 7.46 -62.88 -60.11
CA ASN H 89 7.60 -62.69 -61.57
C ASN H 89 7.03 -61.34 -62.05
N GLY H 90 7.59 -60.26 -61.55
CA GLY H 90 7.14 -58.93 -61.91
C GLY H 90 8.00 -57.83 -61.31
N ASP H 91 7.54 -56.60 -61.45
CA ASP H 91 8.34 -55.44 -61.09
C ASP H 91 7.56 -54.40 -60.30
N ARG H 92 8.26 -53.68 -59.44
CA ARG H 92 7.74 -52.46 -58.84
C ARG H 92 8.29 -51.29 -59.63
N TYR H 93 7.39 -50.40 -60.04
CA TYR H 93 7.73 -49.11 -60.64
C TYR H 93 7.27 -47.98 -59.74
N GLU H 94 7.93 -46.84 -59.86
CA GLU H 94 7.44 -45.58 -59.30
C GLU H 94 6.97 -44.75 -60.50
N ALA H 95 5.69 -44.37 -60.50
CA ALA H 95 5.05 -43.78 -61.66
C ALA H 95 4.60 -42.35 -61.47
N LEU H 96 4.81 -41.53 -62.50
CA LEU H 96 4.35 -40.17 -62.54
C LEU H 96 3.62 -40.03 -63.88
N TYR H 97 2.31 -39.81 -63.83
CA TYR H 97 1.56 -39.65 -65.07
C TYR H 97 0.27 -38.89 -64.92
N SER H 98 -0.32 -38.49 -66.05
CA SER H 98 -1.59 -37.80 -66.06
C SER H 98 -2.58 -38.49 -66.96
N PHE H 99 -3.85 -38.25 -66.66
CA PHE H 99 -4.98 -38.71 -67.44
C PHE H 99 -5.61 -37.49 -68.07
N TYR H 100 -5.80 -37.53 -69.39
CA TYR H 100 -6.33 -36.39 -70.15
C TYR H 100 -7.72 -36.69 -70.66
N PHE H 101 -8.67 -35.82 -70.35
CA PHE H 101 -10.09 -36.06 -70.60
C PHE H 101 -10.64 -35.04 -71.60
N GLY H 102 -9.84 -34.66 -72.60
CA GLY H 102 -10.27 -33.63 -73.53
C GLY H 102 -10.63 -32.36 -72.79
N ASP H 103 -11.75 -31.73 -73.17
CA ASP H 103 -12.12 -30.43 -72.61
C ASP H 103 -12.49 -30.47 -71.12
N TYR H 104 -12.72 -31.66 -70.58
CA TYR H 104 -13.00 -31.78 -69.15
C TYR H 104 -11.81 -31.34 -68.28
N GLY H 105 -10.60 -31.57 -68.79
CA GLY H 105 -9.39 -31.32 -68.02
C GLY H 105 -8.54 -32.54 -67.83
N HIS H 106 -7.68 -32.52 -66.82
CA HIS H 106 -6.78 -33.63 -66.55
C HIS H 106 -6.70 -33.93 -65.07
N ILE H 107 -6.27 -35.15 -64.75
CA ILE H 107 -5.92 -35.57 -63.38
C ILE H 107 -4.48 -36.05 -63.40
N SER H 108 -3.68 -35.61 -62.43
CA SER H 108 -2.30 -36.07 -62.29
C SER H 108 -2.19 -37.03 -61.11
N VAL H 109 -1.31 -38.03 -61.24
CA VAL H 109 -1.11 -39.04 -60.19
C VAL H 109 0.38 -39.32 -59.96
N GLN H 110 0.69 -39.84 -58.77
CA GLN H 110 2.05 -40.19 -58.41
C GLN H 110 1.98 -41.37 -57.46
N GLY H 111 2.80 -42.39 -57.69
CA GLY H 111 2.84 -43.52 -56.76
C GLY H 111 3.24 -44.81 -57.43
N PRO H 112 2.86 -45.93 -56.81
CA PRO H 112 3.39 -47.22 -57.23
C PRO H 112 2.57 -47.88 -58.35
N TYR H 113 3.29 -48.44 -59.31
CA TYR H 113 2.68 -49.37 -60.25
C TYR H 113 3.43 -50.69 -60.07
N ILE H 114 2.69 -51.71 -59.68
N ILE H 114 2.69 -51.71 -59.67
CA ILE H 114 3.24 -53.04 -59.42
CA ILE H 114 3.27 -53.02 -59.43
C ILE H 114 2.62 -53.98 -60.43
C ILE H 114 2.63 -53.98 -60.42
N THR H 115 3.45 -54.62 -61.24
CA THR H 115 2.95 -55.42 -62.37
C THR H 115 2.13 -56.64 -61.97
N TYR H 116 2.24 -57.05 -60.72
CA TYR H 116 1.60 -58.28 -60.27
C TYR H 116 0.49 -58.08 -59.23
N GLU H 117 0.18 -56.84 -58.87
CA GLU H 117 -0.88 -56.58 -57.88
C GLU H 117 -1.45 -55.16 -57.94
N ASP H 118 -2.64 -54.98 -57.37
CA ASP H 118 -3.26 -53.65 -57.30
C ASP H 118 -2.47 -52.73 -56.41
N SER H 119 -2.62 -51.44 -56.64
CA SER H 119 -1.99 -50.44 -55.79
C SER H 119 -2.85 -49.19 -55.74
N TYR H 120 -2.49 -48.28 -54.84
CA TYR H 120 -3.13 -46.98 -54.75
C TYR H 120 -2.16 -45.85 -55.04
N LEU H 121 -2.53 -45.01 -55.99
CA LEU H 121 -1.77 -43.83 -56.35
C LEU H 121 -2.28 -42.60 -55.62
N ALA H 122 -1.40 -41.63 -55.35
CA ALA H 122 -1.83 -40.31 -54.93
C ALA H 122 -2.40 -39.55 -56.11
N ILE H 123 -3.56 -38.93 -55.92
CA ILE H 123 -4.08 -37.94 -56.87
C ILE H 123 -3.45 -36.60 -56.49
N THR H 124 -2.57 -36.10 -57.34
CA THR H 124 -1.78 -34.93 -56.97
C THR H 124 -2.41 -33.61 -57.37
N GLY H 125 -3.49 -33.67 -58.15
CA GLY H 125 -4.21 -32.49 -58.57
C GLY H 125 -4.74 -32.67 -59.98
N GLY H 126 -5.26 -31.59 -60.55
CA GLY H 126 -5.84 -31.66 -61.87
C GLY H 126 -6.16 -30.29 -62.41
N SER H 127 -6.95 -30.25 -63.47
CA SER H 127 -7.33 -29.01 -64.11
C SER H 127 -8.75 -29.13 -64.63
N GLY H 128 -9.33 -28.01 -65.05
CA GLY H 128 -10.68 -28.01 -65.57
C GLY H 128 -11.65 -28.40 -64.48
N ILE H 129 -12.52 -29.38 -64.77
CA ILE H 129 -13.49 -29.84 -63.77
C ILE H 129 -12.78 -30.53 -62.60
N PHE H 130 -11.51 -30.89 -62.80
CA PHE H 130 -10.73 -31.55 -61.76
C PHE H 130 -9.80 -30.60 -61.01
N ALA H 131 -9.89 -29.30 -61.28
CA ALA H 131 -9.03 -28.33 -60.60
C ALA H 131 -9.24 -28.40 -59.09
N GLY H 132 -8.14 -28.60 -58.37
CA GLY H 132 -8.21 -28.66 -56.91
C GLY H 132 -8.51 -30.04 -56.34
N CYS H 133 -8.57 -31.06 -57.20
CA CYS H 133 -8.86 -32.41 -56.73
C CYS H 133 -7.73 -32.97 -55.91
N TYR H 134 -8.07 -33.92 -55.05
CA TYR H 134 -7.11 -34.63 -54.24
C TYR H 134 -7.70 -35.98 -53.86
N GLY H 135 -6.88 -36.83 -53.26
CA GLY H 135 -7.36 -38.15 -52.87
C GLY H 135 -6.44 -39.23 -53.36
N GLN H 136 -6.98 -40.42 -53.55
CA GLN H 136 -6.19 -41.55 -54.02
C GLN H 136 -6.95 -42.29 -55.11
N ALA H 137 -6.23 -43.07 -55.91
CA ALA H 137 -6.84 -43.80 -57.01
C ALA H 137 -6.37 -45.23 -56.97
N LYS H 138 -7.31 -46.17 -57.12
CA LYS H 138 -6.98 -47.58 -57.19
C LYS H 138 -6.61 -47.97 -58.60
N LEU H 139 -5.44 -48.60 -58.73
CA LEU H 139 -4.99 -49.13 -60.00
C LEU H 139 -5.20 -50.65 -59.97
N HIS H 140 -6.01 -51.14 -60.91
CA HIS H 140 -6.26 -52.57 -61.04
C HIS H 140 -5.88 -53.05 -62.41
N GLN H 141 -4.92 -53.97 -62.47
CA GLN H 141 -4.53 -54.51 -63.77
C GLN H 141 -5.47 -55.63 -64.19
N ILE H 142 -5.95 -55.54 -65.42
CA ILE H 142 -6.83 -56.57 -65.97
C ILE H 142 -6.02 -57.58 -66.78
N ILE H 143 -5.20 -57.07 -67.69
CA ILE H 143 -4.29 -57.87 -68.52
C ILE H 143 -2.94 -57.16 -68.56
N PHE H 144 -1.90 -57.80 -68.04
CA PHE H 144 -0.55 -57.21 -68.06
C PHE H 144 0.05 -57.17 -69.47
N PRO H 145 0.52 -55.98 -69.91
CA PRO H 145 0.32 -54.68 -69.30
C PRO H 145 -0.63 -53.82 -70.13
N PHE H 146 -1.48 -54.47 -70.92
CA PHE H 146 -2.24 -53.77 -71.95
C PHE H 146 -3.61 -53.25 -71.53
N LYS H 147 -4.12 -53.69 -70.39
CA LYS H 147 -5.45 -53.26 -69.98
C LYS H 147 -5.54 -53.07 -68.47
N LEU H 148 -5.90 -51.85 -68.08
CA LEU H 148 -6.00 -51.49 -66.66
C LEU H 148 -7.31 -50.76 -66.38
N PHE H 149 -7.73 -50.82 -65.11
CA PHE H 149 -8.97 -50.22 -64.68
C PHE H 149 -8.71 -49.39 -63.42
N TYR H 150 -9.07 -48.11 -63.46
CA TYR H 150 -8.84 -47.21 -62.33
C TYR H 150 -10.12 -46.79 -61.65
N THR H 151 -10.07 -46.70 -60.33
CA THR H 151 -11.10 -46.03 -59.54
C THR H 151 -10.50 -44.83 -58.84
N PHE H 152 -10.84 -43.63 -59.32
CA PHE H 152 -10.39 -42.40 -58.68
C PHE H 152 -11.37 -42.05 -57.56
N TYR H 153 -10.85 -41.85 -56.35
CA TYR H 153 -11.68 -41.44 -55.22
C TYR H 153 -11.45 -39.93 -55.05
N LEU H 154 -12.17 -39.17 -55.85
CA LEU H 154 -11.89 -37.75 -56.01
C LEU H 154 -12.55 -36.91 -54.93
N GLN H 155 -11.74 -36.10 -54.26
CA GLN H 155 -12.23 -35.13 -53.29
C GLN H 155 -11.95 -33.71 -53.78
N GLY H 156 -12.72 -32.77 -53.27
CA GLY H 156 -12.45 -31.35 -53.45
C GLY H 156 -13.00 -30.72 -54.71
N ILE H 157 -13.84 -31.43 -55.44
CA ILE H 157 -14.36 -30.89 -56.71
C ILE H 157 -15.87 -30.96 -56.79
N LYS H 158 -16.44 -30.19 -57.72
CA LYS H 158 -17.88 -30.16 -57.95
C LYS H 158 -18.40 -31.51 -58.48
N LYS H 159 -19.70 -31.72 -58.38
CA LYS H 159 -20.32 -32.94 -58.90
C LYS H 159 -19.87 -33.21 -60.33
N LEU H 160 -19.35 -34.41 -60.56
CA LEU H 160 -18.91 -34.82 -61.91
C LEU H 160 -20.08 -34.81 -62.88
N PRO H 161 -19.81 -34.46 -64.16
CA PRO H 161 -20.88 -34.47 -65.15
C PRO H 161 -21.38 -35.89 -65.39
N GLU H 162 -22.66 -36.02 -65.72
CA GLU H 162 -23.28 -37.32 -65.92
C GLU H 162 -22.57 -38.17 -66.97
N ALA H 163 -22.03 -37.52 -68.00
CA ALA H 163 -21.30 -38.21 -69.06
C ALA H 163 -20.12 -39.04 -68.56
N LEU H 164 -19.53 -38.62 -67.44
CA LEU H 164 -18.41 -39.36 -66.85
C LEU H 164 -18.83 -40.36 -65.78
N CYS H 165 -20.13 -40.45 -65.52
CA CYS H 165 -20.69 -41.27 -64.44
C CYS H 165 -21.72 -42.27 -64.94
N ALA H 166 -21.60 -42.70 -66.19
CA ALA H 166 -22.43 -43.77 -66.74
C ALA H 166 -22.21 -45.08 -65.97
N PRO H 167 -23.20 -45.99 -65.97
CA PRO H 167 -23.02 -47.25 -65.26
C PRO H 167 -21.77 -47.97 -65.74
N CYS H 168 -20.95 -48.43 -64.79
CA CYS H 168 -19.64 -48.97 -65.10
C CYS H 168 -19.76 -50.43 -65.56
N VAL H 169 -19.01 -50.78 -66.60
CA VAL H 169 -18.83 -52.19 -66.95
C VAL H 169 -17.89 -52.80 -65.90
N PRO H 170 -18.34 -53.87 -65.20
CA PRO H 170 -17.42 -54.49 -64.24
C PRO H 170 -16.16 -55.03 -64.93
N PRO H 171 -14.97 -54.77 -64.35
CA PRO H 171 -13.75 -55.21 -65.04
C PRO H 171 -13.58 -56.73 -65.11
N SER H 172 -13.11 -57.20 -66.26
CA SER H 172 -12.76 -58.60 -66.48
C SER H 172 -11.90 -58.67 -67.73
N PRO H 173 -11.20 -59.80 -67.95
CA PRO H 173 -10.28 -59.90 -69.10
C PRO H 173 -10.89 -59.70 -70.49
N SER H 174 -12.19 -59.97 -70.64
CA SER H 174 -12.83 -59.89 -71.96
C SER H 174 -13.36 -58.50 -72.33
N VAL H 175 -13.46 -57.59 -71.35
CA VAL H 175 -14.06 -56.28 -71.61
C VAL H 175 -13.22 -55.47 -72.62
N ALA H 176 -13.90 -54.67 -73.42
CA ALA H 176 -13.25 -53.90 -74.48
C ALA H 176 -14.09 -52.70 -74.85
N PRO H 177 -13.46 -51.64 -75.36
CA PRO H 177 -14.27 -50.47 -75.75
C PRO H 177 -15.22 -50.86 -76.88
N ALA H 178 -16.42 -50.27 -76.86
CA ALA H 178 -17.34 -50.37 -78.00
C ALA H 178 -16.58 -50.02 -79.28
N ASP H 179 -16.87 -50.71 -80.37
CA ASP H 179 -16.16 -50.47 -81.63
C ASP H 179 -16.23 -49.00 -82.05
N GLU H 180 -17.36 -48.36 -81.78
CA GLU H 180 -17.58 -46.96 -82.12
C GLU H 180 -16.66 -46.02 -81.34
N ALA H 181 -16.36 -46.39 -80.09
CA ALA H 181 -15.42 -45.64 -79.27
C ALA H 181 -13.99 -45.85 -79.77
N LYS H 182 -13.67 -47.08 -80.14
CA LYS H 182 -12.35 -47.44 -80.68
C LYS H 182 -12.08 -46.66 -81.96
N GLN H 183 -13.11 -46.51 -82.79
CA GLN H 183 -13.00 -45.80 -84.05
C GLN H 183 -13.11 -44.28 -83.89
N CYS H 184 -13.32 -43.82 -82.65
CA CYS H 184 -13.47 -42.39 -82.33
C CYS H 184 -14.60 -41.70 -83.12
N LEU H 185 -15.71 -42.41 -83.26
CA LEU H 185 -16.88 -41.89 -83.97
C LEU H 185 -17.56 -40.80 -83.12
N PRO H 186 -18.15 -39.78 -83.80
CA PRO H 186 -18.63 -38.52 -83.22
C PRO H 186 -19.36 -38.57 -81.87
N ASN H 187 -20.32 -39.48 -81.71
CA ASN H 187 -21.08 -39.58 -80.47
C ASN H 187 -20.43 -40.42 -79.38
N HIS H 188 -19.18 -40.82 -79.60
CA HIS H 188 -18.51 -41.73 -78.69
C HIS H 188 -17.16 -41.24 -78.25
N VAL H 189 -17.01 -39.93 -78.18
CA VAL H 189 -15.79 -39.29 -77.71
C VAL H 189 -16.11 -38.17 -76.73
N ALA H 190 -15.21 -37.94 -75.79
CA ALA H 190 -15.26 -36.74 -74.96
C ALA H 190 -15.12 -35.50 -75.85
N PRO H 191 -15.66 -34.34 -75.40
CA PRO H 191 -15.51 -33.10 -76.15
C PRO H 191 -14.03 -32.79 -76.36
N ASN H 192 -13.63 -32.67 -77.62
CA ASN H 192 -12.23 -32.52 -78.01
C ASN H 192 -11.33 -33.52 -77.27
N PHE H 193 -11.75 -34.78 -77.29
CA PHE H 193 -11.01 -35.86 -76.63
C PHE H 193 -9.52 -35.77 -76.97
N THR H 194 -8.67 -36.07 -75.99
CA THR H 194 -7.24 -35.92 -76.17
C THR H 194 -6.68 -37.02 -77.07
N LYS H 195 -6.01 -36.61 -78.13
CA LYS H 195 -5.47 -37.53 -79.13
C LYS H 195 -4.04 -37.93 -78.79
N HIS I 16 -11.19 -19.81 -51.99
CA HIS I 16 -10.72 -18.50 -52.51
C HIS I 16 -9.45 -18.67 -53.31
N VAL I 17 -9.46 -18.11 -54.52
CA VAL I 17 -8.35 -18.22 -55.44
C VAL I 17 -7.53 -16.92 -55.43
N GLN I 18 -6.22 -17.06 -55.32
CA GLN I 18 -5.30 -15.94 -55.49
C GLN I 18 -4.49 -16.14 -56.76
N GLU I 19 -4.51 -15.15 -57.64
CA GLU I 19 -3.70 -15.20 -58.86
C GLU I 19 -2.26 -14.76 -58.61
N LEU I 20 -1.31 -15.55 -59.12
CA LEU I 20 0.09 -15.20 -59.10
C LEU I 20 0.64 -15.29 -60.53
N PHE I 21 1.19 -14.20 -61.03
CA PHE I 21 1.75 -14.14 -62.38
C PHE I 21 3.26 -14.30 -62.33
N VAL I 22 3.78 -15.17 -63.19
CA VAL I 22 5.21 -15.43 -63.24
C VAL I 22 5.68 -15.51 -64.68
N TYR I 23 6.77 -14.80 -64.97
CA TYR I 23 7.46 -14.94 -66.26
C TYR I 23 8.62 -15.92 -66.14
N GLU I 24 8.71 -16.84 -67.09
CA GLU I 24 9.83 -17.78 -67.18
C GLU I 24 10.60 -17.48 -68.45
N ILE I 25 11.91 -17.26 -68.31
N ILE I 25 11.92 -17.28 -68.30
CA ILE I 25 12.76 -16.93 -69.45
CA ILE I 25 12.78 -16.90 -69.42
C ILE I 25 14.00 -17.80 -69.50
C ILE I 25 14.01 -17.80 -69.50
N ASN I 26 14.27 -18.36 -70.67
CA ASN I 26 15.54 -19.00 -70.95
C ASN I 26 16.52 -17.95 -71.43
N GLU I 27 17.44 -17.57 -70.56
CA GLU I 27 18.40 -16.52 -70.88
C GLU I 27 19.71 -17.07 -71.45
N ARG I 28 19.71 -18.35 -71.80
CA ARG I 28 20.80 -19.00 -72.54
C ARG I 28 22.11 -19.06 -71.74
N ASP I 29 21.98 -19.08 -70.42
CA ASP I 29 23.15 -19.01 -69.54
C ASP I 29 23.18 -20.09 -68.46
N ARG I 30 22.29 -21.07 -68.58
CA ARG I 30 22.20 -22.15 -67.59
C ARG I 30 22.42 -23.52 -68.24
N GLY I 31 22.91 -23.52 -69.48
CA GLY I 31 23.13 -24.76 -70.24
C GLY I 31 21.86 -25.56 -70.45
N SER I 32 20.72 -24.87 -70.53
CA SER I 32 19.41 -25.50 -70.57
C SER I 32 18.71 -25.22 -71.89
N PRO I 33 17.87 -26.15 -72.38
CA PRO I 33 17.57 -27.47 -71.82
C PRO I 33 18.53 -28.54 -72.33
N VAL I 34 18.39 -29.75 -71.80
CA VAL I 34 19.16 -30.88 -72.30
C VAL I 34 18.20 -31.84 -73.00
N PHE I 35 18.28 -31.90 -74.33
CA PHE I 35 17.38 -32.77 -75.08
C PHE I 35 18.01 -34.15 -75.27
N LEU I 36 17.37 -35.16 -74.68
CA LEU I 36 17.85 -36.55 -74.73
C LEU I 36 16.98 -37.35 -75.69
N PRO I 37 17.51 -37.73 -76.86
CA PRO I 37 16.69 -38.31 -77.93
C PRO I 37 16.38 -39.80 -77.73
N PHE I 38 15.92 -40.14 -76.52
CA PHE I 38 15.73 -41.54 -76.14
C PHE I 38 14.55 -42.24 -76.83
N GLY I 39 13.67 -41.46 -77.45
CA GLY I 39 12.54 -42.01 -78.21
C GLY I 39 13.00 -42.85 -79.40
N GLY I 40 14.19 -42.55 -79.92
CA GLY I 40 14.80 -43.38 -80.95
C GLY I 40 14.18 -43.37 -82.34
N LYS I 41 13.17 -42.52 -82.56
CA LYS I 41 12.49 -42.49 -83.87
C LYS I 41 13.35 -41.80 -84.91
N LYS I 42 13.38 -42.36 -86.13
CA LYS I 42 14.20 -41.85 -87.22
C LYS I 42 13.36 -41.56 -88.47
N GLN I 43 13.69 -40.49 -89.18
CA GLN I 43 12.99 -40.13 -90.41
C GLN I 43 13.44 -41.02 -91.57
N PRO I 44 12.49 -41.56 -92.35
CA PRO I 44 12.92 -42.37 -93.51
C PRO I 44 13.79 -41.57 -94.48
N GLY I 45 14.79 -42.24 -95.05
CA GLY I 45 15.62 -41.62 -96.08
C GLY I 45 16.78 -40.80 -95.54
N THR I 46 16.53 -40.04 -94.47
CA THR I 46 17.57 -39.16 -93.92
C THR I 46 18.15 -39.74 -92.63
N ASP I 47 17.36 -40.58 -91.96
CA ASP I 47 17.69 -41.10 -90.62
C ASP I 47 17.81 -40.00 -89.58
N ALA I 48 17.25 -38.83 -89.86
CA ALA I 48 17.25 -37.72 -88.90
C ALA I 48 16.40 -38.06 -87.68
N HIS I 49 16.77 -37.51 -86.53
CA HIS I 49 15.95 -37.70 -85.35
C HIS I 49 14.58 -37.11 -85.55
N VAL I 50 13.56 -37.85 -85.14
CA VAL I 50 12.20 -37.33 -85.10
C VAL I 50 11.73 -37.34 -83.65
N ASN I 51 11.21 -36.21 -83.17
CA ASN I 51 10.70 -36.11 -81.82
C ASN I 51 9.58 -37.14 -81.62
N SER I 52 9.66 -37.89 -80.54
CA SER I 52 8.75 -39.02 -80.33
C SER I 52 8.68 -39.37 -78.87
N LEU I 53 7.63 -40.11 -78.50
CA LEU I 53 7.44 -40.61 -77.15
C LEU I 53 8.75 -41.14 -76.57
N GLY I 54 9.13 -40.62 -75.41
CA GLY I 54 10.32 -41.15 -74.74
C GLY I 54 11.58 -40.30 -74.84
N ASP I 55 11.59 -39.32 -75.75
CA ASP I 55 12.60 -38.27 -75.65
C ASP I 55 12.41 -37.60 -74.26
N LEU I 56 13.51 -37.31 -73.58
CA LEU I 56 13.45 -36.71 -72.24
C LEU I 56 14.17 -35.38 -72.24
N VAL I 57 13.63 -34.39 -71.52
CA VAL I 57 14.20 -33.04 -71.53
C VAL I 57 14.30 -32.43 -70.13
N PRO I 58 15.43 -32.69 -69.43
CA PRO I 58 15.71 -31.89 -68.23
C PRO I 58 15.91 -30.40 -68.58
N PHE I 59 15.48 -29.51 -67.68
CA PHE I 59 15.57 -28.08 -67.95
C PHE I 59 15.58 -27.25 -66.67
N SER I 60 16.09 -26.02 -66.77
CA SER I 60 16.01 -25.05 -65.70
C SER I 60 16.16 -23.65 -66.27
N ASN I 61 15.12 -22.84 -66.09
CA ASN I 61 15.10 -21.44 -66.56
C ASN I 61 15.02 -20.46 -65.40
N LYS I 62 15.07 -19.16 -65.70
CA LYS I 62 14.93 -18.12 -64.68
C LYS I 62 13.48 -17.67 -64.59
N ILE I 63 13.03 -17.30 -63.39
CA ILE I 63 11.70 -16.71 -63.23
C ILE I 63 11.72 -15.31 -62.63
N TYR I 64 10.78 -14.50 -63.12
CA TYR I 64 10.61 -13.10 -62.73
C TYR I 64 9.16 -12.87 -62.36
N ASP I 65 8.91 -11.81 -61.60
CA ASP I 65 7.53 -11.49 -61.19
C ASP I 65 6.75 -10.91 -62.37
N GLY I 66 5.44 -10.71 -62.16
CA GLY I 66 4.54 -10.22 -63.20
C GLY I 66 4.92 -8.85 -63.74
N SER I 67 5.50 -8.02 -62.89
CA SER I 67 5.92 -6.67 -63.29
C SER I 67 7.22 -6.68 -64.08
N LEU I 68 7.89 -7.83 -64.13
CA LEU I 68 9.22 -8.00 -64.75
C LEU I 68 10.33 -7.15 -64.09
N LYS I 69 10.05 -6.64 -62.89
CA LYS I 69 11.03 -5.83 -62.17
C LYS I 69 11.87 -6.62 -61.17
N THR I 70 11.45 -7.85 -60.86
CA THR I 70 12.10 -8.64 -59.82
C THR I 70 12.46 -10.05 -60.29
N ARG I 71 13.72 -10.41 -60.13
CA ARG I 71 14.16 -11.79 -60.31
C ARG I 71 13.75 -12.60 -59.08
N LEU I 72 12.96 -13.67 -59.30
CA LEU I 72 12.42 -14.46 -58.19
C LEU I 72 13.26 -15.69 -57.91
N GLY I 73 13.72 -16.32 -58.97
CA GLY I 73 14.46 -17.57 -58.83
C GLY I 73 14.54 -18.35 -60.12
N ILE I 74 14.19 -19.63 -60.06
CA ILE I 74 14.34 -20.53 -61.19
C ILE I 74 13.18 -21.51 -61.30
N THR I 75 13.01 -22.09 -62.49
CA THR I 75 12.29 -23.35 -62.65
C THR I 75 13.31 -24.49 -62.72
N ALA I 76 12.86 -25.71 -62.42
CA ALA I 76 13.72 -26.88 -62.50
C ALA I 76 12.87 -28.12 -62.63
N GLY I 77 13.16 -28.94 -63.63
CA GLY I 77 12.43 -30.20 -63.74
C GLY I 77 12.73 -30.99 -64.99
N LEU I 78 11.75 -31.77 -65.42
CA LEU I 78 11.94 -32.81 -66.41
C LEU I 78 10.67 -32.93 -67.26
N CYS I 79 10.82 -32.83 -68.59
CA CYS I 79 9.71 -33.07 -69.50
C CYS I 79 9.90 -34.40 -70.20
N THR I 80 8.81 -35.14 -70.34
CA THR I 80 8.83 -36.40 -71.09
C THR I 80 8.04 -36.17 -72.37
N LEU I 81 8.69 -36.32 -73.52
CA LEU I 81 7.98 -36.09 -74.78
C LEU I 81 6.98 -37.21 -75.01
N ILE I 82 5.74 -36.84 -75.37
CA ILE I 82 4.66 -37.81 -75.55
C ILE I 82 4.32 -38.01 -77.03
N SER I 83 4.16 -36.92 -77.77
CA SER I 83 3.81 -37.04 -79.19
C SER I 83 4.22 -35.79 -79.94
N HIS I 84 4.50 -35.98 -81.23
CA HIS I 84 4.77 -34.87 -82.13
C HIS I 84 3.62 -34.67 -83.08
N SER I 85 3.24 -33.41 -83.31
CA SER I 85 2.20 -33.11 -84.28
C SER I 85 2.80 -32.42 -85.49
N ASP I 86 2.72 -33.06 -86.66
CA ASP I 86 3.15 -32.43 -87.91
C ASP I 86 2.22 -31.27 -88.28
N GLN I 87 0.92 -31.48 -88.11
CA GLN I 87 -0.10 -30.48 -88.41
C GLN I 87 0.07 -29.20 -87.58
N LYS I 88 0.37 -29.36 -86.29
CA LYS I 88 0.50 -28.21 -85.40
C LYS I 88 1.96 -27.77 -85.21
N ASN I 89 2.88 -28.49 -85.85
CA ASN I 89 4.31 -28.20 -85.78
C ASN I 89 4.80 -28.01 -84.35
N GLY I 90 4.64 -29.04 -83.53
CA GLY I 90 5.07 -28.97 -82.16
C GLY I 90 4.86 -30.28 -81.45
N ASP I 91 5.06 -30.26 -80.14
CA ASP I 91 5.06 -31.48 -79.35
C ASP I 91 4.23 -31.35 -78.09
N ARG I 92 3.65 -32.47 -77.68
CA ARG I 92 3.07 -32.61 -76.36
C ARG I 92 4.09 -33.27 -75.45
N TYR I 93 4.33 -32.65 -74.29
CA TYR I 93 5.16 -33.21 -73.23
C TYR I 93 4.30 -33.45 -71.99
N GLU I 94 4.74 -34.38 -71.14
CA GLU I 94 4.23 -34.52 -69.78
C GLU I 94 5.35 -34.01 -68.88
N ALA I 95 5.04 -33.01 -68.06
CA ALA I 95 6.06 -32.26 -67.36
C ALA I 95 5.90 -32.33 -65.86
N LEU I 96 7.03 -32.41 -65.17
CA LEU I 96 7.10 -32.25 -63.73
C LEU I 96 8.18 -31.25 -63.42
N TYR I 97 7.81 -30.15 -62.77
CA TYR I 97 8.80 -29.15 -62.40
C TYR I 97 8.38 -28.29 -61.23
N SER I 98 9.35 -27.58 -60.66
CA SER I 98 9.09 -26.67 -59.57
C SER I 98 9.53 -25.27 -59.92
N PHE I 99 8.88 -24.31 -59.26
CA PHE I 99 9.22 -22.90 -59.31
C PHE I 99 9.80 -22.52 -57.96
N TYR I 100 11.00 -21.93 -57.97
CA TYR I 100 11.69 -21.55 -56.75
C TYR I 100 11.74 -20.03 -56.62
N PHE I 101 11.23 -19.55 -55.48
CA PHE I 101 11.03 -18.12 -55.24
C PHE I 101 11.93 -17.64 -54.09
N GLY I 102 13.16 -18.13 -54.02
CA GLY I 102 14.05 -17.78 -52.92
C GLY I 102 13.42 -18.13 -51.59
N ASP I 103 13.57 -17.23 -50.61
CA ASP I 103 13.05 -17.49 -49.26
C ASP I 103 11.53 -17.58 -49.15
N TYR I 104 10.79 -17.17 -50.18
CA TYR I 104 9.34 -17.34 -50.19
C TYR I 104 8.93 -18.81 -50.18
N GLY I 105 9.74 -19.65 -50.80
CA GLY I 105 9.42 -21.08 -50.93
C GLY I 105 9.34 -21.50 -52.38
N HIS I 106 8.63 -22.59 -52.63
CA HIS I 106 8.50 -23.17 -53.97
C HIS I 106 7.10 -23.63 -54.24
N ILE I 107 6.78 -23.73 -55.53
CA ILE I 107 5.53 -24.34 -55.99
C ILE I 107 5.90 -25.48 -56.94
N SER I 108 5.26 -26.64 -56.79
CA SER I 108 5.48 -27.75 -57.71
C SER I 108 4.27 -27.92 -58.63
N VAL I 109 4.53 -28.33 -59.87
CA VAL I 109 3.49 -28.52 -60.87
C VAL I 109 3.67 -29.84 -61.62
N GLN I 110 2.57 -30.33 -62.18
CA GLN I 110 2.58 -31.58 -62.93
C GLN I 110 1.50 -31.50 -63.98
N GLY I 111 1.81 -31.89 -65.20
CA GLY I 111 0.81 -31.94 -66.24
C GLY I 111 1.33 -31.60 -67.62
N PRO I 112 0.44 -31.07 -68.48
CA PRO I 112 0.78 -30.96 -69.89
C PRO I 112 1.56 -29.71 -70.25
N TYR I 113 2.60 -29.92 -71.05
CA TYR I 113 3.40 -28.83 -71.59
C TYR I 113 3.35 -29.04 -73.09
N ILE I 114 2.65 -28.13 -73.78
CA ILE I 114 2.42 -28.25 -75.21
C ILE I 114 3.09 -27.07 -75.90
N THR I 115 4.00 -27.35 -76.82
CA THR I 115 4.85 -26.29 -77.37
C THR I 115 4.07 -25.28 -78.21
N TYR I 116 2.91 -25.69 -78.71
CA TYR I 116 2.16 -24.90 -79.69
C TYR I 116 0.87 -24.28 -79.17
N GLU I 117 0.53 -24.52 -77.91
CA GLU I 117 -0.69 -23.95 -77.34
C GLU I 117 -0.66 -23.90 -75.83
N ASP I 118 -1.57 -23.11 -75.27
CA ASP I 118 -1.68 -22.97 -73.83
C ASP I 118 -2.21 -24.25 -73.18
N SER I 119 -1.91 -24.44 -71.91
CA SER I 119 -2.40 -25.61 -71.19
C SER I 119 -2.54 -25.27 -69.72
N TYR I 120 -3.15 -26.18 -68.98
CA TYR I 120 -3.29 -26.03 -67.53
C TYR I 120 -2.59 -27.16 -66.76
N LEU I 121 -1.65 -26.77 -65.90
CA LEU I 121 -0.93 -27.72 -65.06
C LEU I 121 -1.62 -27.86 -63.70
N ALA I 122 -1.49 -29.03 -63.08
CA ALA I 122 -1.88 -29.18 -61.67
C ALA I 122 -0.82 -28.52 -60.79
N ILE I 123 -1.27 -27.76 -59.80
CA ILE I 123 -0.41 -27.31 -58.72
C ILE I 123 -0.40 -28.43 -57.67
N THR I 124 0.72 -29.10 -57.50
CA THR I 124 0.72 -30.31 -56.68
C THR I 124 1.07 -30.02 -55.22
N GLY I 125 1.51 -28.80 -54.95
CA GLY I 125 1.83 -28.39 -53.59
C GLY I 125 2.97 -27.39 -53.59
N GLY I 126 3.49 -27.08 -52.40
CA GLY I 126 4.56 -26.10 -52.29
C GLY I 126 5.18 -26.11 -50.92
N SER I 127 5.99 -25.09 -50.66
CA SER I 127 6.67 -24.92 -49.38
C SER I 127 6.71 -23.44 -49.03
N GLY I 128 7.06 -23.13 -47.78
CA GLY I 128 7.16 -21.74 -47.36
C GLY I 128 5.80 -21.09 -47.37
N ILE I 129 5.67 -19.92 -47.99
CA ILE I 129 4.37 -19.26 -48.08
C ILE I 129 3.39 -20.05 -48.95
N PHE I 130 3.91 -21.02 -49.71
CA PHE I 130 3.08 -21.84 -50.58
C PHE I 130 2.76 -23.21 -49.99
N ALA I 131 3.17 -23.45 -48.74
CA ALA I 131 2.90 -24.74 -48.12
C ALA I 131 1.39 -24.98 -48.06
N GLY I 132 0.98 -26.13 -48.57
CA GLY I 132 -0.43 -26.51 -48.57
C GLY I 132 -1.21 -26.00 -49.77
N CYS I 133 -0.52 -25.37 -50.72
CA CYS I 133 -1.22 -24.80 -51.88
C CYS I 133 -1.77 -25.90 -52.79
N TYR I 134 -2.80 -25.55 -53.54
CA TYR I 134 -3.38 -26.46 -54.53
C TYR I 134 -4.10 -25.65 -55.58
N GLY I 135 -4.54 -26.31 -56.65
CA GLY I 135 -5.20 -25.61 -57.75
C GLY I 135 -4.59 -25.92 -59.09
N GLN I 136 -4.74 -25.00 -60.03
CA GLN I 136 -4.21 -25.20 -61.37
C GLN I 136 -3.47 -23.95 -61.81
N ALA I 137 -2.59 -24.10 -62.80
CA ALA I 137 -1.81 -23.00 -63.33
C ALA I 137 -1.90 -22.99 -64.85
N LYS I 138 -2.21 -21.83 -65.41
CA LYS I 138 -2.25 -21.67 -66.85
C LYS I 138 -0.83 -21.40 -67.37
N LEU I 139 -0.39 -22.23 -68.31
N LEU I 139 -0.38 -22.22 -68.32
CA LEU I 139 0.86 -22.03 -69.02
CA LEU I 139 0.88 -22.02 -69.01
C LEU I 139 0.55 -21.37 -70.36
C LEU I 139 0.63 -21.40 -70.38
N HIS I 140 1.13 -20.19 -70.59
CA HIS I 140 1.00 -19.50 -71.86
C HIS I 140 2.35 -19.35 -72.51
N GLN I 141 2.47 -19.90 -73.72
CA GLN I 141 3.68 -19.76 -74.51
C GLN I 141 3.70 -18.38 -75.14
N ILE I 142 4.70 -17.57 -74.79
N ILE I 142 4.70 -17.56 -74.82
CA ILE I 142 4.88 -16.25 -75.40
CA ILE I 142 4.85 -16.25 -75.42
C ILE I 142 5.59 -16.45 -76.72
C ILE I 142 5.62 -16.38 -76.73
N ILE I 143 6.80 -16.99 -76.64
CA ILE I 143 7.57 -17.36 -77.80
C ILE I 143 8.35 -18.59 -77.37
N PHE I 144 7.82 -19.75 -77.72
CA PHE I 144 8.46 -21.01 -77.40
C PHE I 144 9.84 -21.03 -78.07
N PRO I 145 10.88 -21.49 -77.35
CA PRO I 145 10.93 -21.97 -75.97
C PRO I 145 11.52 -20.96 -74.98
N PHE I 146 11.72 -19.72 -75.41
CA PHE I 146 12.47 -18.75 -74.61
C PHE I 146 11.66 -17.99 -73.58
N LYS I 147 10.37 -17.78 -73.85
CA LYS I 147 9.57 -16.93 -72.96
C LYS I 147 8.21 -17.54 -72.73
N LEU I 148 7.90 -17.77 -71.45
CA LEU I 148 6.62 -18.35 -71.04
C LEU I 148 6.00 -17.49 -69.93
N PHE I 149 4.68 -17.55 -69.81
CA PHE I 149 3.96 -16.76 -68.82
C PHE I 149 2.95 -17.65 -68.10
N TYR I 150 3.01 -17.63 -66.77
CA TYR I 150 2.13 -18.46 -65.96
C TYR I 150 1.15 -17.64 -65.13
N THR I 151 -0.07 -18.16 -65.01
CA THR I 151 -1.03 -17.65 -64.04
C THR I 151 -1.35 -18.79 -63.09
N PHE I 152 -0.81 -18.72 -61.87
CA PHE I 152 -1.13 -19.70 -60.84
C PHE I 152 -2.44 -19.30 -60.20
N TYR I 153 -3.42 -20.21 -60.20
CA TYR I 153 -4.66 -19.98 -59.47
C TYR I 153 -4.58 -20.68 -58.11
N LEU I 154 -3.97 -19.98 -57.16
CA LEU I 154 -3.58 -20.60 -55.89
C LEU I 154 -4.70 -20.64 -54.86
N GLN I 155 -4.94 -21.83 -54.34
CA GLN I 155 -5.89 -22.01 -53.26
C GLN I 155 -5.17 -22.55 -52.03
N GLY I 156 -5.75 -22.32 -50.86
CA GLY I 156 -5.30 -22.97 -49.64
C GLY I 156 -4.20 -22.29 -48.85
N ILE I 157 -3.85 -21.06 -49.23
CA ILE I 157 -2.74 -20.38 -48.57
C ILE I 157 -3.10 -18.98 -48.10
N LYS I 158 -2.28 -18.44 -47.18
CA LYS I 158 -2.44 -17.09 -46.66
C LYS I 158 -2.31 -16.06 -47.79
N LYS I 159 -2.80 -14.85 -47.57
CA LYS I 159 -2.70 -13.78 -48.55
C LYS I 159 -1.25 -13.59 -49.01
N LEU I 160 -1.04 -13.63 -50.32
CA LEU I 160 0.28 -13.43 -50.90
C LEU I 160 0.89 -12.08 -50.52
N PRO I 161 2.22 -12.03 -50.33
CA PRO I 161 2.89 -10.76 -50.07
C PRO I 161 2.69 -9.80 -51.25
N GLU I 162 2.51 -8.51 -50.94
CA GLU I 162 2.26 -7.52 -51.99
C GLU I 162 3.37 -7.46 -53.04
N ALA I 163 4.60 -7.78 -52.62
CA ALA I 163 5.74 -7.83 -53.54
C ALA I 163 5.54 -8.80 -54.70
N LEU I 164 4.74 -9.85 -54.48
CA LEU I 164 4.48 -10.83 -55.54
C LEU I 164 3.23 -10.55 -56.37
N CYS I 165 2.58 -9.41 -56.07
CA CYS I 165 1.29 -9.06 -56.68
C CYS I 165 1.32 -7.68 -57.32
N ALA I 166 2.49 -7.26 -57.80
CA ALA I 166 2.62 -5.98 -58.49
C ALA I 166 1.82 -6.00 -59.79
N PRO I 167 1.41 -4.82 -60.30
CA PRO I 167 0.69 -4.81 -61.58
C PRO I 167 1.46 -5.53 -62.68
N CYS I 168 0.75 -6.36 -63.42
CA CYS I 168 1.36 -7.27 -64.37
C CYS I 168 1.59 -6.63 -65.75
N VAL I 169 2.78 -6.83 -66.31
CA VAL I 169 3.04 -6.50 -67.71
C VAL I 169 2.28 -7.51 -68.57
N PRO I 170 1.43 -7.05 -69.50
CA PRO I 170 0.74 -8.01 -70.37
C PRO I 170 1.75 -8.76 -71.24
N PRO I 171 1.58 -10.09 -71.37
CA PRO I 171 2.56 -10.87 -72.13
C PRO I 171 2.57 -10.58 -73.64
N SER I 172 3.76 -10.35 -74.18
CA SER I 172 3.97 -10.19 -75.62
C SER I 172 5.41 -10.60 -75.96
N PRO I 173 5.67 -11.00 -77.23
CA PRO I 173 7.00 -11.50 -77.60
C PRO I 173 8.16 -10.56 -77.26
N SER I 174 7.88 -9.26 -77.16
CA SER I 174 8.92 -8.26 -76.89
C SER I 174 9.22 -8.01 -75.41
N VAL I 175 8.42 -8.58 -74.51
CA VAL I 175 8.65 -8.35 -73.07
C VAL I 175 9.98 -8.95 -72.61
N ALA I 176 10.59 -8.30 -71.63
CA ALA I 176 11.87 -8.76 -71.08
C ALA I 176 12.03 -8.24 -69.66
N PRO I 177 12.79 -8.95 -68.82
CA PRO I 177 12.99 -8.43 -67.46
C PRO I 177 13.70 -7.08 -67.49
N ALA I 178 13.39 -6.23 -66.51
CA ALA I 178 14.10 -4.96 -66.35
C ALA I 178 15.59 -5.23 -66.22
N ASP I 179 16.43 -4.32 -66.74
CA ASP I 179 17.87 -4.52 -66.67
C ASP I 179 18.33 -4.78 -65.24
N GLU I 180 17.71 -4.10 -64.28
CA GLU I 180 18.07 -4.22 -62.87
C GLU I 180 17.77 -5.62 -62.33
N ALA I 181 16.71 -6.23 -62.84
CA ALA I 181 16.35 -7.60 -62.47
C ALA I 181 17.28 -8.62 -63.15
N LYS I 182 17.57 -8.43 -64.43
CA LYS I 182 18.56 -9.29 -65.10
C LYS I 182 19.90 -9.26 -64.34
N GLN I 183 20.28 -8.08 -63.87
CA GLN I 183 21.54 -7.89 -63.16
C GLN I 183 21.49 -8.30 -61.69
N CYS I 184 20.32 -8.77 -61.24
CA CYS I 184 20.16 -9.27 -59.87
C CYS I 184 20.57 -8.24 -58.82
N LEU I 185 20.18 -6.99 -59.09
CA LEU I 185 20.50 -5.88 -58.20
C LEU I 185 19.65 -5.92 -56.94
N PRO I 186 20.20 -5.40 -55.83
CA PRO I 186 19.41 -5.29 -54.60
C PRO I 186 18.08 -4.58 -54.88
N ASN I 187 17.03 -4.99 -54.18
CA ASN I 187 15.66 -4.47 -54.39
C ASN I 187 15.04 -4.83 -55.76
N HIS I 188 15.74 -5.65 -56.53
CA HIS I 188 15.18 -6.21 -57.77
C HIS I 188 15.32 -7.70 -57.79
N VAL I 189 15.46 -8.28 -56.61
CA VAL I 189 15.48 -9.73 -56.43
C VAL I 189 14.61 -10.12 -55.23
N ALA I 190 14.06 -11.32 -55.27
CA ALA I 190 13.41 -11.92 -54.11
C ALA I 190 14.47 -12.11 -53.02
N PRO I 191 14.05 -12.10 -51.74
CA PRO I 191 15.02 -12.37 -50.68
C PRO I 191 15.69 -13.73 -50.88
N ASN I 192 17.02 -13.72 -50.95
CA ASN I 192 17.80 -14.92 -51.26
C ASN I 192 17.27 -15.65 -52.47
N PHE I 193 17.01 -14.88 -53.52
CA PHE I 193 16.46 -15.41 -54.76
C PHE I 193 17.24 -16.64 -55.18
N THR I 194 16.53 -17.62 -55.75
CA THR I 194 17.14 -18.88 -56.11
C THR I 194 18.04 -18.74 -57.33
N LYS I 195 19.29 -19.15 -57.17
CA LYS I 195 20.30 -19.04 -58.22
C LYS I 195 20.47 -20.35 -58.99
N HIS J 16 2.18 47.97 40.54
CA HIS J 16 2.38 49.42 40.83
C HIS J 16 1.74 49.83 42.13
N VAL J 17 2.54 50.41 43.02
CA VAL J 17 2.09 50.81 44.35
C VAL J 17 1.87 52.32 44.43
N GLN J 18 0.73 52.72 44.96
CA GLN J 18 0.48 54.13 45.29
C GLN J 18 0.42 54.31 46.79
N GLU J 19 1.22 55.24 47.30
CA GLU J 19 1.17 55.56 48.72
C GLU J 19 0.06 56.56 49.06
N LEU J 20 -0.70 56.23 50.09
CA LEU J 20 -1.70 57.12 50.63
C LEU J 20 -1.42 57.28 52.13
N PHE J 21 -1.26 58.52 52.56
CA PHE J 21 -0.97 58.84 53.95
C PHE J 21 -2.23 59.31 54.66
N VAL J 22 -2.48 58.79 55.86
CA VAL J 22 -3.70 59.12 56.61
C VAL J 22 -3.38 59.29 58.09
N TYR J 23 -3.85 60.38 58.69
CA TYR J 23 -3.76 60.56 60.14
C TYR J 23 -5.06 60.13 60.78
N GLU J 24 -4.97 59.35 61.85
CA GLU J 24 -6.13 58.94 62.61
C GLU J 24 -6.02 59.58 63.99
N ILE J 25 -7.05 60.33 64.38
N ILE J 25 -7.05 60.32 64.38
CA ILE J 25 -7.02 61.09 65.63
CA ILE J 25 -7.04 61.04 65.64
C ILE J 25 -8.27 60.85 66.47
C ILE J 25 -8.29 60.78 66.45
N ASN J 26 -8.09 60.44 67.72
CA ASN J 26 -9.20 60.32 68.66
C ASN J 26 -9.37 61.68 69.33
N GLU J 27 -10.41 62.42 68.92
CA GLU J 27 -10.64 63.76 69.46
C GLU J 27 -11.57 63.75 70.68
N ARG J 28 -11.82 62.55 71.20
CA ARG J 28 -12.52 62.35 72.47
C ARG J 28 -13.98 62.81 72.44
N ASP J 29 -14.57 62.79 71.26
CA ASP J 29 -15.92 63.32 71.03
C ASP J 29 -16.93 62.26 70.57
N ARG J 30 -16.48 61.01 70.49
CA ARG J 30 -17.30 59.94 69.90
C ARG J 30 -17.51 58.79 70.90
N GLY J 31 -17.18 59.05 72.17
CA GLY J 31 -17.26 58.04 73.23
C GLY J 31 -16.44 56.78 72.92
N SER J 32 -15.33 56.98 72.24
CA SER J 32 -14.46 55.90 71.77
C SER J 32 -13.08 55.96 72.45
N PRO J 33 -12.44 54.79 72.68
CA PRO J 33 -12.93 53.43 72.44
C PRO J 33 -13.81 52.93 73.58
N VAL J 34 -14.52 51.83 73.32
CA VAL J 34 -15.31 51.18 74.36
C VAL J 34 -14.57 49.91 74.76
N PHE J 35 -14.08 49.87 75.99
CA PHE J 35 -13.29 48.72 76.43
C PHE J 35 -14.20 47.72 77.15
N LEU J 36 -14.32 46.54 76.56
CA LEU J 36 -15.16 45.48 77.11
C LEU J 36 -14.26 44.42 77.75
N PRO J 37 -14.24 44.36 79.10
CA PRO J 37 -13.25 43.54 79.82
C PRO J 37 -13.60 42.05 79.86
N PHE J 38 -13.91 41.47 78.70
CA PHE J 38 -14.42 40.08 78.63
C PHE J 38 -13.37 39.00 78.86
N GLY J 39 -12.10 39.37 78.82
CA GLY J 39 -11.00 38.47 79.15
C GLY J 39 -11.10 37.97 80.59
N GLY J 40 -11.75 38.76 81.44
CA GLY J 40 -12.10 38.34 82.80
C GLY J 40 -10.98 38.29 83.82
N LYS J 41 -9.78 38.70 83.41
CA LYS J 41 -8.61 38.64 84.28
C LYS J 41 -8.57 39.79 85.28
N LYS J 42 -8.17 39.48 86.51
CA LYS J 42 -8.19 40.40 87.63
C LYS J 42 -6.88 40.31 88.40
N GLN J 43 -6.52 41.40 89.07
CA GLN J 43 -5.43 41.34 90.04
C GLN J 43 -5.96 41.05 91.44
N PRO J 44 -5.35 40.05 92.12
CA PRO J 44 -5.82 39.51 93.41
C PRO J 44 -6.17 40.56 94.47
N GLY J 45 -5.30 41.55 94.66
CA GLY J 45 -5.45 42.53 95.73
C GLY J 45 -6.29 43.74 95.40
N THR J 46 -5.86 44.50 94.39
CA THR J 46 -6.57 45.71 93.96
C THR J 46 -7.93 45.40 93.33
N ASP J 47 -8.02 44.23 92.68
CA ASP J 47 -9.20 43.80 91.92
C ASP J 47 -9.23 44.46 90.54
N ALA J 48 -8.25 45.32 90.29
CA ALA J 48 -8.13 46.07 89.04
C ALA J 48 -8.02 45.17 87.82
N HIS J 49 -8.58 45.61 86.71
CA HIS J 49 -8.57 44.84 85.49
C HIS J 49 -7.17 44.60 84.98
N VAL J 50 -6.92 43.37 84.54
CA VAL J 50 -5.69 43.05 83.81
C VAL J 50 -6.05 42.74 82.37
N ASN J 51 -5.46 43.49 81.43
CA ASN J 51 -5.64 43.23 80.00
C ASN J 51 -5.28 41.79 79.66
N SER J 52 -6.14 41.11 78.90
CA SER J 52 -5.94 39.70 78.60
C SER J 52 -6.74 39.29 77.37
N LEU J 53 -6.34 38.18 76.77
CA LEU J 53 -7.06 37.58 75.64
C LEU J 53 -8.57 37.63 75.83
N GLY J 54 -9.27 38.22 74.86
CA GLY J 54 -10.72 38.22 74.91
C GLY J 54 -11.38 39.51 75.33
N ASP J 55 -10.59 40.43 75.91
CA ASP J 55 -11.07 41.81 76.02
C ASP J 55 -11.36 42.28 74.60
N LEU J 56 -12.46 43.00 74.41
CA LEU J 56 -12.86 43.46 73.09
C LEU J 56 -12.97 44.98 73.10
N VAL J 57 -12.61 45.59 71.98
CA VAL J 57 -12.56 47.05 71.92
C VAL J 57 -13.15 47.59 70.61
N PRO J 58 -14.47 47.85 70.60
CA PRO J 58 -15.07 48.60 69.50
C PRO J 58 -14.54 50.03 69.52
N PHE J 59 -14.31 50.61 68.34
CA PHE J 59 -13.75 51.95 68.28
C PHE J 59 -14.13 52.65 66.99
N SER J 60 -14.00 53.98 67.02
CA SER J 60 -14.19 54.81 65.84
C SER J 60 -13.57 56.17 66.08
N ASN J 61 -12.57 56.52 65.26
CA ASN J 61 -11.88 57.81 65.36
C ASN J 61 -12.07 58.60 64.08
N LYS J 62 -11.57 59.84 64.08
CA LYS J 62 -11.60 60.67 62.88
C LYS J 62 -10.35 60.46 62.06
N ILE J 63 -10.45 60.60 60.74
CA ILE J 63 -9.27 60.57 59.88
C ILE J 63 -9.12 61.84 59.04
N TYR J 64 -7.85 62.24 58.88
CA TYR J 64 -7.47 63.40 58.12
C TYR J 64 -6.45 63.02 57.05
N ASP J 65 -6.30 63.85 56.02
CA ASP J 65 -5.31 63.58 54.98
C ASP J 65 -3.88 63.80 55.50
N GLY J 66 -2.90 63.40 54.70
CA GLY J 66 -1.50 63.50 55.08
C GLY J 66 -1.05 64.92 55.37
N SER J 67 -1.65 65.90 54.69
CA SER J 67 -1.28 67.31 54.90
C SER J 67 -1.92 67.90 56.16
N LEU J 68 -2.83 67.15 56.76
CA LEU J 68 -3.58 67.59 57.94
C LEU J 68 -4.50 68.79 57.68
N LYS J 69 -4.74 69.09 56.41
CA LYS J 69 -5.62 70.20 56.04
C LYS J 69 -7.05 69.78 55.71
N THR J 70 -7.32 68.49 55.64
CA THR J 70 -8.63 67.99 55.19
C THR J 70 -9.14 66.88 56.08
N ARG J 71 -10.34 67.06 56.62
CA ARG J 71 -11.05 65.98 57.30
C ARG J 71 -11.61 65.04 56.25
N LEU J 72 -11.24 63.76 56.33
CA LEU J 72 -11.65 62.79 55.31
C LEU J 72 -12.87 61.98 55.73
N GLY J 73 -12.91 61.61 57.00
CA GLY J 73 -13.98 60.75 57.49
C GLY J 73 -13.63 60.13 58.80
N ILE J 74 -13.84 58.82 58.92
CA ILE J 74 -13.65 58.11 60.18
C ILE J 74 -13.02 56.74 59.98
N THR J 75 -12.50 56.18 61.06
CA THR J 75 -12.27 54.74 61.14
C THR J 75 -13.41 54.14 61.93
N ALA J 76 -13.63 52.84 61.75
CA ALA J 76 -14.66 52.14 62.47
C ALA J 76 -14.33 50.66 62.50
N GLY J 77 -14.40 50.05 63.67
CA GLY J 77 -14.16 48.63 63.76
C GLY J 77 -14.05 48.07 65.16
N LEU J 78 -13.32 46.96 65.24
CA LEU J 78 -13.29 46.13 66.44
C LEU J 78 -11.91 45.54 66.62
N CYS J 79 -11.35 45.72 67.81
CA CYS J 79 -10.10 45.05 68.19
C CYS J 79 -10.36 43.94 69.20
N THR J 80 -9.67 42.83 69.01
CA THR J 80 -9.67 41.74 69.98
C THR J 80 -8.31 41.70 70.67
N LEU J 81 -8.32 41.86 71.99
CA LEU J 81 -7.06 41.83 72.75
C LEU J 81 -6.55 40.40 72.76
N ILE J 82 -5.28 40.22 72.38
CA ILE J 82 -4.68 38.89 72.26
C ILE J 82 -3.76 38.55 73.43
N SER J 83 -2.85 39.46 73.76
CA SER J 83 -1.91 39.24 74.85
C SER J 83 -1.38 40.56 75.39
N HIS J 84 -1.03 40.54 76.68
CA HIS J 84 -0.37 41.66 77.33
C HIS J 84 1.05 41.28 77.64
N SER J 85 1.98 42.18 77.34
CA SER J 85 3.38 42.00 77.68
C SER J 85 3.78 42.94 78.81
N ASP J 86 4.19 42.38 79.94
CA ASP J 86 4.72 43.19 81.04
C ASP J 86 6.10 43.73 80.67
N GLN J 87 6.86 42.92 79.95
CA GLN J 87 8.25 43.25 79.57
C GLN J 87 8.33 44.34 78.50
N LYS J 88 7.24 44.56 77.77
CA LYS J 88 7.18 45.65 76.79
C LYS J 88 6.12 46.71 77.14
N ASN J 89 5.45 46.52 78.28
CA ASN J 89 4.38 47.41 78.75
C ASN J 89 3.38 47.79 77.66
N GLY J 90 2.72 46.79 77.13
CA GLY J 90 1.77 47.00 76.05
C GLY J 90 1.01 45.75 75.69
N ASP J 91 0.17 45.86 74.67
CA ASP J 91 -0.71 44.77 74.25
C ASP J 91 -0.62 44.51 72.76
N ARG J 92 -0.87 43.25 72.40
CA ARG J 92 -1.15 42.87 71.03
C ARG J 92 -2.65 42.75 70.86
N TYR J 93 -3.19 43.40 69.83
CA TYR J 93 -4.57 43.25 69.41
C TYR J 93 -4.62 42.68 68.00
N GLU J 94 -5.72 42.01 67.69
CA GLU J 94 -6.05 41.64 66.33
C GLU J 94 -7.21 42.53 65.90
N ALA J 95 -7.02 43.26 64.81
CA ALA J 95 -7.92 44.35 64.44
C ALA J 95 -8.62 44.13 63.12
N LEU J 96 -9.90 44.49 63.07
CA LEU J 96 -10.70 44.47 61.86
C LEU J 96 -11.37 45.83 61.79
N TYR J 97 -11.01 46.66 60.81
CA TYR J 97 -11.64 47.95 60.71
C TYR J 97 -11.59 48.53 59.32
N SER J 98 -12.34 49.60 59.11
CA SER J 98 -12.36 50.28 57.82
C SER J 98 -12.08 51.76 58.00
N PHE J 99 -11.58 52.37 56.93
CA PHE J 99 -11.35 53.80 56.82
C PHE J 99 -12.35 54.33 55.81
N TYR J 100 -13.08 55.38 56.20
CA TYR J 100 -14.14 55.96 55.35
C TYR J 100 -13.75 57.34 54.92
N PHE J 101 -13.81 57.58 53.60
CA PHE J 101 -13.33 58.79 52.96
C PHE J 101 -14.46 59.55 52.26
N GLY J 102 -15.64 59.58 52.87
CA GLY J 102 -16.81 60.18 52.21
C GLY J 102 -17.08 59.58 50.84
N ASP J 103 -17.36 60.44 49.86
CA ASP J 103 -17.70 59.99 48.50
C ASP J 103 -16.58 59.23 47.77
N TYR J 104 -15.33 59.36 48.25
CA TYR J 104 -14.25 58.59 47.64
C TYR J 104 -14.45 57.08 47.83
N GLY J 105 -15.07 56.68 48.93
CA GLY J 105 -15.24 55.26 49.23
C GLY J 105 -14.58 54.88 50.53
N HIS J 106 -14.23 53.61 50.68
CA HIS J 106 -13.64 53.10 51.91
C HIS J 106 -12.54 52.12 51.61
N ILE J 107 -11.65 51.92 52.59
CA ILE J 107 -10.65 50.86 52.56
C ILE J 107 -10.84 50.01 53.81
N SER J 108 -10.81 48.69 53.65
CA SER J 108 -10.90 47.77 54.78
C SER J 108 -9.55 47.15 55.07
N VAL J 109 -9.28 46.90 56.35
CA VAL J 109 -8.01 46.32 56.79
C VAL J 109 -8.21 45.22 57.83
N GLN J 110 -7.22 44.34 57.93
CA GLN J 110 -7.24 43.24 58.88
C GLN J 110 -5.81 42.95 59.29
N GLY J 111 -5.56 42.80 60.59
CA GLY J 111 -4.21 42.47 61.03
C GLY J 111 -3.89 42.98 62.41
N PRO J 112 -2.59 43.11 62.73
CA PRO J 112 -2.13 43.39 64.09
C PRO J 112 -2.08 44.86 64.44
N TYR J 113 -2.56 45.19 65.63
CA TYR J 113 -2.28 46.47 66.25
C TYR J 113 -1.54 46.18 67.55
N ILE J 114 -0.29 46.62 67.62
CA ILE J 114 0.55 46.39 68.77
C ILE J 114 0.79 47.74 69.41
N THR J 115 0.47 47.89 70.69
CA THR J 115 0.46 49.21 71.31
C THR J 115 1.84 49.84 71.43
N TYR J 116 2.90 49.04 71.29
CA TYR J 116 4.26 49.52 71.55
C TYR J 116 5.19 49.55 70.33
N GLU J 117 4.68 49.16 69.16
CA GLU J 117 5.50 49.18 67.94
C GLU J 117 4.66 49.24 66.67
N ASP J 118 5.28 49.63 65.57
CA ASP J 118 4.65 49.65 64.25
C ASP J 118 4.29 48.24 63.79
N SER J 119 3.29 48.16 62.92
CA SER J 119 2.89 46.89 62.33
C SER J 119 2.38 47.11 60.92
N TYR J 120 2.16 46.00 60.20
CA TYR J 120 1.59 46.05 58.86
C TYR J 120 0.27 45.31 58.83
N LEU J 121 -0.77 46.00 58.35
N LEU J 121 -0.75 45.99 58.34
CA LEU J 121 -2.12 45.45 58.20
CA LEU J 121 -2.07 45.39 58.18
C LEU J 121 -2.33 45.02 56.75
C LEU J 121 -2.22 44.92 56.75
N ALA J 122 -3.10 43.94 56.55
CA ALA J 122 -3.55 43.57 55.20
C ALA J 122 -4.63 44.56 54.75
N ILE J 123 -4.52 45.05 53.52
CA ILE J 123 -5.61 45.79 52.89
C ILE J 123 -6.52 44.74 52.25
N THR J 124 -7.71 44.56 52.80
CA THR J 124 -8.58 43.46 52.37
C THR J 124 -9.49 43.83 51.20
N GLY J 125 -9.52 45.12 50.87
CA GLY J 125 -10.32 45.59 49.76
C GLY J 125 -10.90 46.96 50.04
N GLY J 126 -11.81 47.42 49.19
CA GLY J 126 -12.41 48.73 49.37
C GLY J 126 -13.60 48.95 48.45
N SER J 127 -14.02 50.21 48.37
CA SER J 127 -15.14 50.59 47.52
C SER J 127 -14.84 51.95 46.90
N GLY J 128 -15.68 52.34 45.94
CA GLY J 128 -15.50 53.63 45.28
C GLY J 128 -14.20 53.62 44.51
N ILE J 129 -13.40 54.66 44.71
CA ILE J 129 -12.10 54.75 44.02
C ILE J 129 -11.14 53.65 44.50
N PHE J 130 -11.46 53.03 45.63
CA PHE J 130 -10.65 51.96 46.19
C PHE J 130 -11.17 50.57 45.86
N ALA J 131 -12.21 50.48 45.03
CA ALA J 131 -12.76 49.16 44.69
C ALA J 131 -11.68 48.31 44.03
N GLY J 132 -11.49 47.10 44.56
CA GLY J 132 -10.50 46.17 44.03
C GLY J 132 -9.08 46.40 44.54
N CYS J 133 -8.92 47.28 45.54
CA CYS J 133 -7.60 47.53 46.05
C CYS J 133 -7.07 46.34 46.86
N TYR J 134 -5.75 46.26 46.96
CA TYR J 134 -5.09 45.24 47.75
C TYR J 134 -3.70 45.73 48.14
N GLY J 135 -3.03 44.98 49.00
CA GLY J 135 -1.71 45.35 49.47
C GLY J 135 -1.63 45.33 50.99
N GLN J 136 -0.74 46.15 51.53
CA GLN J 136 -0.53 46.24 52.97
C GLN J 136 -0.46 47.71 53.39
N ALA J 137 -0.69 47.95 54.67
CA ALA J 137 -0.64 49.30 55.24
C ALA J 137 0.18 49.33 56.52
N LYS J 138 1.08 50.29 56.59
CA LYS J 138 1.89 50.47 57.79
C LYS J 138 1.12 51.30 58.81
N LEU J 139 1.03 50.77 60.02
CA LEU J 139 0.43 51.46 61.15
C LEU J 139 1.56 51.98 62.02
N HIS J 140 1.60 53.29 62.22
CA HIS J 140 2.58 53.90 63.11
C HIS J 140 1.90 54.70 64.18
N GLN J 141 2.09 54.32 65.44
CA GLN J 141 1.49 55.06 66.53
C GLN J 141 2.34 56.28 66.85
N ILE J 142 1.70 57.42 66.98
CA ILE J 142 2.38 58.67 67.35
C ILE J 142 2.25 58.95 68.84
N ILE J 143 1.01 58.92 69.33
CA ILE J 143 0.72 58.96 70.77
C ILE J 143 -0.30 57.87 71.09
N PHE J 144 -0.02 57.08 72.12
CA PHE J 144 -0.91 55.97 72.53
C PHE J 144 -2.12 56.45 73.34
N PRO J 145 -3.34 56.09 72.90
CA PRO J 145 -3.74 55.51 71.62
C PRO J 145 -4.47 56.55 70.77
N PHE J 146 -4.21 57.83 71.01
CA PHE J 146 -5.02 58.91 70.45
C PHE J 146 -4.60 59.45 69.08
N LYS J 147 -3.39 59.14 68.64
CA LYS J 147 -2.89 59.69 67.37
C LYS J 147 -2.05 58.64 66.63
N LEU J 148 -2.48 58.30 65.41
CA LEU J 148 -1.78 57.30 64.60
C LEU J 148 -1.62 57.81 63.19
N PHE J 149 -0.66 57.21 62.47
CA PHE J 149 -0.31 57.61 61.13
C PHE J 149 -0.13 56.36 60.26
N TYR J 150 -0.88 56.32 59.15
CA TYR J 150 -0.88 55.16 58.27
C TYR J 150 -0.27 55.46 56.92
N THR J 151 0.47 54.49 56.41
CA THR J 151 0.88 54.52 55.01
C THR J 151 0.24 53.32 54.31
N PHE J 152 -0.74 53.59 53.46
CA PHE J 152 -1.35 52.53 52.66
C PHE J 152 -0.53 52.34 51.40
N TYR J 153 -0.07 51.12 51.15
CA TYR J 153 0.64 50.78 49.92
C TYR J 153 -0.36 50.14 48.96
N LEU J 154 -1.11 51.00 48.28
CA LEU J 154 -2.27 50.55 47.51
C LEU J 154 -1.93 50.04 46.12
N GLN J 155 -2.41 48.84 45.84
CA GLN J 155 -2.28 48.25 44.52
C GLN J 155 -3.66 48.00 43.92
N GLY J 156 -3.72 47.94 42.59
CA GLY J 156 -4.91 47.51 41.88
C GLY J 156 -5.95 48.57 41.55
N ILE J 157 -5.65 49.84 41.80
N ILE J 157 -5.62 49.84 41.75
CA ILE J 157 -6.63 50.90 41.53
CA ILE J 157 -6.60 50.90 41.53
C ILE J 157 -6.07 51.97 40.60
C ILE J 157 -6.06 52.03 40.67
N LYS J 158 -6.97 52.84 40.14
CA LYS J 158 -6.61 53.97 39.28
C LYS J 158 -5.83 55.01 40.09
N LYS J 159 -5.16 55.91 39.36
CA LYS J 159 -4.40 57.00 39.96
C LYS J 159 -5.27 57.73 40.99
N LEU J 160 -4.76 57.85 42.21
CA LEU J 160 -5.47 58.54 43.28
C LEU J 160 -5.71 60.01 42.94
N PRO J 161 -6.86 60.56 43.39
CA PRO J 161 -7.11 61.99 43.18
C PRO J 161 -6.06 62.86 43.87
N GLU J 162 -5.72 63.99 43.26
CA GLU J 162 -4.70 64.88 43.77
C GLU J 162 -5.00 65.31 45.21
N ALA J 163 -6.27 65.51 45.51
CA ALA J 163 -6.71 65.95 46.83
C ALA J 163 -6.24 65.01 47.95
N LEU J 164 -5.98 63.76 47.61
CA LEU J 164 -5.55 62.77 48.60
C LEU J 164 -4.04 62.57 48.65
N CYS J 165 -3.32 63.32 47.80
CA CYS J 165 -1.87 63.16 47.65
C CYS J 165 -1.11 64.46 47.90
N ALA J 166 -1.65 65.33 48.76
CA ALA J 166 -0.96 66.56 49.13
C ALA J 166 0.31 66.19 49.91
N PRO J 167 1.32 67.10 49.90
CA PRO J 167 2.55 66.78 50.62
C PRO J 167 2.26 66.52 52.09
N CYS J 168 2.85 65.44 52.60
CA CYS J 168 2.53 64.92 53.92
C CYS J 168 3.27 65.69 55.01
N VAL J 169 2.58 65.97 56.11
CA VAL J 169 3.25 66.45 57.33
C VAL J 169 3.97 65.24 57.95
N PRO J 170 5.30 65.34 58.17
CA PRO J 170 5.98 64.24 58.83
C PRO J 170 5.41 64.00 60.23
N PRO J 171 5.13 62.74 60.59
CA PRO J 171 4.51 62.45 61.88
C PRO J 171 5.41 62.78 63.07
N SER J 172 4.83 63.46 64.06
CA SER J 172 5.49 63.72 65.34
C SER J 172 4.41 63.99 66.39
N PRO J 173 4.75 63.90 67.69
CA PRO J 173 3.72 64.05 68.73
C PRO J 173 2.92 65.36 68.68
N SER J 174 3.50 66.43 68.16
CA SER J 174 2.87 67.74 68.21
C SER J 174 1.93 68.05 67.04
N VAL J 175 1.98 67.25 65.97
CA VAL J 175 1.15 67.52 64.79
C VAL J 175 -0.34 67.40 65.11
N ALA J 176 -1.14 68.24 64.46
CA ALA J 176 -2.58 68.27 64.69
C ALA J 176 -3.29 68.75 63.44
N PRO J 177 -4.58 68.41 63.30
CA PRO J 177 -5.34 68.90 62.14
C PRO J 177 -5.37 70.42 62.16
N ALA J 178 -5.36 71.03 60.98
CA ALA J 178 -5.57 72.48 60.85
C ALA J 178 -6.93 72.79 61.48
N ASP J 179 -7.08 73.95 62.09
CA ASP J 179 -8.34 74.29 62.76
C ASP J 179 -9.54 74.22 61.80
N GLU J 180 -9.31 74.62 60.55
CA GLU J 180 -10.35 74.59 59.52
C GLU J 180 -10.84 73.17 59.23
N ALA J 181 -9.94 72.20 59.30
CA ALA J 181 -10.30 70.80 59.12
C ALA J 181 -11.02 70.27 60.37
N LYS J 182 -10.56 70.70 61.54
CA LYS J 182 -11.23 70.35 62.79
C LYS J 182 -12.65 70.92 62.83
N GLN J 183 -12.81 72.14 62.33
CA GLN J 183 -14.12 72.80 62.24
C GLN J 183 -14.98 72.25 61.10
N CYS J 184 -14.43 71.32 60.32
CA CYS J 184 -15.12 70.74 59.17
C CYS J 184 -15.63 71.80 58.17
N LEU J 185 -14.80 72.79 57.91
CA LEU J 185 -15.15 73.85 56.97
C LEU J 185 -15.20 73.35 55.53
N PRO J 186 -16.15 73.86 54.73
CA PRO J 186 -16.47 73.39 53.39
C PRO J 186 -15.32 72.97 52.46
N ASN J 187 -14.24 73.75 52.40
CA ASN J 187 -13.11 73.39 51.54
C ASN J 187 -11.96 72.67 52.27
N HIS J 188 -12.27 72.15 53.46
CA HIS J 188 -11.32 71.39 54.25
C HIS J 188 -11.90 70.07 54.65
N VAL J 189 -12.81 69.57 53.82
CA VAL J 189 -13.39 68.25 54.03
C VAL J 189 -13.44 67.50 52.70
N ALA J 190 -13.37 66.18 52.77
CA ALA J 190 -13.65 65.34 51.60
C ALA J 190 -15.10 65.55 51.18
N PRO J 191 -15.41 65.37 49.87
CA PRO J 191 -16.81 65.48 49.45
C PRO J 191 -17.68 64.54 50.28
N ASN J 192 -18.70 65.10 50.93
CA ASN J 192 -19.59 64.34 51.81
C ASN J 192 -18.81 63.46 52.81
N PHE J 193 -17.80 64.07 53.43
CA PHE J 193 -16.94 63.40 54.39
C PHE J 193 -17.74 62.58 55.40
N THR J 194 -17.19 61.43 55.79
CA THR J 194 -17.92 60.54 56.66
C THR J 194 -17.96 61.09 58.08
N LYS J 195 -19.17 61.21 58.64
CA LYS J 195 -19.37 61.76 59.98
C LYS J 195 -19.47 60.66 61.03
N HIS K 16 -12.50 42.78 34.33
CA HIS K 16 -13.89 42.42 33.95
C HIS K 16 -14.75 42.12 35.16
N VAL K 17 -15.93 42.72 35.18
CA VAL K 17 -16.84 42.57 36.30
C VAL K 17 -18.02 41.69 35.93
N GLN K 18 -18.34 40.75 36.82
CA GLN K 18 -19.55 39.95 36.71
C GLN K 18 -20.48 40.29 37.87
N GLU K 19 -21.72 40.67 37.57
CA GLU K 19 -22.69 40.96 38.60
C GLU K 19 -23.43 39.69 39.06
N LEU K 20 -23.47 39.51 40.38
CA LEU K 20 -24.21 38.41 40.99
C LEU K 20 -25.23 39.03 41.93
N PHE K 21 -26.50 38.69 41.76
CA PHE K 21 -27.57 39.21 42.61
C PHE K 21 -27.97 38.18 43.63
N VAL K 22 -28.11 38.62 44.89
CA VAL K 22 -28.47 37.72 45.99
C VAL K 22 -29.51 38.37 46.88
N TYR K 23 -30.55 37.62 47.21
CA TYR K 23 -31.54 38.03 48.21
C TYR K 23 -31.20 37.41 49.56
N GLU K 24 -31.19 38.25 50.59
CA GLU K 24 -30.97 37.80 51.96
C GLU K 24 -32.25 38.04 52.78
N ILE K 25 -32.74 36.99 53.44
CA ILE K 25 -34.02 37.07 54.12
C ILE K 25 -33.90 36.50 55.53
N ASN K 26 -34.38 37.26 56.51
CA ASN K 26 -34.54 36.71 57.85
C ASN K 26 -35.92 36.06 57.91
N GLU K 27 -35.97 34.74 57.88
CA GLU K 27 -37.25 34.04 57.92
C GLU K 27 -37.71 33.70 59.33
N ARG K 28 -37.04 34.28 60.34
CA ARG K 28 -37.45 34.19 61.73
C ARG K 28 -37.33 32.76 62.28
N ASP K 29 -36.44 31.97 61.71
CA ASP K 29 -36.31 30.56 62.09
C ASP K 29 -34.89 30.13 62.43
N ARG K 30 -34.01 31.11 62.64
CA ARG K 30 -32.60 30.82 62.96
C ARG K 30 -32.16 31.49 64.26
N GLY K 31 -33.11 31.97 65.06
CA GLY K 31 -32.80 32.66 66.33
C GLY K 31 -31.94 33.91 66.14
N SER K 32 -32.07 34.53 64.97
CA SER K 32 -31.21 35.63 64.57
C SER K 32 -32.00 36.92 64.44
N PRO K 33 -31.36 38.08 64.73
CA PRO K 33 -30.00 38.26 65.21
C PRO K 33 -29.96 38.26 66.74
N VAL K 34 -28.76 38.39 67.30
CA VAL K 34 -28.59 38.49 68.74
C VAL K 34 -28.03 39.88 69.01
N PHE K 35 -28.83 40.75 69.60
CA PHE K 35 -28.39 42.11 69.88
C PHE K 35 -27.78 42.15 71.26
N LEU K 36 -26.49 42.48 71.32
CA LEU K 36 -25.77 42.54 72.60
C LEU K 36 -25.50 44.00 72.96
N PRO K 37 -26.16 44.52 74.02
CA PRO K 37 -26.13 45.96 74.30
C PRO K 37 -24.87 46.43 75.04
N PHE K 38 -23.70 46.04 74.53
CA PHE K 38 -22.43 46.28 75.20
C PHE K 38 -21.97 47.74 75.15
N GLY K 39 -22.64 48.56 74.34
CA GLY K 39 -22.28 49.98 74.24
C GLY K 39 -22.65 50.74 75.51
N GLY K 40 -23.61 50.19 76.25
CA GLY K 40 -23.95 50.67 77.59
C GLY K 40 -24.48 52.08 77.71
N LYS K 41 -24.84 52.71 76.60
CA LYS K 41 -25.44 54.05 76.63
C LYS K 41 -26.89 53.99 77.08
N LYS K 42 -27.29 54.95 77.92
CA LYS K 42 -28.62 54.97 78.53
C LYS K 42 -29.35 56.28 78.29
N GLN K 43 -30.67 56.20 78.07
CA GLN K 43 -31.47 57.39 77.84
C GLN K 43 -31.75 58.11 79.17
N PRO K 44 -31.56 59.45 79.22
CA PRO K 44 -31.87 60.15 80.46
C PRO K 44 -33.33 59.97 80.87
N GLY K 45 -33.57 59.86 82.18
CA GLY K 45 -34.92 59.78 82.71
C GLY K 45 -35.55 58.39 82.68
N THR K 46 -35.32 57.65 81.59
CA THR K 46 -35.91 56.31 81.47
C THR K 46 -34.89 55.21 81.76
N ASP K 47 -33.61 55.53 81.57
CA ASP K 47 -32.52 54.55 81.62
C ASP K 47 -32.65 53.46 80.55
N ALA K 48 -33.44 53.71 79.52
CA ALA K 48 -33.57 52.76 78.41
C ALA K 48 -32.25 52.66 77.64
N HIS K 49 -32.00 51.49 77.09
CA HIS K 49 -30.86 51.31 76.21
C HIS K 49 -30.96 52.23 75.01
N VAL K 50 -29.84 52.86 74.69
CA VAL K 50 -29.72 53.63 73.45
C VAL K 50 -28.63 52.94 72.63
N ASN K 51 -28.93 52.68 71.35
CA ASN K 51 -27.94 52.11 70.44
C ASN K 51 -26.74 53.04 70.36
N SER K 52 -25.55 52.45 70.49
CA SER K 52 -24.34 53.25 70.61
C SER K 52 -23.13 52.41 70.26
N LEU K 53 -22.03 53.09 69.98
CA LEU K 53 -20.75 52.44 69.68
C LEU K 53 -20.50 51.28 70.63
N GLY K 54 -20.27 50.10 70.08
CA GLY K 54 -19.91 48.98 70.94
C GLY K 54 -21.00 47.96 71.20
N ASP K 55 -22.25 48.27 70.86
CA ASP K 55 -23.25 47.22 70.77
C ASP K 55 -22.76 46.24 69.69
N LEU K 56 -22.94 44.94 69.93
CA LEU K 56 -22.50 43.92 68.96
C LEU K 56 -23.69 43.07 68.53
N VAL K 57 -23.69 42.67 67.25
CA VAL K 57 -24.83 41.93 66.68
C VAL K 57 -24.38 40.75 65.80
N PRO K 58 -24.16 39.58 66.42
CA PRO K 58 -24.03 38.34 65.64
C PRO K 58 -25.33 38.04 64.88
N PHE K 59 -25.21 37.48 63.67
CA PHE K 59 -26.40 37.21 62.88
C PHE K 59 -26.17 36.13 61.83
N SER K 60 -27.26 35.54 61.37
CA SER K 60 -27.23 34.59 60.27
C SER K 60 -28.59 34.45 59.61
N ASN K 61 -28.68 34.86 58.33
CA ASN K 61 -29.92 34.78 57.57
C ASN K 61 -29.85 33.77 56.44
N LYS K 62 -30.95 33.58 55.72
CA LYS K 62 -30.96 32.71 54.53
C LYS K 62 -30.73 33.52 53.26
N ILE K 63 -30.09 32.91 52.27
CA ILE K 63 -29.90 33.58 50.97
C ILE K 63 -30.46 32.77 49.81
N TYR K 64 -30.96 33.52 48.84
CA TYR K 64 -31.62 32.99 47.65
C TYR K 64 -31.03 33.66 46.42
N ASP K 65 -31.19 33.05 45.25
CA ASP K 65 -30.70 33.65 44.03
C ASP K 65 -31.58 34.82 43.58
N GLY K 66 -31.15 35.51 42.54
CA GLY K 66 -31.88 36.67 42.03
C GLY K 66 -33.31 36.37 41.58
N SER K 67 -33.53 35.16 41.07
CA SER K 67 -34.86 34.76 40.61
C SER K 67 -35.80 34.39 41.76
N LEU K 68 -35.23 34.26 42.97
CA LEU K 68 -35.94 33.80 44.17
C LEU K 68 -36.50 32.38 44.06
N LYS K 69 -36.04 31.63 43.07
CA LYS K 69 -36.48 30.25 42.87
C LYS K 69 -35.54 29.23 43.50
N THR K 70 -34.37 29.67 43.97
CA THR K 70 -33.34 28.77 44.48
C THR K 70 -32.81 29.22 45.82
N ARG K 71 -32.91 28.35 46.82
CA ARG K 71 -32.24 28.55 48.10
C ARG K 71 -30.75 28.25 47.91
N LEU K 72 -29.89 29.23 48.21
CA LEU K 72 -28.46 29.06 48.00
C LEU K 72 -27.72 28.63 49.26
N GLY K 73 -28.14 29.17 50.40
CA GLY K 73 -27.38 28.99 51.63
C GLY K 73 -27.75 29.99 52.70
N ILE K 74 -26.72 30.54 53.35
CA ILE K 74 -26.89 31.44 54.47
C ILE K 74 -25.89 32.58 54.43
N THR K 75 -26.18 33.64 55.18
CA THR K 75 -25.14 34.57 55.61
C THR K 75 -24.77 34.23 57.05
N ALA K 76 -23.57 34.65 57.46
CA ALA K 76 -23.11 34.44 58.83
C ALA K 76 -22.09 35.49 59.18
N GLY K 77 -22.26 36.13 60.33
CA GLY K 77 -21.25 37.09 60.75
C GLY K 77 -21.58 37.95 61.94
N LEU K 78 -20.94 39.12 61.99
CA LEU K 78 -20.91 39.96 63.17
C LEU K 78 -20.91 41.44 62.76
N CYS K 79 -21.88 42.19 63.28
CA CYS K 79 -21.91 43.64 63.12
C CYS K 79 -21.50 44.35 64.41
N THR K 80 -20.65 45.36 64.27
CA THR K 80 -20.27 46.21 65.39
C THR K 80 -20.96 47.56 65.22
N LEU K 81 -21.82 47.93 66.16
CA LEU K 81 -22.51 49.21 66.06
C LEU K 81 -21.51 50.36 66.27
N ILE K 82 -21.58 51.35 65.38
CA ILE K 82 -20.64 52.47 65.40
C ILE K 82 -21.31 53.74 65.89
N SER K 83 -22.46 54.07 65.32
CA SER K 83 -23.16 55.29 65.72
C SER K 83 -24.64 55.20 65.40
N HIS K 84 -25.43 55.93 66.17
CA HIS K 84 -26.85 56.05 65.95
C HIS K 84 -27.18 57.44 65.46
N SER K 85 -28.07 57.51 64.46
CA SER K 85 -28.54 58.78 63.95
C SER K 85 -30.01 58.99 64.30
N ASP K 86 -30.28 60.03 65.09
CA ASP K 86 -31.66 60.40 65.40
C ASP K 86 -32.36 60.98 64.17
N GLN K 87 -31.65 61.80 63.42
CA GLN K 87 -32.16 62.46 62.22
C GLN K 87 -32.61 61.45 61.15
N LYS K 88 -31.86 60.36 61.01
CA LYS K 88 -32.14 59.35 59.98
C LYS K 88 -32.82 58.11 60.54
N ASN K 89 -33.01 58.08 61.85
CA ASN K 89 -33.66 56.97 62.55
C ASN K 89 -33.03 55.60 62.20
N GLY K 90 -31.77 55.46 62.53
CA GLY K 90 -31.05 54.22 62.23
C GLY K 90 -29.62 54.26 62.70
N ASP K 91 -28.88 53.22 62.34
CA ASP K 91 -27.53 53.01 62.84
C ASP K 91 -26.54 52.71 61.74
N ARG K 92 -25.30 53.15 61.95
CA ARG K 92 -24.15 52.69 61.20
C ARG K 92 -23.48 51.54 61.95
N TYR K 93 -23.28 50.44 61.24
CA TYR K 93 -22.48 49.32 61.71
C TYR K 93 -21.23 49.14 60.86
N GLU K 94 -20.22 48.52 61.46
CA GLU K 94 -19.08 47.97 60.73
C GLU K 94 -19.26 46.45 60.76
N ALA K 95 -19.34 45.86 59.57
CA ALA K 95 -19.76 44.48 59.43
C ALA K 95 -18.70 43.57 58.82
N LEU K 96 -18.62 42.35 59.34
CA LEU K 96 -17.88 41.29 58.70
C LEU K 96 -18.78 40.07 58.61
N TYR K 97 -18.99 39.60 57.41
CA TYR K 97 -19.77 38.40 57.22
C TYR K 97 -19.46 37.68 55.94
N SER K 98 -19.93 36.44 55.86
CA SER K 98 -19.79 35.64 54.66
C SER K 98 -21.13 35.16 54.14
N PHE K 99 -21.15 34.88 52.82
CA PHE K 99 -22.28 34.34 52.10
C PHE K 99 -21.88 32.94 51.69
N TYR K 100 -22.70 31.94 52.04
CA TYR K 100 -22.42 30.54 51.76
C TYR K 100 -23.39 30.03 50.73
N PHE K 101 -22.83 29.47 49.65
CA PHE K 101 -23.60 29.05 48.49
C PHE K 101 -23.51 27.53 48.30
N GLY K 102 -23.54 26.77 49.39
CA GLY K 102 -23.39 25.32 49.28
C GLY K 102 -22.08 24.98 48.58
N ASP K 103 -22.12 23.99 47.70
CA ASP K 103 -20.91 23.51 47.01
C ASP K 103 -20.24 24.54 46.09
N TYR K 104 -20.95 25.61 45.72
CA TYR K 104 -20.31 26.66 44.92
C TYR K 104 -19.17 27.33 45.69
N GLY K 105 -19.27 27.38 47.02
CA GLY K 105 -18.27 28.05 47.83
C GLY K 105 -18.87 29.21 48.63
N HIS K 106 -18.02 30.17 48.98
CA HIS K 106 -18.45 31.31 49.79
C HIS K 106 -17.82 32.59 49.31
N ILE K 107 -18.44 33.72 49.68
CA ILE K 107 -17.86 35.05 49.47
C ILE K 107 -17.81 35.73 50.84
N SER K 108 -16.70 36.38 51.15
CA SER K 108 -16.59 37.16 52.38
C SER K 108 -16.62 38.65 52.08
N VAL K 109 -17.22 39.40 52.99
CA VAL K 109 -17.33 40.84 52.86
C VAL K 109 -16.96 41.56 54.15
N GLN K 110 -16.56 42.82 54.00
CA GLN K 110 -16.16 43.68 55.12
C GLN K 110 -16.51 45.12 54.77
N GLY K 111 -17.12 45.83 55.71
CA GLY K 111 -17.39 47.24 55.49
C GLY K 111 -18.67 47.73 56.11
N PRO K 112 -19.25 48.79 55.52
CA PRO K 112 -20.35 49.51 56.17
C PRO K 112 -21.70 48.85 55.95
N TYR K 113 -22.43 48.70 57.05
CA TYR K 113 -23.80 48.23 57.00
C TYR K 113 -24.60 49.33 57.68
N ILE K 114 -25.44 50.01 56.90
CA ILE K 114 -26.17 51.18 57.39
C ILE K 114 -27.67 50.89 57.30
N THR K 115 -28.38 50.98 58.41
CA THR K 115 -29.76 50.49 58.44
C THR K 115 -30.71 51.32 57.59
N TYR K 116 -30.32 52.57 57.31
CA TYR K 116 -31.21 53.52 56.66
C TYR K 116 -30.84 53.88 55.22
N GLU K 117 -29.76 53.29 54.69
CA GLU K 117 -29.35 53.58 53.30
C GLU K 117 -28.43 52.53 52.73
N ASP K 118 -28.30 52.54 51.40
CA ASP K 118 -27.45 51.59 50.71
C ASP K 118 -25.98 51.88 50.99
N SER K 119 -25.15 50.85 50.87
CA SER K 119 -23.72 51.02 51.03
C SER K 119 -22.96 50.05 50.15
N TYR K 120 -21.64 50.24 50.08
CA TYR K 120 -20.77 49.31 49.35
C TYR K 120 -19.78 48.63 50.30
N LEU K 121 -19.85 47.31 50.34
CA LEU K 121 -18.93 46.49 51.11
C LEU K 121 -17.74 46.08 50.24
N ALA K 122 -16.58 45.88 50.87
CA ALA K 122 -15.46 45.25 50.17
C ALA K 122 -15.71 43.75 50.08
N ILE K 123 -15.44 43.18 48.91
CA ILE K 123 -15.40 41.73 48.77
C ILE K 123 -13.97 41.32 49.11
N THR K 124 -13.80 40.62 50.23
CA THR K 124 -12.46 40.35 50.73
C THR K 124 -11.87 39.05 50.19
N GLY K 125 -12.69 38.26 49.53
CA GLY K 125 -12.24 37.02 48.91
C GLY K 125 -13.34 35.96 48.99
N GLY K 126 -12.99 34.72 48.67
CA GLY K 126 -13.97 33.66 48.68
C GLY K 126 -13.32 32.30 48.55
N SER K 127 -14.15 31.31 48.24
CA SER K 127 -13.68 29.94 48.06
C SER K 127 -14.51 29.30 46.95
N GLY K 128 -14.10 28.10 46.52
CA GLY K 128 -14.80 27.40 45.45
C GLY K 128 -14.77 28.18 44.15
N ILE K 129 -15.93 28.37 43.51
CA ILE K 129 -15.96 29.16 42.27
C ILE K 129 -15.62 30.62 42.52
N PHE K 130 -15.64 31.03 43.79
CA PHE K 130 -15.34 32.41 44.18
C PHE K 130 -13.90 32.59 44.69
N ALA K 131 -13.10 31.54 44.63
CA ALA K 131 -11.70 31.65 45.07
C ALA K 131 -10.96 32.73 44.28
N GLY K 132 -10.32 33.63 45.01
CA GLY K 132 -9.58 34.70 44.37
C GLY K 132 -10.42 35.89 43.96
N CYS K 133 -11.70 35.90 44.31
CA CYS K 133 -12.55 37.03 43.95
C CYS K 133 -12.16 38.30 44.70
N TYR K 134 -12.48 39.42 44.07
CA TYR K 134 -12.26 40.73 44.69
C TYR K 134 -13.26 41.70 44.07
N GLY K 135 -13.34 42.90 44.65
CA GLY K 135 -14.27 43.90 44.17
C GLY K 135 -15.10 44.47 45.30
N GLN K 136 -16.28 44.96 44.96
CA GLN K 136 -17.18 45.55 45.93
C GLN K 136 -18.59 45.01 45.73
N ALA K 137 -19.40 45.10 46.78
CA ALA K 137 -20.78 44.61 46.72
C ALA K 137 -21.70 45.70 47.23
N LYS K 138 -22.76 45.98 46.49
CA LYS K 138 -23.75 46.94 46.92
C LYS K 138 -24.80 46.27 47.78
N LEU K 139 -24.98 46.80 48.99
CA LEU K 139 -26.00 46.34 49.92
C LEU K 139 -27.18 47.29 49.81
N HIS K 140 -28.35 46.73 49.47
CA HIS K 140 -29.59 47.50 49.41
C HIS K 140 -30.58 46.96 50.41
N GLN K 141 -31.03 47.82 51.33
CA GLN K 141 -32.08 47.47 52.27
C GLN K 141 -33.42 47.49 51.54
N ILE K 142 -34.10 46.35 51.50
CA ILE K 142 -35.44 46.31 50.92
C ILE K 142 -36.44 46.70 51.99
N ILE K 143 -36.42 45.96 53.09
CA ILE K 143 -37.16 46.32 54.28
C ILE K 143 -36.30 45.89 55.45
N PHE K 144 -35.58 46.85 56.02
CA PHE K 144 -34.73 46.56 57.16
C PHE K 144 -35.61 46.08 58.33
N PRO K 145 -35.21 45.00 59.03
CA PRO K 145 -34.03 44.16 58.85
C PRO K 145 -34.31 42.81 58.15
N PHE K 146 -35.52 42.62 57.63
CA PHE K 146 -35.92 41.29 57.16
C PHE K 146 -35.50 40.90 55.76
N LYS K 147 -35.37 41.88 54.87
CA LYS K 147 -35.10 41.59 53.46
C LYS K 147 -34.07 42.55 52.92
N LEU K 148 -33.00 41.96 52.40
CA LEU K 148 -31.88 42.73 51.84
C LEU K 148 -31.53 42.18 50.46
N PHE K 149 -30.95 43.05 49.63
CA PHE K 149 -30.59 42.66 48.27
C PHE K 149 -29.18 43.12 47.97
N TYR K 150 -28.37 42.22 47.43
CA TYR K 150 -26.97 42.49 47.12
C TYR K 150 -26.66 42.39 45.65
N THR K 151 -25.83 43.31 45.19
CA THR K 151 -25.20 43.18 43.89
C THR K 151 -23.71 43.03 44.12
N PHE K 152 -23.19 41.83 43.90
CA PHE K 152 -21.74 41.62 43.98
C PHE K 152 -21.14 41.94 42.64
N TYR K 153 -20.20 42.89 42.60
CA TYR K 153 -19.48 43.24 41.39
C TYR K 153 -18.19 42.44 41.40
N LEU K 154 -18.28 41.19 40.98
CA LEU K 154 -17.18 40.24 41.15
C LEU K 154 -16.11 40.33 40.08
N GLN K 155 -14.87 40.48 40.53
CA GLN K 155 -13.71 40.42 39.64
C GLN K 155 -12.83 39.22 40.00
N GLY K 156 -12.04 38.78 39.03
CA GLY K 156 -10.99 37.81 39.28
C GLY K 156 -11.37 36.36 39.20
N ILE K 157 -12.59 36.05 38.77
CA ILE K 157 -13.05 34.67 38.75
C ILE K 157 -13.61 34.25 37.40
N LYS K 158 -13.73 32.94 37.20
CA LYS K 158 -14.28 32.39 35.97
C LYS K 158 -15.75 32.75 35.82
N LYS K 159 -16.24 32.62 34.60
CA LYS K 159 -17.64 32.89 34.30
C LYS K 159 -18.57 32.15 35.25
N LEU K 160 -19.49 32.87 35.89
CA LEU K 160 -20.43 32.27 36.84
C LEU K 160 -21.33 31.26 36.15
N PRO K 161 -21.72 30.19 36.86
CA PRO K 161 -22.68 29.24 36.29
C PRO K 161 -24.03 29.89 36.01
N GLU K 162 -24.68 29.45 34.94
CA GLU K 162 -25.96 30.01 34.52
C GLU K 162 -26.99 29.93 35.65
N ALA K 163 -26.88 28.90 36.49
CA ALA K 163 -27.81 28.73 37.60
C ALA K 163 -27.82 29.94 38.54
N LEU K 164 -26.72 30.65 38.62
CA LEU K 164 -26.62 31.83 39.48
C LEU K 164 -26.97 33.13 38.77
N CYS K 165 -27.36 33.05 37.50
CA CYS K 165 -27.58 34.22 36.64
C CYS K 165 -28.96 34.24 36.01
N ALA K 166 -29.94 33.63 36.66
CA ALA K 166 -31.31 33.66 36.15
C ALA K 166 -31.86 35.07 36.19
N PRO K 167 -32.88 35.37 35.37
CA PRO K 167 -33.44 36.73 35.38
C PRO K 167 -33.84 37.13 36.81
N CYS K 168 -33.48 38.35 37.17
CA CYS K 168 -33.57 38.79 38.55
C CYS K 168 -34.91 39.46 38.82
N VAL K 169 -35.57 39.01 39.91
CA VAL K 169 -36.79 39.65 40.39
C VAL K 169 -36.40 41.05 40.86
N PRO K 170 -37.15 42.08 40.44
CA PRO K 170 -36.82 43.42 40.97
C PRO K 170 -37.16 43.52 42.44
N PRO K 171 -36.22 44.03 43.26
CA PRO K 171 -36.51 44.08 44.70
C PRO K 171 -37.65 45.03 45.07
N SER K 172 -38.50 44.57 45.97
CA SER K 172 -39.52 45.38 46.61
C SER K 172 -39.91 44.69 47.91
N PRO K 173 -40.56 45.41 48.84
CA PRO K 173 -40.85 44.83 50.15
C PRO K 173 -41.68 43.55 50.15
N SER K 174 -42.45 43.33 49.08
CA SER K 174 -43.35 42.18 49.03
C SER K 174 -42.69 40.90 48.45
N VAL K 175 -41.46 41.03 47.95
CA VAL K 175 -40.79 39.84 47.39
C VAL K 175 -40.53 38.79 48.46
N ALA K 176 -40.59 37.53 48.04
CA ALA K 176 -40.35 36.41 48.93
C ALA K 176 -39.85 35.25 48.09
N PRO K 177 -39.14 34.30 48.73
CA PRO K 177 -38.71 33.10 48.03
C PRO K 177 -39.91 32.32 47.48
N ALA K 178 -39.75 31.69 46.33
CA ALA K 178 -40.75 30.75 45.82
C ALA K 178 -40.97 29.67 46.87
N ASP K 179 -42.21 29.18 46.98
CA ASP K 179 -42.54 28.14 47.96
C ASP K 179 -41.57 26.96 47.84
N GLU K 180 -41.23 26.59 46.61
CA GLU K 180 -40.37 25.44 46.35
C GLU K 180 -38.95 25.65 46.88
N ALA K 181 -38.50 26.91 46.87
CA ALA K 181 -37.21 27.28 47.45
C ALA K 181 -37.27 27.33 48.97
N LYS K 182 -38.38 27.84 49.49
CA LYS K 182 -38.63 27.87 50.93
C LYS K 182 -38.59 26.43 51.48
N GLN K 183 -39.20 25.50 50.74
CA GLN K 183 -39.29 24.10 51.16
C GLN K 183 -38.05 23.28 50.79
N CYS K 184 -37.05 23.93 50.18
CA CYS K 184 -35.78 23.30 49.85
C CYS K 184 -35.96 22.04 48.99
N LEU K 185 -36.85 22.15 48.00
CA LEU K 185 -37.14 21.04 47.11
C LEU K 185 -36.00 20.79 46.13
N PRO K 186 -35.83 19.53 45.68
CA PRO K 186 -34.82 19.27 44.65
C PRO K 186 -34.98 20.23 43.48
N ASN K 187 -33.87 20.60 42.85
CA ASN K 187 -33.89 21.55 41.73
C ASN K 187 -34.31 22.99 42.12
N HIS K 188 -34.50 23.21 43.42
CA HIS K 188 -34.70 24.58 43.96
C HIS K 188 -33.74 24.92 45.06
N VAL K 189 -32.61 24.21 45.08
CA VAL K 189 -31.53 24.45 46.03
C VAL K 189 -30.20 24.38 45.29
N ALA K 190 -29.23 25.16 45.76
CA ALA K 190 -27.84 25.00 45.32
C ALA K 190 -27.38 23.58 45.68
N PRO K 191 -26.40 23.03 44.92
CA PRO K 191 -25.87 21.72 45.31
C PRO K 191 -25.37 21.74 46.76
N ASN K 192 -25.89 20.83 47.58
CA ASN K 192 -25.56 20.79 49.02
C ASN K 192 -25.65 22.18 49.67
N PHE K 193 -26.76 22.87 49.40
CA PHE K 193 -26.98 24.22 49.89
C PHE K 193 -26.68 24.32 51.39
N THR K 194 -26.14 25.46 51.81
CA THR K 194 -25.73 25.62 53.21
C THR K 194 -26.94 25.78 54.12
N LYS K 195 -27.03 24.89 55.12
CA LYS K 195 -28.14 24.86 56.08
C LYS K 195 -27.77 25.66 57.33
N HIS L 16 0.87 29.77 39.36
CA HIS L 16 -0.57 30.04 39.65
C HIS L 16 -0.85 30.09 41.13
N VAL L 17 -0.71 28.94 41.80
CA VAL L 17 -0.95 28.80 43.23
C VAL L 17 0.30 28.21 43.87
N GLN L 18 0.70 28.74 45.02
CA GLN L 18 1.74 28.12 45.85
C GLN L 18 1.13 27.57 47.13
N GLU L 19 1.33 26.28 47.39
CA GLU L 19 0.86 25.67 48.62
C GLU L 19 1.78 25.96 49.81
N LEU L 20 1.19 26.40 50.91
CA LEU L 20 1.92 26.58 52.17
C LEU L 20 1.18 25.78 53.25
N PHE L 21 1.91 24.88 53.92
CA PHE L 21 1.33 24.04 54.97
C PHE L 21 1.66 24.54 56.37
N VAL L 22 0.66 24.61 57.24
CA VAL L 22 0.84 25.15 58.59
C VAL L 22 0.08 24.33 59.63
N TYR L 23 0.77 23.95 60.71
CA TYR L 23 0.14 23.35 61.87
C TYR L 23 -0.21 24.39 62.91
N GLU L 24 -1.43 24.31 63.44
CA GLU L 24 -1.86 25.17 64.54
C GLU L 24 -2.13 24.27 65.75
N ILE L 25 -1.49 24.61 66.87
CA ILE L 25 -1.58 23.81 68.09
C ILE L 25 -1.95 24.66 69.29
N ASN L 26 -2.98 24.23 70.02
CA ASN L 26 -3.29 24.83 71.32
C ASN L 26 -2.52 24.08 72.40
N GLU L 27 -1.45 24.69 72.88
CA GLU L 27 -0.61 24.07 73.90
C GLU L 27 -1.06 24.41 75.33
N ARG L 28 -2.25 25.02 75.43
CA ARG L 28 -2.93 25.26 76.70
C ARG L 28 -2.20 26.27 77.60
N ASP L 29 -1.33 27.07 77.01
CA ASP L 29 -0.46 27.98 77.77
C ASP L 29 -0.84 29.46 77.64
N ARG L 30 -1.90 29.74 76.88
CA ARG L 30 -2.23 31.11 76.48
C ARG L 30 -3.61 31.55 76.97
N GLY L 31 -4.25 30.75 77.83
CA GLY L 31 -5.61 31.00 78.29
C GLY L 31 -6.63 30.98 77.17
N SER L 32 -6.31 30.26 76.11
CA SER L 32 -7.12 30.21 74.89
C SER L 32 -7.79 28.84 74.73
N PRO L 33 -9.04 28.80 74.24
CA PRO L 33 -9.88 29.93 73.83
C PRO L 33 -10.64 30.53 75.01
N VAL L 34 -11.13 31.76 74.83
CA VAL L 34 -12.03 32.36 75.81
C VAL L 34 -13.44 32.19 75.27
N PHE L 35 -14.25 31.39 75.95
CA PHE L 35 -15.62 31.18 75.50
C PHE L 35 -16.58 32.15 76.18
N LEU L 36 -17.17 33.04 75.38
CA LEU L 36 -18.11 34.03 75.89
C LEU L 36 -19.53 33.60 75.51
N PRO L 37 -20.33 33.17 76.50
CA PRO L 37 -21.64 32.54 76.25
C PRO L 37 -22.75 33.55 75.95
N PHE L 38 -22.48 34.47 75.03
CA PHE L 38 -23.37 35.58 74.72
C PHE L 38 -24.62 35.19 73.92
N GLY L 39 -24.63 33.96 73.40
CA GLY L 39 -25.82 33.41 72.76
C GLY L 39 -26.99 33.30 73.74
N GLY L 40 -26.67 33.13 75.02
CA GLY L 40 -27.67 33.16 76.10
C GLY L 40 -28.56 31.94 76.26
N LYS L 41 -28.31 30.90 75.47
CA LYS L 41 -29.17 29.72 75.47
C LYS L 41 -28.81 28.73 76.59
N LYS L 42 -29.85 28.20 77.23
CA LYS L 42 -29.69 27.24 78.32
C LYS L 42 -30.62 26.06 78.10
N GLN L 43 -30.25 24.89 78.63
CA GLN L 43 -31.16 23.75 78.66
C GLN L 43 -32.43 24.15 79.41
N PRO L 44 -33.61 23.86 78.82
CA PRO L 44 -34.93 24.35 79.24
C PRO L 44 -35.11 24.71 80.73
N GLY L 45 -34.73 23.81 81.63
CA GLY L 45 -34.96 24.02 83.06
C GLY L 45 -33.70 24.23 83.90
N THR L 46 -32.58 24.51 83.23
CA THR L 46 -31.28 24.51 83.89
C THR L 46 -30.51 25.82 83.71
N ASP L 47 -29.26 25.80 84.19
CA ASP L 47 -28.30 26.87 84.00
C ASP L 47 -27.20 26.41 83.03
N ALA L 48 -27.38 25.20 82.49
CA ALA L 48 -26.38 24.57 81.61
C ALA L 48 -26.36 25.20 80.22
N HIS L 49 -25.17 25.54 79.75
CA HIS L 49 -25.01 26.26 78.48
C HIS L 49 -25.25 25.42 77.27
N VAL L 50 -25.99 25.99 76.31
CA VAL L 50 -26.16 25.37 75.01
C VAL L 50 -25.53 26.30 73.98
N ASN L 51 -24.59 25.77 73.21
CA ASN L 51 -23.95 26.54 72.13
C ASN L 51 -25.01 27.07 71.17
N SER L 52 -24.92 28.35 70.84
CA SER L 52 -25.95 29.02 70.03
C SER L 52 -25.40 30.27 69.36
N LEU L 53 -26.08 30.72 68.32
CA LEU L 53 -25.73 31.94 67.61
C LEU L 53 -25.38 33.05 68.58
N GLY L 54 -24.22 33.66 68.41
CA GLY L 54 -23.86 34.79 69.25
C GLY L 54 -22.89 34.52 70.39
N ASP L 55 -22.67 33.26 70.74
CA ASP L 55 -21.50 32.93 71.56
C ASP L 55 -20.26 33.43 70.80
N LEU L 56 -19.33 34.06 71.51
CA LEU L 56 -18.10 34.59 70.88
C LEU L 56 -16.88 33.92 71.45
N VAL L 57 -15.88 33.67 70.60
CA VAL L 57 -14.68 32.94 71.03
C VAL L 57 -13.39 33.60 70.55
N PRO L 58 -12.86 34.55 71.35
CA PRO L 58 -11.50 35.06 71.10
C PRO L 58 -10.51 33.91 71.30
N PHE L 59 -9.47 33.85 70.46
CA PHE L 59 -8.50 32.76 70.55
C PHE L 59 -7.12 33.15 70.02
N SER L 60 -6.11 32.40 70.46
CA SER L 60 -4.76 32.52 69.94
C SER L 60 -4.00 31.24 70.23
N ASN L 61 -3.51 30.59 69.17
CA ASN L 61 -2.72 29.37 69.28
C ASN L 61 -1.34 29.56 68.69
N LYS L 62 -0.49 28.54 68.83
CA LYS L 62 0.85 28.55 68.23
C LYS L 62 0.79 27.94 66.84
N ILE L 63 1.64 28.42 65.95
CA ILE L 63 1.79 27.79 64.63
C ILE L 63 3.20 27.33 64.33
N TYR L 64 3.29 26.18 63.67
CA TYR L 64 4.54 25.55 63.29
C TYR L 64 4.50 25.30 61.80
N ASP L 65 5.66 25.11 61.19
CA ASP L 65 5.74 24.80 59.76
C ASP L 65 5.25 23.38 59.45
N GLY L 66 5.13 23.07 58.16
CA GLY L 66 4.61 21.77 57.72
C GLY L 66 5.44 20.59 58.18
N SER L 67 6.74 20.81 58.33
CA SER L 67 7.65 19.74 58.77
C SER L 67 7.66 19.56 60.30
N LEU L 68 6.96 20.46 60.99
CA LEU L 68 6.90 20.46 62.46
C LEU L 68 8.26 20.64 63.13
N LYS L 69 9.22 21.13 62.35
CA LYS L 69 10.57 21.39 62.86
C LYS L 69 10.77 22.84 63.31
N THR L 70 9.84 23.73 62.91
CA THR L 70 10.02 25.16 63.14
C THR L 70 8.79 25.81 63.76
N ARG L 71 9.00 26.52 64.86
CA ARG L 71 7.99 27.41 65.42
C ARG L 71 7.95 28.68 64.57
N LEU L 72 6.79 28.99 64.01
CA LEU L 72 6.66 30.14 63.12
C LEU L 72 6.10 31.37 63.83
N GLY L 73 5.09 31.16 64.68
CA GLY L 73 4.44 32.27 65.36
C GLY L 73 3.14 31.85 66.03
N ILE L 74 2.08 32.61 65.77
CA ILE L 74 0.78 32.38 66.40
C ILE L 74 -0.36 32.62 65.43
N THR L 75 -1.54 32.13 65.79
CA THR L 75 -2.79 32.63 65.23
C THR L 75 -3.39 33.57 66.24
N ALA L 76 -4.25 34.47 65.78
CA ALA L 76 -4.92 35.41 66.66
C ALA L 76 -6.19 35.87 65.99
N GLY L 77 -7.31 35.80 66.72
CA GLY L 77 -8.57 36.27 66.15
C GLY L 77 -9.79 35.97 66.99
N LEU L 78 -10.92 35.88 66.30
CA LEU L 78 -12.23 35.85 66.92
C LEU L 78 -13.18 34.99 66.09
N CYS L 79 -13.84 34.05 66.76
CA CYS L 79 -14.91 33.29 66.14
C CYS L 79 -16.26 33.72 66.68
N THR L 80 -17.25 33.76 65.79
CA THR L 80 -18.63 33.96 66.16
C THR L 80 -19.34 32.64 65.92
N LEU L 81 -19.95 32.08 66.97
CA LEU L 81 -20.71 30.85 66.82
C LEU L 81 -21.99 31.17 66.06
N ILE L 82 -22.30 30.36 65.07
CA ILE L 82 -23.46 30.57 64.20
C ILE L 82 -24.60 29.57 64.49
N SER L 83 -24.26 28.29 64.57
CA SER L 83 -25.26 27.25 64.82
C SER L 83 -24.63 26.01 65.40
N HIS L 84 -25.43 25.29 66.18
CA HIS L 84 -25.04 24.01 66.75
C HIS L 84 -25.85 22.91 66.10
N SER L 85 -25.18 21.84 65.70
CA SER L 85 -25.86 20.65 65.18
C SER L 85 -25.77 19.49 66.18
N ASP L 86 -26.93 19.05 66.68
CA ASP L 86 -26.97 17.87 67.56
C ASP L 86 -26.71 16.60 66.76
N GLN L 87 -27.28 16.53 65.55
CA GLN L 87 -27.12 15.41 64.63
C GLN L 87 -25.65 15.07 64.36
N LYS L 88 -24.84 16.10 64.10
CA LYS L 88 -23.42 15.92 63.76
C LYS L 88 -22.48 16.22 64.94
N ASN L 89 -23.07 16.49 66.11
CA ASN L 89 -22.35 16.86 67.33
C ASN L 89 -21.20 17.84 67.10
N GLY L 90 -21.57 19.09 66.78
CA GLY L 90 -20.58 20.13 66.52
C GLY L 90 -21.22 21.47 66.21
N ASP L 91 -20.37 22.43 65.84
CA ASP L 91 -20.78 23.82 65.62
C ASP L 91 -20.22 24.41 64.32
N ARG L 92 -20.99 25.33 63.75
CA ARG L 92 -20.48 26.21 62.71
C ARG L 92 -20.11 27.54 63.36
N TYR L 93 -18.88 28.00 63.10
CA TYR L 93 -18.42 29.35 63.46
C TYR L 93 -18.12 30.16 62.22
N GLU L 94 -18.19 31.48 62.37
CA GLU L 94 -17.66 32.40 61.37
C GLU L 94 -16.40 33.00 61.98
N ALA L 95 -15.29 32.82 61.28
CA ALA L 95 -13.96 33.12 61.84
C ALA L 95 -13.25 34.27 61.15
N LEU L 96 -12.63 35.12 61.96
CA LEU L 96 -11.76 36.19 61.48
C LEU L 96 -10.46 36.08 62.25
N TYR L 97 -9.37 35.78 61.55
CA TYR L 97 -8.09 35.64 62.23
C TYR L 97 -6.89 35.76 61.33
N SER L 98 -5.74 35.95 61.96
CA SER L 98 -4.50 36.07 61.22
C SER L 98 -3.49 35.05 61.70
N PHE L 99 -2.57 34.74 60.80
CA PHE L 99 -1.42 33.88 61.07
C PHE L 99 -0.18 34.74 61.04
N TYR L 100 0.61 34.67 62.11
CA TYR L 100 1.82 35.48 62.24
C TYR L 100 3.07 34.62 62.12
N PHE L 101 3.96 35.01 61.22
CA PHE L 101 5.15 34.23 60.87
C PHE L 101 6.44 34.99 61.19
N GLY L 102 6.47 35.69 62.32
CA GLY L 102 7.65 36.50 62.65
C GLY L 102 7.96 37.50 61.53
N ASP L 103 9.24 37.60 61.18
CA ASP L 103 9.69 38.57 60.17
C ASP L 103 9.19 38.33 58.75
N TYR L 104 8.69 37.12 58.47
CA TYR L 104 8.12 36.82 57.16
C TYR L 104 6.89 37.68 56.86
N GLY L 105 6.13 38.01 57.90
CA GLY L 105 4.90 38.77 57.77
C GLY L 105 3.70 38.00 58.30
N HIS L 106 2.51 38.35 57.81
CA HIS L 106 1.27 37.69 58.24
C HIS L 106 0.37 37.38 57.08
N ILE L 107 -0.56 36.46 57.32
CA ILE L 107 -1.66 36.18 56.41
C ILE L 107 -2.96 36.32 57.19
N SER L 108 -3.93 37.01 56.60
CA SER L 108 -5.25 37.13 57.19
C SER L 108 -6.26 36.26 56.46
N VAL L 109 -7.21 35.73 57.23
CA VAL L 109 -8.26 34.87 56.70
C VAL L 109 -9.64 35.24 57.24
N GLN L 110 -10.66 34.87 56.48
N GLN L 110 -10.67 34.95 56.45
CA GLN L 110 -12.05 35.10 56.85
CA GLN L 110 -12.07 35.20 56.83
C GLN L 110 -12.89 33.97 56.28
C GLN L 110 -12.91 34.02 56.28
N GLY L 111 -13.77 33.42 57.09
CA GLY L 111 -14.64 32.36 56.61
C GLY L 111 -15.04 31.35 57.68
N PRO L 112 -15.44 30.15 57.24
CA PRO L 112 -16.08 29.21 58.15
C PRO L 112 -15.10 28.31 58.88
N TYR L 113 -15.36 28.10 60.17
CA TYR L 113 -14.74 27.02 60.90
C TYR L 113 -15.87 26.14 61.41
N ILE L 114 -15.84 24.89 60.96
CA ILE L 114 -16.86 23.92 61.34
C ILE L 114 -16.20 22.80 62.14
N THR L 115 -16.65 22.59 63.37
CA THR L 115 -15.93 21.74 64.32
C THR L 115 -15.87 20.27 63.90
N TYR L 116 -16.72 19.88 62.96
CA TYR L 116 -16.87 18.47 62.57
C TYR L 116 -16.50 18.15 61.12
N GLU L 117 -15.98 19.14 60.38
CA GLU L 117 -15.55 18.88 59.00
C GLU L 117 -14.64 19.96 58.46
N ASP L 118 -13.95 19.65 57.36
CA ASP L 118 -13.04 20.59 56.73
C ASP L 118 -13.81 21.74 56.08
N SER L 119 -13.13 22.88 55.95
CA SER L 119 -13.71 24.03 55.28
C SER L 119 -12.64 24.83 54.54
N TYR L 120 -13.08 25.76 53.70
CA TYR L 120 -12.18 26.67 52.99
C TYR L 120 -12.41 28.11 53.41
N LEU L 121 -11.33 28.74 53.86
CA LEU L 121 -11.35 30.13 54.24
C LEU L 121 -10.88 31.01 53.08
N ALA L 122 -11.37 32.25 53.04
CA ALA L 122 -10.80 33.26 52.14
C ALA L 122 -9.48 33.75 52.70
N ILE L 123 -8.47 33.86 51.82
CA ILE L 123 -7.24 34.55 52.17
C ILE L 123 -7.46 36.02 51.81
N THR L 124 -7.55 36.87 52.83
CA THR L 124 -7.98 38.25 52.59
C THR L 124 -6.82 39.21 52.32
N GLY L 125 -5.60 38.74 52.53
CA GLY L 125 -4.41 39.54 52.25
C GLY L 125 -3.33 39.21 53.25
N GLY L 126 -2.24 39.97 53.22
CA GLY L 126 -1.16 39.73 54.16
C GLY L 126 -0.17 40.87 54.15
N SER L 127 1.00 40.59 54.70
CA SER L 127 2.08 41.56 54.77
C SER L 127 3.43 40.87 54.60
N GLY L 128 4.49 41.66 54.48
CA GLY L 128 5.83 41.11 54.28
C GLY L 128 5.88 40.33 52.98
N ILE L 129 6.36 39.09 53.05
CA ILE L 129 6.44 38.24 51.87
C ILE L 129 5.04 37.86 51.35
N PHE L 130 4.03 38.07 52.20
CA PHE L 130 2.65 37.75 51.85
C PHE L 130 1.85 38.98 51.39
N ALA L 131 2.49 40.13 51.29
CA ALA L 131 1.81 41.35 50.84
C ALA L 131 1.19 41.15 49.46
N GLY L 132 -0.11 41.42 49.35
CA GLY L 132 -0.84 41.25 48.10
C GLY L 132 -1.34 39.85 47.81
N CYS L 133 -1.18 38.94 48.77
CA CYS L 133 -1.64 37.57 48.58
C CYS L 133 -3.17 37.48 48.51
N TYR L 134 -3.64 36.44 47.84
CA TYR L 134 -5.08 36.20 47.75
C TYR L 134 -5.29 34.72 47.46
N GLY L 135 -6.55 34.28 47.54
CA GLY L 135 -6.86 32.88 47.31
C GLY L 135 -7.69 32.29 48.43
N GLN L 136 -7.58 30.97 48.61
CA GLN L 136 -8.33 30.28 49.65
C GLN L 136 -7.41 29.34 50.43
N ALA L 137 -7.83 28.97 51.63
CA ALA L 137 -7.04 28.09 52.49
C ALA L 137 -7.93 26.99 53.04
N LYS L 138 -7.43 25.76 53.01
CA LYS L 138 -8.16 24.63 53.57
C LYS L 138 -7.85 24.45 55.05
N LEU L 139 -8.90 24.40 55.86
CA LEU L 139 -8.79 24.11 57.29
C LEU L 139 -9.16 22.66 57.53
N HIS L 140 -8.23 21.89 58.09
CA HIS L 140 -8.45 20.49 58.40
C HIS L 140 -8.24 20.26 59.86
N GLN L 141 -9.26 19.77 60.55
CA GLN L 141 -9.09 19.52 61.98
C GLN L 141 -8.49 18.15 62.22
N ILE L 142 -7.45 18.11 63.07
CA ILE L 142 -6.81 16.86 63.46
C ILE L 142 -7.43 16.34 64.76
N ILE L 143 -7.38 17.16 65.79
CA ILE L 143 -8.02 16.88 67.08
C ILE L 143 -8.80 18.12 67.52
N PHE L 144 -10.09 17.95 67.74
CA PHE L 144 -10.95 19.04 68.24
C PHE L 144 -10.66 19.38 69.70
N PRO L 145 -10.36 20.66 69.99
CA PRO L 145 -10.06 21.74 69.05
C PRO L 145 -8.58 22.12 69.07
N PHE L 146 -7.74 21.21 69.59
CA PHE L 146 -6.36 21.52 69.95
C PHE L 146 -5.34 21.41 68.81
N LYS L 147 -5.69 20.69 67.75
CA LYS L 147 -4.73 20.43 66.66
C LYS L 147 -5.40 20.62 65.31
N LEU L 148 -4.87 21.54 64.50
CA LEU L 148 -5.41 21.82 63.17
C LEU L 148 -4.29 21.93 62.14
N PHE L 149 -4.64 21.65 60.88
CA PHE L 149 -3.69 21.69 59.77
C PHE L 149 -4.27 22.51 58.63
N TYR L 150 -3.48 23.47 58.13
CA TYR L 150 -3.93 24.33 57.06
C TYR L 150 -3.13 24.15 55.79
N THR L 151 -3.84 24.20 54.66
CA THR L 151 -3.21 24.34 53.36
C THR L 151 -3.63 25.69 52.76
N PHE L 152 -2.70 26.65 52.74
CA PHE L 152 -2.92 27.93 52.08
C PHE L 152 -2.63 27.80 50.58
N TYR L 153 -3.60 28.11 49.75
CA TYR L 153 -3.40 28.10 48.30
C TYR L 153 -3.14 29.53 47.85
N LEU L 154 -1.88 29.94 47.99
CA LEU L 154 -1.50 31.35 47.87
C LEU L 154 -1.29 31.81 46.43
N GLN L 155 -1.99 32.88 46.07
CA GLN L 155 -1.80 33.52 44.77
C GLN L 155 -1.25 34.93 44.93
N GLY L 156 -0.56 35.41 43.90
CA GLY L 156 -0.19 36.82 43.81
C GLY L 156 1.09 37.26 44.49
N ILE L 157 1.88 36.31 44.99
CA ILE L 157 3.14 36.63 45.67
C ILE L 157 4.34 35.96 45.01
N LYS L 158 5.53 36.48 45.29
CA LYS L 158 6.76 35.90 44.77
C LYS L 158 7.01 34.52 45.39
N LYS L 159 7.90 33.76 44.77
CA LYS L 159 8.28 32.42 45.23
C LYS L 159 8.55 32.40 46.72
N LEU L 160 7.86 31.52 47.45
CA LEU L 160 8.06 31.36 48.89
C LEU L 160 9.48 30.91 49.21
N PRO L 161 10.03 31.37 50.34
CA PRO L 161 11.37 30.93 50.75
C PRO L 161 11.39 29.43 51.07
N GLU L 162 12.50 28.78 50.75
CA GLU L 162 12.68 27.34 50.95
C GLU L 162 12.35 26.90 52.38
N ALA L 163 12.66 27.76 53.34
CA ALA L 163 12.42 27.48 54.76
C ALA L 163 10.96 27.18 55.09
N LEU L 164 10.05 27.80 54.34
CA LEU L 164 8.61 27.59 54.55
C LEU L 164 8.03 26.46 53.70
N CYS L 165 8.88 25.80 52.93
CA CYS L 165 8.46 24.81 51.95
C CYS L 165 9.10 23.44 52.14
N ALA L 166 9.48 23.12 53.37
CA ALA L 166 10.06 21.81 53.70
C ALA L 166 9.01 20.70 53.57
N PRO L 167 9.44 19.46 53.29
CA PRO L 167 8.48 18.36 53.15
C PRO L 167 7.54 18.27 54.34
N CYS L 168 6.25 18.17 54.05
CA CYS L 168 5.22 18.21 55.08
C CYS L 168 5.07 16.87 55.81
N VAL L 169 4.88 16.92 57.12
CA VAL L 169 4.44 15.74 57.87
C VAL L 169 2.95 15.57 57.59
N PRO L 170 2.54 14.40 57.04
CA PRO L 170 1.12 14.15 56.81
C PRO L 170 0.33 14.22 58.12
N PRO L 171 -0.78 14.99 58.13
CA PRO L 171 -1.53 15.18 59.38
C PRO L 171 -2.18 13.89 59.90
N SER L 172 -2.02 13.65 61.20
CA SER L 172 -2.69 12.56 61.92
C SER L 172 -2.70 12.92 63.41
N PRO L 173 -3.59 12.29 64.20
CA PRO L 173 -3.73 12.68 65.61
C PRO L 173 -2.43 12.67 66.44
N SER L 174 -1.49 11.79 66.12
CA SER L 174 -0.27 11.63 66.92
C SER L 174 0.81 12.68 66.62
N VAL L 175 0.58 13.46 65.57
CA VAL L 175 1.52 14.48 65.11
C VAL L 175 1.78 15.55 66.18
N ALA L 176 3.04 15.95 66.31
CA ALA L 176 3.46 16.95 67.31
C ALA L 176 4.72 17.69 66.87
N PRO L 177 4.92 18.94 67.36
CA PRO L 177 6.13 19.70 67.04
C PRO L 177 7.38 18.98 67.54
N ALA L 178 8.50 19.14 66.82
CA ALA L 178 9.80 18.69 67.32
C ALA L 178 10.05 19.38 68.66
N ASP L 179 10.69 18.68 69.59
CA ASP L 179 10.93 19.23 70.92
C ASP L 179 11.72 20.54 70.84
N GLU L 180 12.65 20.59 69.90
CA GLU L 180 13.47 21.79 69.67
C GLU L 180 12.66 22.97 69.17
N ALA L 181 11.57 22.67 68.45
CA ALA L 181 10.62 23.69 68.02
C ALA L 181 9.73 24.13 69.17
N LYS L 182 9.26 23.18 69.97
CA LYS L 182 8.45 23.50 71.15
C LYS L 182 9.22 24.36 72.15
N GLN L 183 10.52 24.10 72.27
CA GLN L 183 11.40 24.86 73.17
C GLN L 183 11.97 26.12 72.51
N CYS L 184 11.60 26.36 71.26
CA CYS L 184 12.00 27.57 70.51
C CYS L 184 13.52 27.78 70.40
N LEU L 185 14.25 26.71 70.11
CA LEU L 185 15.71 26.77 69.97
C LEU L 185 16.11 27.51 68.68
N PRO L 186 17.21 28.28 68.73
CA PRO L 186 17.65 29.19 67.65
C PRO L 186 17.57 28.68 66.21
N ASN L 187 17.79 27.38 66.00
CA ASN L 187 17.70 26.79 64.67
C ASN L 187 16.33 26.21 64.33
N HIS L 188 15.35 26.46 65.20
CA HIS L 188 14.03 25.85 65.06
C HIS L 188 12.92 26.87 65.23
N VAL L 189 13.23 28.11 64.88
CA VAL L 189 12.26 29.21 64.91
C VAL L 189 12.38 30.07 63.66
N ALA L 190 11.26 30.66 63.25
CA ALA L 190 11.27 31.68 62.20
C ALA L 190 12.06 32.89 62.72
N PRO L 191 12.67 33.67 61.81
CA PRO L 191 13.35 34.87 62.30
C PRO L 191 12.38 35.77 63.07
N ASN L 192 12.77 36.09 64.31
CA ASN L 192 11.91 36.84 65.23
C ASN L 192 10.48 36.31 65.28
N PHE L 193 10.37 34.99 65.41
CA PHE L 193 9.08 34.29 65.44
C PHE L 193 8.10 34.97 66.39
N THR L 194 6.83 34.98 66.01
CA THR L 194 5.82 35.70 66.79
C THR L 194 5.48 34.98 68.08
N LYS L 195 5.65 35.70 69.19
CA LYS L 195 5.40 35.15 70.52
C LYS L 195 3.98 35.38 71.00
CAA 10X M . -3.27 14.75 21.35
CAH 10X M . -2.11 15.67 21.71
CAD 10X M . -1.10 14.97 22.35
CAF 10X M . 0.20 15.02 21.89
CAO 10X M . 0.52 15.75 20.74
CAT 10X M . 0.47 14.84 19.53
OAR 10X M . 1.74 14.60 18.88
CAU 10X M . 0.80 15.49 18.22
CAP 10X M . 0.07 14.88 17.03
CAG 10X M . -1.21 15.41 16.94
CAE 10X M . -1.47 16.40 16.01
CAI 10X M . -0.47 16.83 15.15
CAJ 10X M . -0.24 18.33 15.27
CAK 10X M . 0.55 18.86 14.08
CAL 10X M . 1.94 18.22 14.02
CAM 10X M . 2.13 17.46 12.71
CAN 10X M . 3.57 17.63 12.21
CAQ 10X M . 3.79 16.85 10.91
CAS 10X M . 5.05 15.98 11.02
OAC 10X M . 4.86 14.77 11.28
OAB 10X M . 6.15 16.55 10.82
O1 10Y N . 5.39 14.92 11.23
C1 10Y N . 5.22 16.13 10.95
O2 10Y N . 6.12 16.97 10.64
C2 10Y N . 3.77 16.64 10.99
C3 10Y N . 3.63 17.64 12.14
C4 10Y N . 2.22 17.52 12.74
C5 10Y N . 2.06 18.60 13.81
C6 10Y N . 0.58 18.87 14.05
C7 10Y N . 0.10 18.13 15.28
C8 10Y N . -0.34 16.71 14.89
C9 10Y N . -1.46 16.23 15.81
C10 10Y N . -1.16 15.90 17.09
C11 10Y N . 0.26 16.08 17.60
C12 10Y N . 0.76 14.73 18.11
O3 10Y N . 2.04 14.80 18.78
C13 10Y N . 0.88 14.62 19.60
C14 10Y N . 0.48 15.84 20.43
C15 10Y N . 0.23 15.35 21.85
C16 10Y N . -1.05 15.28 22.32
C17 10Y N . -2.19 15.81 21.45
C18 10Y N . -3.29 14.75 21.35
P PO4 O . -0.47 -1.48 31.63
O1 PO4 O . -0.81 -1.48 33.10
O2 PO4 O . -0.14 -2.87 31.13
O3 PO4 O . 0.64 -0.47 31.34
O4 PO4 O . -1.62 -0.90 30.80
P PO4 P . 13.27 5.84 25.73
O1 PO4 P . 13.79 4.78 26.68
O2 PO4 P . 13.77 7.20 26.16
O3 PO4 P . 13.74 5.52 24.33
O4 PO4 P . 11.75 5.82 25.75
O1 HEZ Q . 0.59 -8.16 12.48
C1 HEZ Q . -0.19 -7.34 13.37
C2 HEZ Q . -0.84 -8.26 14.40
C3 HEZ Q . -1.92 -7.62 15.26
C4 HEZ Q . -2.97 -8.73 15.48
C5 HEZ Q . -4.42 -8.32 15.74
C6 HEZ Q . -4.88 -8.10 17.17
O6 HEZ Q . -4.94 -9.32 17.90
P PO4 R . -24.38 -4.14 21.50
O1 PO4 R . -25.02 -4.35 22.86
O2 PO4 R . -23.82 -5.43 20.93
O3 PO4 R . -23.15 -3.22 21.65
O4 PO4 R . -25.37 -3.49 20.55
P PO4 S . -18.32 -15.99 10.98
O1 PO4 S . -18.89 -15.59 12.36
O2 PO4 S . -18.14 -17.49 10.85
O3 PO4 S . -16.96 -15.35 10.81
O4 PO4 S . -19.31 -15.56 9.93
P PO4 T . -14.65 19.71 25.81
O1 PO4 T . -15.39 19.89 27.12
O2 PO4 T . -13.34 20.48 25.82
O3 PO4 T . -14.32 18.24 25.60
O4 PO4 T . -15.52 20.09 24.63
O1 HEZ U . -19.92 5.53 3.25
C1 HEZ U . -20.63 5.52 4.50
C2 HEZ U . -19.70 5.15 5.66
C3 HEZ U . -20.33 5.64 6.96
C4 HEZ U . -19.59 5.11 8.19
C5 HEZ U . -19.56 6.16 9.32
C6 HEZ U . -20.88 6.25 10.06
O6 HEZ U . -20.76 7.13 11.19
CAA 10X V . 7.86 -16.63 -21.75
CAH 10X V . 7.02 -17.89 -21.92
CAD 10X V . 7.44 -18.90 -21.05
CAF 10X V . 6.58 -19.48 -20.12
CAO 10X V . 5.26 -19.07 -19.96
CAT 10X V . 5.18 -18.02 -18.84
OAR 10X V . 4.22 -18.29 -17.78
CAU 10X V . 3.88 -17.30 -18.77
CAP 10X V . 4.02 -15.84 -18.32
CAG 10X V . 3.98 -14.98 -19.41
CAE 10X V . 2.80 -14.71 -20.12
CAI 10X V . 1.59 -15.33 -19.83
CAJ 10X V . 0.62 -14.35 -19.18
CAK 10X V . -0.82 -14.78 -19.48
CAL 10X V . -1.41 -15.56 -18.30
CAM 10X V . -1.87 -14.59 -17.20
CAN 10X V . -2.93 -15.25 -16.32
CAQ 10X V . -3.12 -14.46 -15.03
CAS 10X V . -2.68 -15.26 -13.80
OAC 10X V . -1.84 -14.72 -13.04
OAB 10X V . -3.18 -16.39 -13.63
P PO4 W . 24.05 -21.39 -12.13
O1 PO4 W . 24.59 -20.89 -10.78
O2 PO4 W . 25.07 -22.23 -12.87
O3 PO4 W . 23.69 -20.20 -12.99
O4 PO4 W . 22.71 -22.13 -11.96
P PO4 X . 9.88 -28.49 -6.59
O1 PO4 X . 10.55 -28.59 -5.24
O2 PO4 X . 9.88 -29.86 -7.25
O3 PO4 X . 10.57 -27.45 -7.43
O4 PO4 X . 8.46 -28.03 -6.36
O1 HEZ Y . 15.55 -34.51 -33.18
C1 HEZ Y . 14.39 -35.00 -33.87
C2 HEZ Y . 13.15 -34.14 -33.58
C3 HEZ Y . 12.59 -34.33 -32.17
C4 HEZ Y . 11.25 -33.61 -31.98
C5 HEZ Y . 11.36 -32.12 -32.27
C6 HEZ Y . 10.01 -31.41 -32.40
O6 HEZ Y . 10.24 -30.06 -32.84
O1 HEZ Z . 22.34 -6.75 -4.87
C1 HEZ Z . 21.06 -6.61 -5.51
C2 HEZ Z . 20.08 -5.83 -4.64
C3 HEZ Z . 19.72 -6.49 -3.31
C4 HEZ Z . 18.40 -7.27 -3.30
C5 HEZ Z . 17.84 -7.22 -1.88
C6 HEZ Z . 16.30 -7.28 -1.81
O6 HEZ Z . 15.89 -6.95 -0.47
P PO4 AA . 28.98 2.27 -21.99
O1 PO4 AA . 29.21 2.67 -20.54
O2 PO4 AA . 27.98 1.13 -21.91
O3 PO4 AA . 30.26 1.82 -22.65
O4 PO4 AA . 28.37 3.41 -22.79
P PO4 BA . 27.59 8.80 -6.49
O1 PO4 BA . 28.45 9.27 -5.34
O2 PO4 BA . 26.92 10.02 -7.10
O3 PO4 BA . 26.56 7.83 -5.96
O4 PO4 BA . 28.43 8.09 -7.55
O1 HEZ CA . 15.79 -13.25 -44.62
C1 HEZ CA . 14.60 -12.76 -45.28
C2 HEZ CA . 13.53 -13.83 -45.26
C3 HEZ CA . 12.35 -13.40 -46.13
C4 HEZ CA . 11.15 -14.30 -45.91
C5 HEZ CA . 9.94 -13.76 -46.67
C6 HEZ CA . 8.67 -14.37 -46.12
O6 HEZ CA . 8.43 -15.64 -46.75
P PO4 DA . 12.11 -13.63 -34.00
O1 PO4 DA . 12.82 -13.29 -32.69
O2 PO4 DA . 11.45 -12.33 -34.46
O3 PO4 DA . 13.11 -14.11 -35.04
O4 PO4 DA . 11.09 -14.71 -33.74
P PO4 EA . 1.94 -0.84 -37.24
O1 PO4 EA . 1.19 -0.04 -36.19
O2 PO4 EA . 1.05 -1.95 -37.76
O3 PO4 EA . 3.17 -1.42 -36.58
O4 PO4 EA . 2.33 0.05 -38.38
O1 HEZ FA . 11.08 5.22 -25.20
C1 HEZ FA . 12.13 5.61 -24.30
C2 HEZ FA . 11.76 5.17 -22.87
C3 HEZ FA . 12.68 5.77 -21.80
C4 HEZ FA . 12.46 7.27 -21.56
C5 HEZ FA . 11.22 7.56 -20.71
C6 HEZ FA . 10.86 9.05 -20.78
O6 HEZ FA . 9.56 9.26 -20.23
O1 HEZ GA . 11.33 12.30 -17.60
C1 HEZ GA . 10.54 11.11 -17.60
C2 HEZ GA . 9.05 11.44 -17.43
C3 HEZ GA . 8.64 11.51 -15.95
C4 HEZ GA . 7.23 10.93 -15.88
C5 HEZ GA . 6.23 11.78 -15.09
C6 HEZ GA . 4.81 11.43 -15.55
O6 HEZ GA . 4.81 11.17 -16.99
P PO4 HA . 0.04 -47.95 -51.76
O1 PO4 HA . -0.94 -47.58 -50.67
O2 PO4 HA . -0.55 -48.94 -52.75
O3 PO4 HA . 1.33 -48.46 -51.15
O4 PO4 HA . 0.48 -46.72 -52.54
P PO4 IA . 14.73 -55.44 -49.04
O1 PO4 IA . 15.46 -56.10 -47.90
O2 PO4 IA . 13.55 -54.67 -48.50
O3 PO4 IA . 15.64 -54.49 -49.81
O4 PO4 IA . 14.24 -56.53 -49.97
O1 10Y JA . 26.13 -44.30 -58.29
C1 10Y JA . 26.66 -43.59 -57.39
O2 10Y JA . 26.88 -43.96 -56.22
C2 10Y JA . 27.08 -42.17 -57.78
C3 10Y JA . 25.99 -41.20 -57.34
C4 10Y JA . 26.56 -40.25 -56.29
C5 10Y JA . 25.54 -40.05 -55.17
C6 10Y JA . 24.25 -39.46 -55.76
C7 10Y JA . 23.95 -38.15 -55.02
C8 10Y JA . 22.52 -38.18 -54.47
C9 10Y JA . 21.54 -38.27 -55.64
C10 10Y JA . 20.26 -38.64 -55.39
C11 10Y JA . 19.86 -39.03 -53.97
C12 10Y JA . 19.67 -40.55 -53.92
O3 10Y JA . 20.54 -41.27 -53.02
C13 10Y JA . 19.19 -41.05 -52.58
C14 10Y JA . 19.03 -39.98 -51.51
C15 10Y JA . 17.61 -40.05 -50.93
C16 10Y JA . 16.83 -38.95 -50.99
C17 10Y JA . 17.39 -37.65 -51.57
C18 10Y JA . 16.32 -37.01 -52.46
P PO4 KA . -5.39 -29.43 -69.40
O1 PO4 KA . -4.42 -29.92 -68.35
O2 PO4 KA . -6.62 -28.91 -68.68
O3 PO4 KA . -4.74 -28.35 -70.24
O4 PO4 KA . -5.76 -30.64 -70.21
P PO4 LA . -5.69 -41.11 -81.53
O1 PO4 LA . -5.23 -40.72 -80.14
O2 PO4 LA . -5.96 -39.86 -82.33
O3 PO4 LA . -6.93 -41.97 -81.44
O4 PO4 LA . -4.58 -41.91 -82.20
O1 HEZ MA . 6.60 -53.51 -70.64
C1 HEZ MA . 5.97 -53.49 -69.35
C2 HEZ MA . 6.48 -52.31 -68.52
C3 HEZ MA . 5.75 -51.02 -68.86
C4 HEZ MA . 5.48 -50.21 -67.59
C5 HEZ MA . 4.71 -48.93 -67.91
C6 HEZ MA . 3.27 -49.24 -68.30
O6 HEZ MA . 2.54 -48.03 -68.48
O1 HEZ NA . 13.14 -28.81 -77.22
C1 HEZ NA . 12.66 -29.09 -75.89
C2 HEZ NA . 11.79 -27.93 -75.41
C3 HEZ NA . 11.41 -28.04 -73.94
C4 HEZ NA . 11.67 -26.68 -73.28
C5 HEZ NA . 11.98 -26.81 -71.78
C6 HEZ NA . 10.77 -26.52 -70.90
O6 HEZ NA . 10.33 -25.17 -71.05
P PO4 OA . 12.23 -24.91 -50.66
O1 PO4 OA . 11.24 -24.16 -49.80
O2 PO4 OA . 13.28 -25.59 -49.80
O3 PO4 OA . 12.86 -23.97 -51.70
O4 PO4 OA . 11.48 -25.97 -51.44
P PO4 PA . 22.08 -17.72 -62.11
O1 PO4 PA . 20.93 -17.93 -61.13
O2 PO4 PA . 23.40 -18.06 -61.45
O3 PO4 PA . 22.10 -16.26 -62.55
O4 PO4 PA . 21.85 -18.63 -63.31
P PO4 QA . -18.84 52.98 50.99
O1 PO4 QA . -18.38 54.05 51.98
O2 PO4 QA . -18.18 51.71 51.54
O3 PO4 QA . -18.28 53.24 49.61
O4 PO4 QA . -20.35 52.73 50.98
P PO4 RA . -18.61 63.81 64.09
O1 PO4 RA . -18.26 62.85 65.20
O2 PO4 RA . -18.10 65.18 64.49
O3 PO4 RA . -20.11 63.86 63.90
O4 PO4 RA . -17.97 63.37 62.80
CAA 10X SA . -5.30 51.12 66.80
CAH 10X SA . -6.39 51.10 65.74
CAD 10X SA . -6.81 52.40 65.47
CAF 10X SA . -7.04 53.38 66.44
CAO 10X SA . -6.90 53.15 67.81
CAT 10X SA . -8.16 52.48 68.31
OAR 10X SA . -8.90 53.22 69.32
CAU 10X SA . -8.12 52.08 69.75
CAP 10X SA . -8.90 50.80 70.04
CAG 10X SA . -8.06 49.73 70.33
CAE 10X SA . -7.14 49.71 71.38
CAI 10X SA . -6.95 50.81 72.21
CAJ 10X SA . -7.18 50.46 73.67
CAK 10X SA . -6.88 51.68 74.55
CAL 10X SA . -7.15 51.39 76.02
CAM 10X SA . -8.65 51.34 76.32
CAN 10X SA . -8.96 51.32 77.82
CAQ 10X SA . -7.76 50.91 78.69
CAS 10X SA . -8.02 49.65 79.51
OAC 10X SA . -7.04 49.00 79.92
OAB 10X SA . -9.22 49.36 79.74
O1 HEZ TA . -28.54 42.13 58.71
C1 HEZ TA . -27.59 42.13 59.79
C2 HEZ TA . -28.26 41.96 61.15
C3 HEZ TA . -29.30 43.04 61.47
C4 HEZ TA . -28.84 44.04 62.53
C5 HEZ TA . -30.05 44.29 63.43
C6 HEZ TA . -29.74 45.12 64.68
O6 HEZ TA . -30.94 45.22 65.44
P PO4 UA . -16.51 26.99 52.07
O1 PO4 UA . -15.89 25.88 52.87
O2 PO4 UA . -16.01 28.33 52.60
O3 PO4 UA . -16.12 26.86 50.62
O4 PO4 UA . -18.02 26.97 52.22
P PO4 VA . -32.11 25.89 58.34
O1 PO4 VA . -31.59 24.74 59.16
O2 PO4 VA . -32.11 27.17 59.15
O3 PO4 VA . -31.24 26.13 57.11
O4 PO4 VA . -33.53 25.58 57.91
P PO4 WA . 3.00 42.13 60.40
O1 PO4 WA . 3.29 40.94 61.32
O2 PO4 WA . 1.52 42.05 60.08
O3 PO4 WA . 3.32 43.43 61.09
O4 PO4 WA . 3.79 42.01 59.11
P PO4 XA . 5.80 31.93 73.30
O1 PO4 XA . 5.20 31.34 74.56
O2 PO4 XA . 6.68 30.89 72.64
O3 PO4 XA . 6.65 33.13 73.68
O4 PO4 XA . 4.69 32.34 72.36
#